data_4I1O
#
_entry.id   4I1O
#
_cell.length_a   124.410
_cell.length_b   124.410
_cell.length_c   147.470
_cell.angle_alpha   90.00
_cell.angle_beta   90.00
_cell.angle_gamma   120.00
#
_symmetry.space_group_name_H-M   'P 31'
#
loop_
_entity.id
_entity.type
_entity.pdbx_description
1 polymer 'Ras-related protein Rab-1B'
2 polymer LepB
3 non-polymer 'MAGNESIUM ION'
4 non-polymer "GUANOSINE-5'-DIPHOSPHATE"
5 non-polymer 'BERYLLIUM TRIFLUORIDE ION'
6 non-polymer DI(HYDROXYETHYL)ETHER
7 water water
#
loop_
_entity_poly.entity_id
_entity_poly.type
_entity_poly.pdbx_seq_one_letter_code
_entity_poly.pdbx_strand_id
1 'polypeptide(L)'
;GHMPEYDYLFKLLLIGDSGVGKSCLLLRFADDTYTESYISTIGVDFKIRTIELDGKTIKLQIWDTAGQERFRTITSSYYR
GAHGIIVVYDVTDQESYANVKQWLQEIDRYASENVNKLLVGNKSDLTTKKVVDNTTAKEFADSLGIPFLETSAKNATNVE
QAFMTMAAEIKKRMGLEVLFQ
;
A,C,E,G
2 'polypeptide(L)'
;EELYQSILELKPLTLLMTSSTSFSETINQWADILKTTDMEKFSFDSNPINLLELVKQFNLYVDELAITCEANNVWAKERI
DSTPNLFALYDNSGGEAIHGHAFVPYYKESIVLRRLFTVDPNTFNLSRFAAFEGPCQLYCAAHADSAWVKIQTLLTLGNG
IINTLKIIKQAQAFGIDEAVTENLKALKEQFIAFQLAEADIKESLKAPSFAEPLPNKESEFFYPIDEKALAKMNGYQLAT
ICLEELNSPKPSPLIERILSNKKFWKRINSAFESGVFKGRTDDPAGKIAKIREWHQLLQISG
;
B,D,F,H
#
# COMPACT_ATOMS: atom_id res chain seq x y z
N GLU A 5 -7.04 21.67 67.54
CA GLU A 5 -8.13 20.77 67.85
C GLU A 5 -9.26 20.99 66.88
N TYR A 6 -10.05 19.96 66.65
CA TYR A 6 -11.12 20.07 65.67
C TYR A 6 -12.27 19.20 66.06
N ASP A 7 -13.44 19.49 65.50
CA ASP A 7 -14.61 18.68 65.77
C ASP A 7 -14.77 17.59 64.75
N TYR A 8 -14.39 17.87 63.51
CA TYR A 8 -14.55 16.94 62.41
C TYR A 8 -13.31 16.81 61.58
N LEU A 9 -13.07 15.62 61.04
CA LEU A 9 -11.97 15.39 60.13
C LEU A 9 -12.45 14.76 58.85
N PHE A 10 -12.57 15.58 57.81
CA PHE A 10 -13.03 15.10 56.52
C PHE A 10 -11.91 14.95 55.52
N LYS A 11 -11.96 13.85 54.78
CA LYS A 11 -10.95 13.56 53.77
C LYS A 11 -11.54 13.73 52.39
N LEU A 12 -10.96 14.65 51.64
CA LEU A 12 -11.47 14.95 50.31
C LEU A 12 -10.50 14.53 49.21
N LEU A 13 -11.04 14.27 48.04
CA LEU A 13 -10.22 13.87 46.91
C LEU A 13 -10.67 14.62 45.67
N LEU A 14 -9.72 15.18 44.95
CA LEU A 14 -10.02 15.83 43.68
C LEU A 14 -9.65 14.92 42.53
N ILE A 15 -10.56 14.76 41.58
CA ILE A 15 -10.27 13.97 40.40
C ILE A 15 -10.75 14.62 39.11
N GLY A 16 -10.21 14.17 38.00
CA GLY A 16 -10.53 14.73 36.72
C GLY A 16 -9.39 14.66 35.73
N ASP A 17 -9.70 14.95 34.49
CA ASP A 17 -8.71 14.88 33.42
C ASP A 17 -7.49 15.71 33.73
N SER A 18 -6.39 15.36 33.08
CA SER A 18 -5.13 16.04 33.26
C SER A 18 -5.25 17.50 32.81
N GLY A 19 -4.78 18.40 33.66
CA GLY A 19 -4.69 19.80 33.31
C GLY A 19 -5.97 20.60 33.40
N VAL A 20 -6.92 20.13 34.18
CA VAL A 20 -8.19 20.85 34.28
C VAL A 20 -8.15 21.86 35.40
N GLY A 21 -7.22 21.68 36.32
CA GLY A 21 -6.98 22.70 37.31
C GLY A 21 -7.11 22.23 38.73
N LYS A 22 -7.04 20.92 38.92
CA LYS A 22 -7.13 20.36 40.26
C LYS A 22 -6.10 20.94 41.21
N SER A 23 -4.84 20.81 40.87
CA SER A 23 -3.77 21.30 41.73
C SER A 23 -3.91 22.80 41.92
N CYS A 24 -4.20 23.51 40.84
CA CYS A 24 -4.37 24.94 40.92
C CYS A 24 -5.52 25.29 41.85
N LEU A 25 -6.52 24.43 41.92
CA LEU A 25 -7.65 24.63 42.81
C LEU A 25 -7.29 24.46 44.28
N LEU A 26 -6.58 23.38 44.55
CA LEU A 26 -6.17 23.05 45.90
C LEU A 26 -5.18 24.08 46.46
N LEU A 27 -4.33 24.60 45.60
CA LEU A 27 -3.35 25.56 46.05
C LEU A 27 -4.05 26.84 46.43
N ARG A 28 -5.06 27.18 45.65
CA ARG A 28 -5.80 28.39 45.89
C ARG A 28 -6.54 28.32 47.20
N PHE A 29 -7.03 27.13 47.52
CA PHE A 29 -7.79 26.94 48.75
C PHE A 29 -6.90 26.94 49.97
N ALA A 30 -5.77 26.27 49.87
CA ALA A 30 -4.86 26.16 51.00
C ALA A 30 -3.93 27.33 51.17
N ASP A 31 -3.40 27.85 50.07
CA ASP A 31 -2.39 28.88 50.19
C ASP A 31 -2.81 30.23 49.65
N ASP A 32 -3.97 30.28 49.02
CA ASP A 32 -4.47 31.53 48.46
C ASP A 32 -3.55 32.08 47.40
N THR A 33 -2.76 31.20 46.79
CA THR A 33 -1.84 31.59 45.75
C THR A 33 -2.20 30.91 44.45
N TYR A 34 -1.62 31.40 43.37
CA TYR A 34 -1.81 30.80 42.06
C TYR A 34 -0.55 30.93 41.23
N THR A 35 0.02 29.82 40.82
CA THR A 35 1.19 29.87 39.97
C THR A 35 0.83 29.47 38.56
N GLU A 36 1.51 30.06 37.60
CA GLU A 36 1.20 29.82 36.21
C GLU A 36 2.11 28.74 35.63
N SER A 37 3.02 28.24 36.45
CA SER A 37 3.98 27.25 36.03
C SER A 37 3.34 25.97 35.56
N TYR A 38 3.80 25.45 34.43
CA TYR A 38 3.24 24.24 33.85
C TYR A 38 3.84 23.02 34.50
N ILE A 39 3.34 22.69 35.67
CA ILE A 39 3.79 21.52 36.39
C ILE A 39 2.67 20.52 36.42
N SER A 40 3.01 19.24 36.28
CA SER A 40 2.02 18.19 36.36
C SER A 40 2.27 17.26 37.52
N THR A 41 1.21 16.97 38.24
CA THR A 41 1.24 16.17 39.45
C THR A 41 1.55 14.71 39.18
N ILE A 42 2.50 14.16 39.92
CA ILE A 42 2.76 12.74 39.88
C ILE A 42 2.01 12.05 41.01
N GLY A 43 1.26 11.01 40.67
CA GLY A 43 0.53 10.26 41.67
C GLY A 43 -0.48 11.06 42.47
N VAL A 44 -0.18 11.31 43.73
CA VAL A 44 -1.08 12.07 44.57
C VAL A 44 -0.32 13.01 45.47
N ASP A 45 -1.00 14.07 45.85
CA ASP A 45 -0.47 15.01 46.79
C ASP A 45 -1.60 15.35 47.75
N PHE A 46 -1.30 16.14 48.78
CA PHE A 46 -2.32 16.50 49.74
C PHE A 46 -1.98 17.77 50.48
N LYS A 47 -2.99 18.60 50.71
CA LYS A 47 -2.84 19.76 51.56
C LYS A 47 -3.88 19.70 52.65
N ILE A 48 -3.75 20.58 53.64
CA ILE A 48 -4.65 20.56 54.78
C ILE A 48 -5.10 21.94 55.16
N ARG A 49 -6.41 22.13 55.29
CA ARG A 49 -6.91 23.40 55.76
C ARG A 49 -8.12 23.25 56.65
N THR A 50 -8.12 24.03 57.73
CA THR A 50 -9.17 23.94 58.73
C THR A 50 -10.18 25.05 58.55
N ILE A 51 -11.44 24.66 58.47
CA ILE A 51 -12.50 25.64 58.36
C ILE A 51 -13.48 25.42 59.47
N GLU A 52 -14.38 26.37 59.64
CA GLU A 52 -15.42 26.22 60.61
C GLU A 52 -16.76 26.46 59.96
N LEU A 53 -17.60 25.42 59.96
CA LEU A 53 -18.94 25.55 59.44
C LEU A 53 -19.95 25.32 60.56
N ASP A 54 -20.84 26.28 60.73
CA ASP A 54 -21.89 26.17 61.73
C ASP A 54 -21.29 26.03 63.11
N GLY A 55 -20.31 26.88 63.41
CA GLY A 55 -19.69 26.87 64.72
C GLY A 55 -18.84 25.65 64.99
N LYS A 56 -18.99 24.64 64.14
CA LYS A 56 -18.17 23.44 64.27
C LYS A 56 -16.90 23.57 63.46
N THR A 57 -15.79 23.15 64.06
CA THR A 57 -14.49 23.26 63.46
C THR A 57 -14.13 21.99 62.70
N ILE A 58 -13.94 22.13 61.39
CA ILE A 58 -13.76 20.99 60.52
C ILE A 58 -12.39 20.95 59.88
N LYS A 59 -11.70 19.84 60.04
CA LYS A 59 -10.37 19.68 59.45
C LYS A 59 -10.48 19.05 58.08
N LEU A 60 -9.92 19.70 57.07
CA LEU A 60 -9.98 19.18 55.73
C LEU A 60 -8.65 18.58 55.30
N GLN A 61 -8.67 17.30 54.99
CA GLN A 61 -7.48 16.63 54.51
C GLN A 61 -7.71 16.32 53.03
N ILE A 62 -7.16 17.17 52.17
CA ILE A 62 -7.48 17.10 50.75
C ILE A 62 -6.35 16.58 49.89
N TRP A 63 -6.68 15.59 49.07
CA TRP A 63 -5.70 14.94 48.21
C TRP A 63 -5.92 15.22 46.74
N ASP A 64 -4.88 15.72 46.10
CA ASP A 64 -4.90 15.91 44.66
C ASP A 64 -4.49 14.63 44.00
N THR A 65 -5.12 14.29 42.89
CA THR A 65 -4.69 13.15 42.11
C THR A 65 -4.26 13.56 40.73
N ALA A 66 -3.58 12.64 40.06
CA ALA A 66 -3.09 12.83 38.72
C ALA A 66 -4.10 12.26 37.78
N GLY A 67 -4.38 12.99 36.72
CA GLY A 67 -5.39 12.62 35.76
C GLY A 67 -5.01 11.59 34.74
N GLN A 68 -3.72 11.37 34.55
CA GLN A 68 -3.26 10.46 33.50
C GLN A 68 -3.51 9.01 33.83
N GLU A 69 -4.01 8.27 32.86
CA GLU A 69 -4.32 6.86 33.05
C GLU A 69 -3.14 6.07 33.58
N ARG A 70 -1.93 6.51 33.26
CA ARG A 70 -0.75 5.77 33.65
C ARG A 70 -0.51 5.84 35.14
N PHE A 71 -1.31 6.65 35.83
CA PHE A 71 -1.18 6.77 37.27
C PHE A 71 -2.37 6.23 38.01
N ARG A 72 -3.34 5.68 37.28
CA ARG A 72 -4.61 5.32 37.88
C ARG A 72 -4.44 4.33 39.01
N THR A 73 -3.58 3.35 38.80
CA THR A 73 -3.36 2.32 39.79
C THR A 73 -2.99 2.90 41.12
N ILE A 74 -2.34 4.04 41.10
CA ILE A 74 -1.86 4.63 42.34
C ILE A 74 -2.92 5.50 42.96
N THR A 75 -3.60 6.28 42.14
CA THR A 75 -4.61 7.20 42.63
C THR A 75 -5.83 6.45 43.12
N SER A 76 -6.28 5.50 42.33
CA SER A 76 -7.50 4.77 42.68
C SER A 76 -7.48 4.27 44.10
N SER A 77 -6.29 3.96 44.59
CA SER A 77 -6.17 3.36 45.89
C SER A 77 -6.51 4.37 46.97
N TYR A 78 -6.90 5.56 46.56
CA TYR A 78 -7.19 6.60 47.53
C TYR A 78 -8.68 6.93 47.60
N TYR A 79 -9.47 6.28 46.77
CA TYR A 79 -10.88 6.60 46.74
C TYR A 79 -11.62 6.10 47.96
N ARG A 80 -11.56 4.80 48.20
CA ARG A 80 -12.42 4.16 49.20
C ARG A 80 -12.42 4.86 50.54
N GLY A 81 -11.33 5.53 50.87
CA GLY A 81 -11.18 6.11 52.18
C GLY A 81 -11.57 7.57 52.22
N ALA A 82 -12.40 7.97 51.27
CA ALA A 82 -12.73 9.37 51.13
C ALA A 82 -14.15 9.64 51.56
N HIS A 83 -14.37 10.80 52.14
CA HIS A 83 -15.69 11.23 52.51
C HIS A 83 -16.34 11.87 51.31
N GLY A 84 -15.58 12.72 50.63
CA GLY A 84 -16.09 13.45 49.50
C GLY A 84 -15.10 13.54 48.38
N ILE A 85 -15.61 13.50 47.17
CA ILE A 85 -14.78 13.54 45.99
C ILE A 85 -15.29 14.53 44.98
N ILE A 86 -14.47 15.53 44.70
CA ILE A 86 -14.78 16.58 43.77
C ILE A 86 -14.28 16.22 42.40
N VAL A 87 -15.19 16.12 41.46
CA VAL A 87 -14.83 15.84 40.08
C VAL A 87 -14.72 17.15 39.33
N VAL A 88 -13.63 17.32 38.59
CA VAL A 88 -13.37 18.60 37.98
C VAL A 88 -13.22 18.50 36.48
N TYR A 89 -13.80 19.46 35.77
CA TYR A 89 -13.60 19.54 34.35
C TYR A 89 -13.24 20.95 33.94
N ASP A 90 -12.86 21.12 32.68
CA ASP A 90 -12.42 22.41 32.17
C ASP A 90 -13.48 22.97 31.25
N VAL A 91 -14.03 24.12 31.60
CA VAL A 91 -15.15 24.65 30.84
C VAL A 91 -14.75 25.04 29.43
N THR A 92 -13.48 24.84 29.11
CA THR A 92 -12.98 25.15 27.79
C THR A 92 -12.59 23.87 27.11
N ASP A 93 -12.85 22.76 27.78
CA ASP A 93 -12.45 21.47 27.27
C ASP A 93 -13.63 20.54 27.24
N GLN A 94 -14.16 20.30 26.06
CA GLN A 94 -15.35 19.48 25.93
C GLN A 94 -15.09 18.04 26.30
N GLU A 95 -13.93 17.52 25.95
CA GLU A 95 -13.62 16.13 26.23
C GLU A 95 -13.51 15.86 27.71
N SER A 96 -13.08 16.85 28.47
CA SER A 96 -12.93 16.67 29.89
C SER A 96 -14.28 16.62 30.56
N TYR A 97 -15.26 17.23 29.92
CA TYR A 97 -16.62 17.20 30.43
C TYR A 97 -17.24 15.87 30.07
N ALA A 98 -16.88 15.36 28.91
CA ALA A 98 -17.43 14.10 28.48
C ALA A 98 -16.83 12.98 29.28
N ASN A 99 -15.69 13.24 29.91
CA ASN A 99 -15.01 12.20 30.65
C ASN A 99 -15.56 12.08 32.03
N VAL A 100 -16.37 13.04 32.42
CA VAL A 100 -16.92 13.07 33.75
C VAL A 100 -17.74 11.82 34.01
N LYS A 101 -18.38 11.32 32.96
CA LYS A 101 -19.15 10.10 33.05
C LYS A 101 -18.27 8.95 33.46
N GLN A 102 -17.09 8.89 32.87
CA GLN A 102 -16.17 7.82 33.14
C GLN A 102 -15.56 8.01 34.50
N TRP A 103 -15.34 9.26 34.87
CA TRP A 103 -14.76 9.54 36.17
C TRP A 103 -15.71 9.13 37.28
N LEU A 104 -16.99 9.32 37.04
CA LEU A 104 -18.01 8.92 37.99
C LEU A 104 -18.07 7.41 38.09
N GLN A 105 -17.72 6.75 37.00
CA GLN A 105 -17.63 5.30 37.02
C GLN A 105 -16.54 4.85 37.93
N GLU A 106 -15.41 5.53 37.89
CA GLU A 106 -14.27 5.13 38.71
C GLU A 106 -14.61 5.30 40.17
N ILE A 107 -15.59 6.16 40.45
CA ILE A 107 -15.99 6.35 41.82
C ILE A 107 -16.80 5.15 42.29
N ASP A 108 -17.71 4.70 41.44
CA ASP A 108 -18.54 3.56 41.80
C ASP A 108 -17.68 2.34 42.01
N ARG A 109 -16.45 2.41 41.54
CA ARG A 109 -15.63 1.22 41.49
C ARG A 109 -14.61 1.14 42.61
N TYR A 110 -14.10 2.27 43.04
CA TYR A 110 -13.09 2.26 44.07
C TYR A 110 -13.58 2.93 45.32
N ALA A 111 -14.60 3.75 45.18
CA ALA A 111 -15.05 4.57 46.29
C ALA A 111 -16.14 3.91 47.13
N SER A 112 -16.27 4.40 48.36
CA SER A 112 -17.26 3.87 49.28
C SER A 112 -18.66 4.13 48.76
N GLU A 113 -19.60 3.29 49.16
CA GLU A 113 -20.93 3.34 48.56
C GLU A 113 -21.57 4.71 48.70
N ASN A 114 -21.43 5.30 49.88
CA ASN A 114 -22.12 6.54 50.17
C ASN A 114 -21.21 7.73 50.31
N VAL A 115 -20.30 7.87 49.37
CA VAL A 115 -19.37 8.97 49.35
C VAL A 115 -20.02 10.16 48.71
N ASN A 116 -19.71 11.33 49.22
CA ASN A 116 -20.24 12.57 48.69
C ASN A 116 -19.52 13.03 47.45
N LYS A 117 -20.29 13.47 46.47
CA LYS A 117 -19.71 13.93 45.22
C LYS A 117 -19.96 15.41 45.01
N LEU A 118 -19.28 15.96 44.01
CA LEU A 118 -19.42 17.37 43.69
C LEU A 118 -18.79 17.70 42.34
N LEU A 119 -19.60 18.23 41.44
CA LEU A 119 -19.16 18.55 40.09
C LEU A 119 -18.69 19.99 39.97
N VAL A 120 -17.52 20.17 39.36
CA VAL A 120 -16.92 21.49 39.23
C VAL A 120 -16.41 21.73 37.83
N GLY A 121 -16.73 22.91 37.30
CA GLY A 121 -16.18 23.35 36.05
C GLY A 121 -15.23 24.49 36.36
N ASN A 122 -13.98 24.34 35.96
CA ASN A 122 -12.99 25.34 36.30
C ASN A 122 -12.65 26.20 35.12
N LYS A 123 -11.91 27.27 35.37
CA LYS A 123 -11.44 28.18 34.32
C LYS A 123 -12.57 28.98 33.75
N SER A 124 -13.43 29.48 34.62
CA SER A 124 -14.61 30.18 34.18
C SER A 124 -14.26 31.58 33.76
N ASP A 125 -13.03 31.97 34.05
CA ASP A 125 -12.57 33.31 33.73
C ASP A 125 -12.28 33.40 32.26
N LEU A 126 -12.20 32.26 31.61
CA LEU A 126 -11.91 32.24 30.20
C LEU A 126 -13.19 32.29 29.42
N THR A 127 -13.83 33.43 29.50
CA THR A 127 -15.13 33.65 28.92
C THR A 127 -15.18 33.35 27.44
N THR A 128 -14.11 33.72 26.74
CA THR A 128 -14.09 33.63 25.28
C THR A 128 -14.09 32.20 24.80
N LYS A 129 -13.40 31.33 25.52
CA LYS A 129 -13.19 29.98 25.04
C LYS A 129 -14.14 28.96 25.67
N LYS A 130 -14.94 29.41 26.63
CA LYS A 130 -15.86 28.53 27.32
C LYS A 130 -16.70 27.76 26.32
N VAL A 131 -16.89 26.48 26.58
CA VAL A 131 -17.51 25.62 25.60
C VAL A 131 -18.50 24.67 26.23
N VAL A 132 -18.57 24.69 27.55
CA VAL A 132 -19.53 23.86 28.24
C VAL A 132 -20.51 24.76 28.94
N ASP A 133 -21.76 24.71 28.50
CA ASP A 133 -22.77 25.58 29.04
C ASP A 133 -23.11 25.22 30.46
N ASN A 134 -23.02 26.18 31.36
CA ASN A 134 -23.40 25.96 32.73
C ASN A 134 -24.72 25.22 32.81
N THR A 135 -25.75 25.79 32.20
CA THR A 135 -27.08 25.22 32.22
C THR A 135 -27.06 23.74 31.91
N THR A 136 -26.35 23.36 30.86
CA THR A 136 -26.31 21.96 30.46
C THR A 136 -25.72 21.12 31.56
N ALA A 137 -24.93 21.75 32.42
CA ALA A 137 -24.18 21.05 33.42
C ALA A 137 -24.93 20.93 34.73
N LYS A 138 -25.71 21.95 35.06
CA LYS A 138 -26.51 21.90 36.27
C LYS A 138 -27.53 20.81 36.10
N GLU A 139 -27.96 20.59 34.87
CA GLU A 139 -28.91 19.54 34.59
C GLU A 139 -28.31 18.23 35.00
N PHE A 140 -27.18 17.88 34.40
CA PHE A 140 -26.56 16.61 34.64
C PHE A 140 -26.36 16.38 36.12
N ALA A 141 -25.86 17.39 36.81
CA ALA A 141 -25.60 17.30 38.22
C ALA A 141 -26.89 17.03 38.97
N ASP A 142 -27.92 17.74 38.59
CA ASP A 142 -29.22 17.55 39.21
C ASP A 142 -29.69 16.15 38.95
N SER A 143 -29.52 15.69 37.72
CA SER A 143 -29.97 14.36 37.36
C SER A 143 -29.39 13.30 38.26
N LEU A 144 -28.50 13.70 39.16
CA LEU A 144 -27.78 12.73 39.96
C LEU A 144 -27.78 13.09 41.41
N GLY A 145 -28.46 14.17 41.73
CA GLY A 145 -28.50 14.63 43.10
C GLY A 145 -27.14 15.07 43.54
N ILE A 146 -26.47 15.81 42.68
CA ILE A 146 -25.14 16.30 42.98
C ILE A 146 -25.13 17.81 42.87
N PRO A 147 -24.33 18.45 43.70
CA PRO A 147 -24.14 19.89 43.66
C PRO A 147 -23.23 20.29 42.52
N PHE A 148 -23.36 21.53 42.07
CA PHE A 148 -22.56 21.99 40.95
C PHE A 148 -22.02 23.37 41.21
N LEU A 149 -21.02 23.76 40.45
CA LEU A 149 -20.31 24.98 40.74
C LEU A 149 -19.29 25.27 39.65
N GLU A 150 -19.10 26.55 39.35
CA GLU A 150 -18.09 26.96 38.40
C GLU A 150 -17.06 27.81 39.09
N THR A 151 -15.81 27.41 38.99
CA THR A 151 -14.73 28.12 39.66
C THR A 151 -13.71 28.65 38.67
N SER A 152 -12.96 29.63 39.12
CA SER A 152 -11.73 30.04 38.47
C SER A 152 -10.71 29.91 39.56
N ALA A 153 -9.62 29.20 39.31
CA ALA A 153 -8.60 29.07 40.33
C ALA A 153 -7.72 30.29 40.26
N LYS A 154 -7.67 30.86 39.06
CA LYS A 154 -6.87 32.04 38.78
C LYS A 154 -7.40 33.23 39.57
N ASN A 155 -8.67 33.56 39.36
CA ASN A 155 -9.39 34.42 40.27
C ASN A 155 -9.93 33.48 41.34
N ALA A 156 -10.33 33.98 42.49
CA ALA A 156 -10.79 33.09 43.55
C ALA A 156 -12.25 32.69 43.43
N THR A 157 -12.86 33.04 42.31
CA THR A 157 -14.28 32.81 42.08
C THR A 157 -14.79 31.42 42.42
N ASN A 158 -15.67 31.36 43.42
CA ASN A 158 -16.38 30.15 43.81
C ASN A 158 -15.53 29.02 44.33
N VAL A 159 -14.27 29.30 44.54
CA VAL A 159 -13.38 28.27 45.01
C VAL A 159 -13.67 27.95 46.45
N GLU A 160 -13.57 28.93 47.32
CA GLU A 160 -13.80 28.69 48.72
C GLU A 160 -15.19 28.10 48.94
N GLN A 161 -16.10 28.41 48.04
CA GLN A 161 -17.47 27.96 48.14
C GLN A 161 -17.55 26.47 47.83
N ALA A 162 -16.92 26.05 46.75
CA ALA A 162 -16.93 24.66 46.33
C ALA A 162 -16.55 23.72 47.46
N PHE A 163 -15.42 23.97 48.07
CA PHE A 163 -14.94 23.16 49.18
C PHE A 163 -15.85 23.29 50.39
N MET A 164 -16.40 24.48 50.58
CA MET A 164 -17.28 24.76 51.69
C MET A 164 -18.53 23.91 51.60
N THR A 165 -19.07 23.78 50.39
CA THR A 165 -20.31 23.05 50.21
C THR A 165 -20.11 21.55 50.17
N MET A 166 -18.92 21.11 49.83
CA MET A 166 -18.62 19.69 49.92
C MET A 166 -18.49 19.35 51.37
N ALA A 167 -17.92 20.26 52.13
CA ALA A 167 -17.79 20.09 53.57
C ALA A 167 -19.15 20.01 54.21
N ALA A 168 -20.05 20.87 53.76
CA ALA A 168 -21.39 20.94 54.30
C ALA A 168 -22.19 19.68 54.03
N GLU A 169 -22.06 19.14 52.83
CA GLU A 169 -22.78 17.94 52.48
C GLU A 169 -22.25 16.73 53.21
N ILE A 170 -21.06 16.83 53.76
CA ILE A 170 -20.52 15.69 54.47
C ILE A 170 -21.04 15.73 55.89
N LYS A 171 -20.98 16.90 56.52
CA LYS A 171 -21.46 17.04 57.87
C LYS A 171 -22.90 16.61 57.93
N LYS A 172 -23.57 16.74 56.80
CA LYS A 172 -24.97 16.41 56.74
C LYS A 172 -25.13 14.91 56.70
N ARG A 173 -24.34 14.25 55.87
CA ARG A 173 -24.37 12.81 55.79
C ARG A 173 -23.77 12.18 57.04
N MET A 174 -22.71 12.77 57.56
CA MET A 174 -22.15 12.28 58.79
C MET A 174 -23.24 12.26 59.85
N GLY A 175 -24.03 13.32 59.91
CA GLY A 175 -25.09 13.42 60.90
C GLY A 175 -26.24 12.45 60.75
N LEU A 176 -26.59 12.11 59.51
CA LEU A 176 -27.68 11.19 59.27
C LEU A 176 -27.26 9.78 59.60
N GLU A 177 -25.96 9.52 59.52
CA GLU A 177 -25.44 8.19 59.75
C GLU A 177 -25.36 7.89 61.23
N VAL A 178 -25.19 8.93 62.02
CA VAL A 178 -25.15 8.77 63.46
C VAL A 178 -26.56 8.63 64.00
N LEU A 179 -27.52 9.10 63.23
CA LEU A 179 -28.88 9.19 63.68
C LEU A 179 -29.65 7.91 63.41
N PHE A 180 -29.70 7.52 62.15
CA PHE A 180 -30.47 6.36 61.75
C PHE A 180 -29.57 5.17 61.57
N GLN A 181 -30.18 3.99 61.63
CA GLN A 181 -29.41 2.76 61.48
C GLN A 181 -29.34 2.36 60.02
N PRO B 12 -15.43 36.96 -43.65
CA PRO B 12 -14.65 38.20 -43.58
C PRO B 12 -15.51 39.44 -43.69
N LEU B 13 -16.51 39.51 -42.85
CA LEU B 13 -17.09 40.79 -42.53
C LEU B 13 -17.35 40.59 -41.08
N THR B 14 -17.59 41.66 -40.36
CA THR B 14 -17.69 41.52 -38.92
C THR B 14 -18.48 40.27 -38.62
N LEU B 15 -17.90 39.44 -37.76
CA LEU B 15 -18.35 38.08 -37.55
C LEU B 15 -19.71 38.01 -36.88
N LEU B 16 -20.58 37.24 -37.52
CA LEU B 16 -22.01 37.31 -37.30
C LEU B 16 -22.44 36.44 -36.13
N MET B 17 -23.09 37.09 -35.17
CA MET B 17 -23.38 36.49 -33.87
C MET B 17 -24.26 35.24 -33.82
N THR B 18 -25.45 35.28 -34.42
CA THR B 18 -26.39 34.19 -34.17
C THR B 18 -26.91 33.38 -35.34
N SER B 19 -26.21 32.31 -35.67
CA SER B 19 -26.82 31.14 -36.24
C SER B 19 -26.63 30.19 -35.10
N SER B 20 -25.85 30.70 -34.14
CA SER B 20 -25.42 29.97 -32.94
C SER B 20 -25.67 30.77 -31.65
N THR B 21 -25.99 30.06 -30.56
CA THR B 21 -26.23 30.68 -29.26
C THR B 21 -25.56 29.84 -28.18
N SER B 22 -24.74 28.89 -28.62
CA SER B 22 -23.90 28.11 -27.74
C SER B 22 -22.48 28.19 -28.26
N PHE B 23 -21.52 28.34 -27.35
CA PHE B 23 -20.14 28.58 -27.75
C PHE B 23 -19.59 27.62 -28.78
N SER B 24 -19.85 26.33 -28.64
CA SER B 24 -19.29 25.37 -29.56
C SER B 24 -19.83 25.54 -30.98
N GLU B 25 -21.12 25.79 -31.09
CA GLU B 25 -21.74 25.98 -32.38
C GLU B 25 -21.41 27.37 -32.90
N THR B 26 -21.42 28.36 -32.02
CA THR B 26 -21.09 29.73 -32.42
C THR B 26 -19.72 29.81 -33.05
N ILE B 27 -18.75 29.10 -32.50
CA ILE B 27 -17.40 29.13 -33.05
C ILE B 27 -17.45 28.73 -34.52
N ASN B 28 -18.10 27.62 -34.78
CA ASN B 28 -18.06 27.03 -36.11
C ASN B 28 -18.92 27.73 -37.14
N GLN B 29 -19.93 28.46 -36.71
CA GLN B 29 -20.58 29.32 -37.68
C GLN B 29 -19.66 30.49 -37.96
N TRP B 30 -18.61 30.61 -37.17
CA TRP B 30 -17.62 31.61 -37.42
C TRP B 30 -16.48 30.95 -38.17
N ALA B 31 -16.04 29.80 -37.69
CA ALA B 31 -15.09 29.03 -38.45
C ALA B 31 -15.61 28.98 -39.87
N ASP B 32 -16.87 28.64 -40.02
CA ASP B 32 -17.53 28.66 -41.33
C ASP B 32 -17.24 29.92 -42.14
N ILE B 33 -17.64 31.08 -41.60
CA ILE B 33 -17.45 32.35 -42.29
C ILE B 33 -15.97 32.64 -42.54
N LEU B 34 -15.13 32.13 -41.66
CA LEU B 34 -13.69 32.25 -41.85
C LEU B 34 -13.18 31.17 -42.80
N LYS B 35 -13.68 29.95 -42.65
CA LYS B 35 -13.26 28.87 -43.52
C LYS B 35 -13.45 29.23 -45.00
N THR B 36 -14.43 30.08 -45.28
CA THR B 36 -14.67 30.53 -46.65
C THR B 36 -13.50 31.35 -47.19
N MET B 39 -11.30 35.98 -50.23
CA MET B 39 -11.91 36.45 -48.99
C MET B 39 -11.09 37.60 -48.44
N GLU B 40 -10.94 38.65 -49.24
CA GLU B 40 -10.11 39.78 -48.86
C GLU B 40 -10.89 40.76 -48.00
N LYS B 41 -12.14 41.00 -48.40
CA LYS B 41 -12.99 42.03 -47.80
C LYS B 41 -12.45 42.54 -46.47
N PHE B 44 -12.87 44.20 -43.19
CA PHE B 44 -13.40 43.57 -41.99
C PHE B 44 -13.54 44.58 -40.88
N ASP B 45 -14.74 44.76 -40.37
CA ASP B 45 -14.88 45.54 -39.16
C ASP B 45 -15.19 44.65 -37.97
N SER B 46 -14.31 44.69 -36.98
CA SER B 46 -14.47 43.88 -35.80
C SER B 46 -15.25 44.69 -34.81
N ASN B 47 -15.37 45.97 -35.10
CA ASN B 47 -16.02 46.92 -34.22
C ASN B 47 -17.40 46.50 -33.77
N PRO B 48 -18.13 45.77 -34.61
CA PRO B 48 -19.51 45.41 -34.31
C PRO B 48 -19.63 44.08 -33.56
N ILE B 49 -18.61 43.24 -33.69
CA ILE B 49 -18.62 41.95 -33.03
C ILE B 49 -18.95 42.09 -31.56
N ASN B 50 -19.76 41.16 -31.08
CA ASN B 50 -20.09 41.10 -29.66
C ASN B 50 -19.10 40.18 -28.96
N LEU B 51 -18.31 40.74 -28.06
CA LEU B 51 -17.29 40.01 -27.34
C LEU B 51 -17.86 39.65 -26.00
N LEU B 52 -18.43 40.64 -25.34
CA LEU B 52 -19.13 40.44 -24.09
C LEU B 52 -20.13 39.31 -24.22
N GLU B 53 -20.60 39.05 -25.44
CA GLU B 53 -21.55 37.99 -25.62
C GLU B 53 -20.80 36.70 -25.81
N LEU B 54 -19.67 36.77 -26.49
CA LEU B 54 -18.89 35.59 -26.72
C LEU B 54 -18.33 35.09 -25.41
N VAL B 55 -18.13 36.02 -24.49
CA VAL B 55 -17.61 35.67 -23.20
C VAL B 55 -18.70 35.01 -22.40
N LYS B 56 -19.91 35.54 -22.50
CA LYS B 56 -21.05 34.95 -21.82
C LYS B 56 -21.25 33.51 -22.25
N GLN B 57 -21.08 33.26 -23.53
CA GLN B 57 -21.28 31.92 -24.04
C GLN B 57 -20.18 31.00 -23.59
N PHE B 58 -18.95 31.45 -23.70
CA PHE B 58 -17.81 30.65 -23.31
C PHE B 58 -17.90 30.23 -21.86
N ASN B 59 -18.26 31.17 -21.01
CA ASN B 59 -18.35 30.90 -19.60
C ASN B 59 -19.36 29.81 -19.29
N LEU B 60 -20.43 29.79 -20.05
CA LEU B 60 -21.39 28.72 -19.93
C LEU B 60 -20.77 27.44 -20.40
N TYR B 61 -20.04 27.52 -21.49
CA TYR B 61 -19.41 26.35 -22.06
C TYR B 61 -18.54 25.72 -20.99
N VAL B 62 -17.86 26.55 -20.23
CA VAL B 62 -16.96 26.09 -19.21
C VAL B 62 -17.73 25.43 -18.08
N ASP B 63 -18.74 26.13 -17.61
CA ASP B 63 -19.58 25.61 -16.54
C ASP B 63 -20.22 24.29 -16.93
N GLU B 64 -20.74 24.22 -18.14
CA GLU B 64 -21.40 23.01 -18.61
C GLU B 64 -20.40 21.86 -18.77
N LEU B 65 -19.21 22.17 -19.26
CA LEU B 65 -18.18 21.17 -19.42
C LEU B 65 -17.69 20.67 -18.07
N ALA B 66 -17.82 21.51 -17.06
CA ALA B 66 -17.41 21.15 -15.73
C ALA B 66 -18.44 20.25 -15.10
N ILE B 67 -19.69 20.66 -15.16
CA ILE B 67 -20.75 19.84 -14.65
C ILE B 67 -20.59 18.44 -15.21
N THR B 68 -20.54 18.36 -16.52
CA THR B 68 -20.41 17.10 -17.20
C THR B 68 -19.29 16.25 -16.61
N CYS B 69 -18.15 16.85 -16.40
CA CYS B 69 -17.00 16.12 -15.91
C CYS B 69 -17.23 15.55 -14.52
N GLU B 70 -17.90 16.31 -13.68
CA GLU B 70 -18.12 15.87 -12.32
C GLU B 70 -19.14 14.76 -12.26
N ALA B 71 -19.99 14.71 -13.28
CA ALA B 71 -21.07 13.75 -13.30
C ALA B 71 -20.58 12.40 -13.78
N ASN B 72 -19.70 12.42 -14.77
CA ASN B 72 -19.21 11.18 -15.34
C ASN B 72 -18.05 10.62 -14.56
N ASN B 73 -17.81 11.19 -13.39
CA ASN B 73 -16.81 10.67 -12.49
C ASN B 73 -15.46 10.70 -13.13
N VAL B 74 -15.23 11.69 -13.97
CA VAL B 74 -14.05 11.67 -14.80
C VAL B 74 -12.76 11.93 -14.05
N TRP B 75 -12.86 12.45 -12.84
CA TRP B 75 -11.68 12.71 -12.04
C TRP B 75 -11.35 11.50 -11.19
N ALA B 76 -12.25 10.52 -11.21
CA ALA B 76 -12.03 9.26 -10.50
C ALA B 76 -11.64 9.53 -9.06
N SER B 82 -10.88 11.56 3.15
CA SER B 82 -9.73 12.31 2.66
C SER B 82 -9.99 12.81 1.27
N THR B 83 -9.83 11.91 0.29
CA THR B 83 -10.12 12.21 -1.10
C THR B 83 -9.57 13.56 -1.47
N PRO B 84 -8.29 13.80 -1.19
CA PRO B 84 -7.70 15.05 -1.65
C PRO B 84 -7.78 15.00 -3.17
N ASN B 85 -7.88 16.16 -3.80
CA ASN B 85 -8.01 16.19 -5.24
C ASN B 85 -6.76 15.78 -5.96
N LEU B 86 -6.81 15.81 -7.28
CA LEU B 86 -5.72 15.34 -8.10
C LEU B 86 -4.43 16.12 -7.91
N PHE B 87 -4.53 17.34 -7.42
CA PHE B 87 -3.42 18.25 -7.42
C PHE B 87 -2.76 18.38 -6.06
N ALA B 88 -3.23 17.58 -5.11
CA ALA B 88 -2.86 17.73 -3.72
C ALA B 88 -1.38 17.53 -3.46
N LEU B 89 -0.76 16.64 -4.21
CA LEU B 89 0.63 16.28 -3.92
C LEU B 89 1.64 17.22 -4.53
N TYR B 90 1.18 18.27 -5.20
CA TYR B 90 2.07 19.16 -5.90
C TYR B 90 2.06 20.55 -5.29
N ASP B 91 1.57 20.65 -4.07
CA ASP B 91 1.43 21.94 -3.42
C ASP B 91 2.70 22.34 -2.69
N ASN B 92 3.33 23.41 -3.15
CA ASN B 92 4.55 23.86 -2.51
C ASN B 92 4.33 25.20 -1.85
N SER B 93 3.07 25.53 -1.60
CA SER B 93 2.71 26.87 -1.18
C SER B 93 2.97 27.12 0.30
N GLY B 94 3.15 26.05 1.05
CA GLY B 94 3.42 26.21 2.46
C GLY B 94 2.24 26.80 3.17
N GLY B 95 1.06 26.60 2.60
CA GLY B 95 -0.17 27.03 3.20
C GLY B 95 -0.30 28.53 3.24
N GLU B 96 0.52 29.21 2.47
CA GLU B 96 0.46 30.65 2.39
C GLU B 96 -0.56 31.04 1.33
N ALA B 97 -1.01 32.28 1.37
CA ALA B 97 -2.01 32.75 0.43
C ALA B 97 -1.34 33.34 -0.79
N ILE B 98 -1.64 32.79 -1.94
CA ILE B 98 -1.06 33.28 -3.17
C ILE B 98 -2.07 34.14 -3.90
N HIS B 99 -1.81 35.44 -3.92
CA HIS B 99 -2.70 36.39 -4.55
C HIS B 99 -4.13 36.09 -4.18
N GLY B 100 -4.44 36.13 -2.90
CA GLY B 100 -5.81 36.07 -2.46
C GLY B 100 -6.40 34.68 -2.28
N HIS B 101 -5.66 33.67 -2.68
CA HIS B 101 -6.12 32.32 -2.54
C HIS B 101 -5.08 31.46 -1.90
N ALA B 102 -5.52 30.63 -0.97
CA ALA B 102 -4.65 29.66 -0.38
C ALA B 102 -5.04 28.31 -0.93
N PHE B 103 -4.11 27.38 -0.83
CA PHE B 103 -4.34 26.09 -1.41
C PHE B 103 -5.14 25.23 -0.45
N VAL B 104 -6.22 24.64 -0.94
CA VAL B 104 -7.00 23.73 -0.14
C VAL B 104 -7.13 22.45 -0.92
N PRO B 105 -6.59 21.37 -0.38
CA PRO B 105 -6.51 20.11 -1.13
C PRO B 105 -7.85 19.42 -1.24
N TYR B 106 -8.92 20.09 -0.84
CA TYR B 106 -10.23 19.48 -0.85
C TYR B 106 -11.16 20.14 -1.85
N TYR B 107 -10.62 21.06 -2.63
CA TYR B 107 -11.36 21.64 -3.72
C TYR B 107 -11.71 20.55 -4.69
N LYS B 108 -12.91 20.61 -5.24
CA LYS B 108 -13.30 19.68 -6.27
C LYS B 108 -12.70 20.10 -7.58
N GLU B 109 -12.22 19.15 -8.35
CA GLU B 109 -11.50 19.46 -9.57
C GLU B 109 -12.30 20.33 -10.51
N SER B 110 -13.60 20.15 -10.50
CA SER B 110 -14.46 20.86 -11.44
C SER B 110 -14.62 22.30 -11.05
N ILE B 111 -14.38 22.60 -9.79
CA ILE B 111 -14.46 23.97 -9.33
C ILE B 111 -13.17 24.69 -9.66
N VAL B 112 -12.06 23.98 -9.55
CA VAL B 112 -10.77 24.49 -9.93
C VAL B 112 -10.76 24.80 -11.40
N LEU B 113 -11.36 23.90 -12.16
CA LEU B 113 -11.60 24.08 -13.56
C LEU B 113 -12.30 25.40 -13.79
N ARG B 114 -13.42 25.58 -13.14
CA ARG B 114 -14.20 26.76 -13.36
C ARG B 114 -13.40 27.99 -13.02
N ARG B 115 -12.75 27.95 -11.88
CA ARG B 115 -12.02 29.12 -11.41
C ARG B 115 -10.90 29.46 -12.34
N LEU B 116 -10.37 28.46 -13.04
CA LEU B 116 -9.16 28.65 -13.81
C LEU B 116 -9.36 29.18 -15.22
N PHE B 117 -10.54 28.97 -15.78
CA PHE B 117 -10.78 29.33 -17.16
C PHE B 117 -11.95 30.28 -17.38
N THR B 118 -12.67 30.62 -16.33
CA THR B 118 -13.74 31.59 -16.47
C THR B 118 -13.16 32.93 -16.85
N VAL B 119 -13.74 33.57 -17.86
CA VAL B 119 -13.28 34.86 -18.31
C VAL B 119 -14.12 35.98 -17.74
N ASP B 120 -13.43 36.97 -17.18
CA ASP B 120 -14.12 38.09 -16.59
C ASP B 120 -14.64 39.00 -17.68
N PRO B 121 -15.91 39.39 -17.59
CA PRO B 121 -16.56 40.19 -18.62
C PRO B 121 -16.10 41.63 -18.57
N ASN B 122 -15.66 42.06 -17.39
CA ASN B 122 -15.26 43.43 -17.21
C ASN B 122 -13.84 43.70 -17.68
N THR B 123 -13.01 42.67 -17.78
CA THR B 123 -11.64 42.88 -18.21
C THR B 123 -11.25 41.98 -19.36
N PHE B 124 -12.01 40.92 -19.57
CA PHE B 124 -11.67 39.93 -20.58
C PHE B 124 -10.42 39.16 -20.21
N ASN B 125 -10.02 39.27 -18.95
CA ASN B 125 -8.96 38.44 -18.43
C ASN B 125 -9.47 37.45 -17.40
N LEU B 126 -8.55 36.82 -16.71
CA LEU B 126 -8.90 35.85 -15.68
C LEU B 126 -8.87 36.48 -14.32
N SER B 127 -9.79 36.07 -13.47
CA SER B 127 -9.63 36.32 -12.06
C SER B 127 -8.65 35.29 -11.56
N ARG B 128 -7.81 35.66 -10.62
CA ARG B 128 -6.72 34.80 -10.22
C ARG B 128 -7.16 33.67 -9.34
N PHE B 129 -6.63 32.50 -9.64
CA PHE B 129 -6.77 31.34 -8.80
C PHE B 129 -5.36 30.81 -8.69
N ALA B 130 -4.55 31.51 -7.91
CA ALA B 130 -3.10 31.37 -8.01
C ALA B 130 -2.52 30.13 -7.37
N ALA B 131 -3.17 29.63 -6.34
CA ALA B 131 -2.60 28.56 -5.56
C ALA B 131 -2.67 27.25 -6.28
N PHE B 132 -3.41 27.23 -7.39
CA PHE B 132 -3.56 26.01 -8.16
C PHE B 132 -2.85 26.08 -9.49
N GLU B 133 -2.32 27.26 -9.78
CA GLU B 133 -1.70 27.52 -11.06
C GLU B 133 -0.46 26.68 -11.25
N GLY B 134 0.30 26.51 -10.17
CA GLY B 134 1.51 25.73 -10.20
C GLY B 134 1.30 24.24 -10.07
N PRO B 135 0.54 23.82 -9.05
CA PRO B 135 0.24 22.40 -8.86
C PRO B 135 -0.41 21.79 -10.08
N CYS B 136 -1.22 22.56 -10.77
CA CYS B 136 -1.92 22.06 -11.92
C CYS B 136 -0.94 21.82 -13.05
N GLN B 137 -0.05 22.77 -13.27
CA GLN B 137 0.93 22.62 -14.31
C GLN B 137 1.74 21.39 -14.03
N LEU B 138 2.21 21.24 -12.81
CA LEU B 138 3.00 20.08 -12.47
C LEU B 138 2.23 18.83 -12.79
N TYR B 139 0.97 18.78 -12.38
CA TYR B 139 0.15 17.62 -12.65
C TYR B 139 0.03 17.36 -14.13
N CYS B 140 0.08 18.41 -14.93
CA CYS B 140 -0.06 18.25 -16.38
C CYS B 140 1.19 17.58 -16.93
N ALA B 141 2.33 17.99 -16.39
CA ALA B 141 3.61 17.48 -16.85
C ALA B 141 3.78 16.01 -16.54
N ALA B 142 3.05 15.52 -15.56
CA ALA B 142 3.23 14.16 -15.11
C ALA B 142 2.12 13.22 -15.62
N HIS B 143 1.11 13.78 -16.26
CA HIS B 143 0.04 12.99 -16.82
C HIS B 143 -0.47 13.58 -18.12
N ALA B 144 0.33 13.44 -19.17
CA ALA B 144 0.04 14.09 -20.45
C ALA B 144 -1.17 13.50 -21.15
N ASP B 145 -1.51 12.26 -20.81
CA ASP B 145 -2.63 11.59 -21.45
C ASP B 145 -3.91 11.96 -20.73
N SER B 146 -3.78 12.57 -19.57
CA SER B 146 -4.90 12.82 -18.68
C SER B 146 -6.04 13.60 -19.30
N ALA B 147 -7.18 13.56 -18.62
CA ALA B 147 -8.36 14.27 -19.06
C ALA B 147 -8.18 15.74 -18.81
N TRP B 148 -7.49 16.06 -17.73
CA TRP B 148 -7.32 17.44 -17.33
C TRP B 148 -6.61 18.20 -18.42
N VAL B 149 -5.61 17.56 -19.01
CA VAL B 149 -4.87 18.19 -20.07
C VAL B 149 -5.73 18.44 -21.28
N LYS B 150 -6.46 17.42 -21.70
CA LYS B 150 -7.29 17.56 -22.87
C LYS B 150 -8.34 18.63 -22.64
N ILE B 151 -8.64 18.89 -21.39
CA ILE B 151 -9.61 19.91 -21.09
C ILE B 151 -8.95 21.26 -21.03
N GLN B 152 -7.72 21.29 -20.52
CA GLN B 152 -6.98 22.52 -20.51
C GLN B 152 -6.76 22.92 -21.94
N THR B 153 -6.26 21.99 -22.73
CA THR B 153 -6.01 22.31 -24.12
C THR B 153 -7.22 22.99 -24.73
N LEU B 154 -8.38 22.42 -24.51
CA LEU B 154 -9.60 22.96 -25.08
C LEU B 154 -9.94 24.35 -24.56
N LEU B 155 -10.06 24.46 -23.25
CA LEU B 155 -10.54 25.70 -22.67
C LEU B 155 -9.53 26.82 -22.81
N THR B 156 -8.28 26.45 -23.03
CA THR B 156 -7.25 27.45 -23.15
C THR B 156 -7.37 28.09 -24.50
N LEU B 157 -7.80 27.30 -25.46
CA LEU B 157 -8.02 27.79 -26.81
C LEU B 157 -9.22 28.70 -26.83
N GLY B 158 -10.16 28.44 -25.93
CA GLY B 158 -11.33 29.28 -25.84
C GLY B 158 -10.92 30.61 -25.30
N ASN B 159 -10.09 30.59 -24.27
CA ASN B 159 -9.51 31.81 -23.73
C ASN B 159 -8.78 32.54 -24.83
N GLY B 160 -7.95 31.80 -25.55
CA GLY B 160 -7.15 32.37 -26.61
C GLY B 160 -7.99 33.08 -27.65
N ILE B 161 -8.96 32.37 -28.21
CA ILE B 161 -9.85 32.94 -29.20
C ILE B 161 -10.43 34.26 -28.70
N ILE B 162 -10.90 34.26 -27.46
CA ILE B 162 -11.42 35.47 -26.87
C ILE B 162 -10.37 36.54 -26.97
N ASN B 163 -9.15 36.20 -26.59
CA ASN B 163 -8.08 37.18 -26.53
C ASN B 163 -7.78 37.73 -27.90
N THR B 164 -7.59 36.83 -28.85
CA THR B 164 -7.30 37.24 -30.21
C THR B 164 -8.32 38.22 -30.76
N LEU B 165 -9.59 37.99 -30.47
CA LEU B 165 -10.61 38.92 -30.91
C LEU B 165 -10.35 40.27 -30.29
N LYS B 166 -9.96 40.26 -29.02
CA LYS B 166 -9.81 41.49 -28.27
C LYS B 166 -8.72 42.30 -28.89
N ILE B 167 -7.60 41.64 -29.11
CA ILE B 167 -6.47 42.28 -29.73
C ILE B 167 -6.87 42.84 -31.06
N ILE B 168 -7.34 41.98 -31.95
CA ILE B 168 -7.74 42.38 -33.28
C ILE B 168 -8.61 43.62 -33.27
N LYS B 169 -9.53 43.70 -32.34
CA LYS B 169 -10.39 44.86 -32.30
C LYS B 169 -9.58 46.11 -32.08
N GLN B 170 -8.73 46.11 -31.07
CA GLN B 170 -7.98 47.31 -30.76
C GLN B 170 -6.79 47.53 -31.70
N ALA B 171 -6.23 46.46 -32.24
CA ALA B 171 -5.19 46.59 -33.24
C ALA B 171 -5.73 47.31 -34.47
N GLN B 172 -6.90 46.91 -34.92
CA GLN B 172 -7.51 47.60 -36.03
C GLN B 172 -7.91 48.99 -35.57
N ALA B 173 -8.34 49.09 -34.33
CA ALA B 173 -8.79 50.38 -33.82
C ALA B 173 -7.62 51.36 -33.75
N PHE B 174 -6.48 50.88 -33.30
CA PHE B 174 -5.33 51.75 -33.09
C PHE B 174 -4.59 52.02 -34.38
N GLY B 175 -4.94 51.28 -35.41
CA GLY B 175 -4.37 51.52 -36.72
C GLY B 175 -3.19 50.63 -37.02
N ILE B 176 -2.91 49.69 -36.14
CA ILE B 176 -1.82 48.76 -36.36
C ILE B 176 -2.21 47.74 -37.43
N ASP B 177 -2.48 48.25 -38.62
CA ASP B 177 -2.84 47.42 -39.75
C ASP B 177 -1.99 46.16 -39.83
N GLU B 178 -0.75 46.25 -39.38
CA GLU B 178 0.11 45.09 -39.36
C GLU B 178 -0.46 44.07 -38.42
N ALA B 179 -0.98 44.56 -37.30
CA ALA B 179 -1.48 43.69 -36.25
C ALA B 179 -2.81 43.06 -36.61
N VAL B 180 -3.71 43.86 -37.17
CA VAL B 180 -5.01 43.38 -37.56
C VAL B 180 -4.87 42.19 -38.46
N THR B 181 -3.82 42.18 -39.27
CA THR B 181 -3.64 41.13 -40.25
C THR B 181 -2.94 39.92 -39.68
N GLU B 182 -1.88 40.15 -38.93
CA GLU B 182 -1.08 39.06 -38.39
C GLU B 182 -1.88 38.09 -37.49
N ASN B 183 -2.77 38.65 -36.67
CA ASN B 183 -3.61 37.83 -35.82
C ASN B 183 -4.67 37.09 -36.64
N LEU B 184 -5.41 37.85 -37.45
CA LEU B 184 -6.56 37.31 -38.17
C LEU B 184 -6.24 35.97 -38.81
N LYS B 185 -5.04 35.85 -39.34
CA LYS B 185 -4.53 34.54 -39.69
C LYS B 185 -4.79 33.63 -38.52
N ALA B 186 -4.52 34.14 -37.33
CA ALA B 186 -4.57 33.34 -36.10
C ALA B 186 -5.98 33.00 -35.63
N LEU B 187 -6.78 34.02 -35.36
CA LEU B 187 -8.19 33.82 -35.03
C LEU B 187 -8.68 32.55 -35.67
N LYS B 188 -8.45 32.42 -36.97
CA LYS B 188 -8.89 31.25 -37.70
C LYS B 188 -8.09 30.04 -37.30
N GLU B 189 -6.78 30.18 -37.30
CA GLU B 189 -5.92 29.05 -37.01
C GLU B 189 -6.32 28.37 -35.72
N GLN B 190 -6.85 29.12 -34.77
CA GLN B 190 -7.20 28.54 -33.49
C GLN B 190 -8.47 27.74 -33.59
N PHE B 191 -9.39 28.24 -34.40
CA PHE B 191 -10.63 27.56 -34.62
C PHE B 191 -10.38 26.09 -34.90
N ILE B 192 -9.45 25.80 -35.78
CA ILE B 192 -9.23 24.42 -36.17
C ILE B 192 -8.80 23.54 -35.01
N ALA B 193 -7.86 24.05 -34.21
CA ALA B 193 -7.30 23.26 -33.12
C ALA B 193 -8.34 23.05 -32.04
N PHE B 194 -9.25 24.00 -31.93
CA PHE B 194 -10.36 23.85 -31.02
C PHE B 194 -11.08 22.59 -31.41
N GLN B 195 -11.65 22.62 -32.60
CA GLN B 195 -12.36 21.47 -33.13
C GLN B 195 -11.63 20.21 -32.77
N LEU B 196 -10.39 20.11 -33.20
CA LEU B 196 -9.64 18.90 -32.94
C LEU B 196 -9.69 18.60 -31.45
N ALA B 197 -9.90 19.64 -30.65
CA ALA B 197 -9.95 19.44 -29.22
C ALA B 197 -11.33 18.93 -28.84
N GLU B 198 -12.35 19.66 -29.25
CA GLU B 198 -13.72 19.25 -28.98
C GLU B 198 -13.88 17.78 -29.27
N ALA B 199 -13.18 17.30 -30.27
CA ALA B 199 -13.33 15.95 -30.73
C ALA B 199 -12.75 14.96 -29.73
N ASP B 200 -11.52 15.23 -29.31
CA ASP B 200 -10.85 14.38 -28.34
C ASP B 200 -11.55 14.41 -27.00
N ILE B 201 -11.90 15.59 -26.52
CA ILE B 201 -12.57 15.67 -25.24
C ILE B 201 -13.84 14.84 -25.34
N LYS B 202 -14.62 15.10 -26.39
CA LYS B 202 -15.92 14.48 -26.60
C LYS B 202 -15.93 12.95 -26.51
N GLU B 203 -15.02 12.29 -27.22
CA GLU B 203 -14.99 10.84 -27.15
C GLU B 203 -14.77 10.36 -25.72
N SER B 204 -13.94 11.08 -24.98
CA SER B 204 -13.65 10.71 -23.60
C SER B 204 -14.85 10.77 -22.66
N LEU B 205 -15.73 11.75 -22.83
CA LEU B 205 -16.87 11.87 -21.94
C LEU B 205 -18.00 10.97 -22.39
N LYS B 206 -17.84 10.34 -23.55
CA LYS B 206 -18.85 9.43 -24.08
C LYS B 206 -18.83 8.11 -23.33
N ALA B 207 -17.69 7.83 -22.70
CA ALA B 207 -17.51 6.58 -21.98
C ALA B 207 -18.45 6.51 -20.80
N PRO B 208 -18.87 5.31 -20.45
CA PRO B 208 -19.87 5.02 -19.44
C PRO B 208 -19.43 5.36 -18.03
N SER B 209 -20.38 5.41 -17.12
CA SER B 209 -20.09 5.56 -15.70
C SER B 209 -21.30 5.13 -14.89
N PHE B 210 -21.13 4.97 -13.59
CA PHE B 210 -22.26 4.74 -12.71
C PHE B 210 -22.48 5.96 -11.83
N ALA B 211 -23.64 6.00 -11.18
CA ALA B 211 -24.07 7.16 -10.41
C ALA B 211 -22.97 7.82 -9.57
N GLU B 212 -22.90 9.15 -9.66
CA GLU B 212 -21.94 9.92 -8.89
C GLU B 212 -21.98 9.57 -7.41
N PRO B 215 -23.14 12.55 -3.52
CA PRO B 215 -23.24 14.02 -3.45
C PRO B 215 -23.00 14.53 -2.04
N ASN B 216 -22.37 15.68 -1.90
CA ASN B 216 -22.04 16.18 -0.58
C ASN B 216 -23.00 17.24 -0.07
N LYS B 217 -23.59 16.98 1.09
CA LYS B 217 -24.54 17.88 1.66
C LYS B 217 -23.88 19.13 2.17
N GLU B 218 -22.60 19.02 2.53
CA GLU B 218 -21.91 20.10 3.24
C GLU B 218 -21.53 21.30 2.38
N SER B 219 -21.07 21.04 1.17
CA SER B 219 -20.59 22.11 0.30
C SER B 219 -20.77 21.82 -1.18
N GLU B 220 -20.88 22.89 -1.96
CA GLU B 220 -20.95 22.79 -3.40
C GLU B 220 -19.56 22.75 -3.99
N PHE B 221 -18.56 23.10 -3.20
CA PHE B 221 -17.25 23.38 -3.75
C PHE B 221 -16.16 22.43 -3.33
N PHE B 222 -16.28 21.86 -2.15
CA PHE B 222 -15.23 21.01 -1.65
C PHE B 222 -15.70 19.59 -1.48
N TYR B 223 -14.75 18.66 -1.49
CA TYR B 223 -15.05 17.32 -1.06
C TYR B 223 -15.23 17.35 0.43
N PRO B 224 -15.78 16.28 0.99
CA PRO B 224 -16.02 16.22 2.44
C PRO B 224 -14.74 16.38 3.23
N ILE B 225 -14.82 17.16 4.30
CA ILE B 225 -13.67 17.39 5.14
C ILE B 225 -13.99 16.99 6.57
N ASP B 226 -13.26 16.00 7.08
CA ASP B 226 -13.49 15.50 8.43
C ASP B 226 -12.93 16.44 9.47
N GLU B 227 -13.22 16.14 10.73
CA GLU B 227 -12.85 17.01 11.83
C GLU B 227 -11.34 17.15 11.91
N LYS B 228 -10.66 16.04 11.69
CA LYS B 228 -9.21 16.00 11.77
C LYS B 228 -8.62 16.88 10.71
N ALA B 229 -9.13 16.73 9.50
CA ALA B 229 -8.54 17.40 8.37
C ALA B 229 -8.79 18.89 8.43
N LEU B 230 -9.92 19.27 9.00
CA LEU B 230 -10.31 20.66 9.02
C LEU B 230 -9.48 21.45 10.01
N ALA B 231 -9.20 20.84 11.15
CA ALA B 231 -8.46 21.51 12.20
C ALA B 231 -7.01 21.71 11.83
N LYS B 232 -6.55 20.97 10.83
CA LYS B 232 -5.18 21.09 10.40
C LYS B 232 -4.98 22.26 9.46
N MET B 233 -6.08 22.92 9.11
CA MET B 233 -6.02 24.06 8.23
C MET B 233 -5.62 25.28 9.00
N ASN B 234 -4.87 26.15 8.34
CA ASN B 234 -4.48 27.40 8.93
C ASN B 234 -5.45 28.50 8.54
N GLY B 235 -5.17 29.70 9.00
CA GLY B 235 -6.09 30.81 8.85
C GLY B 235 -6.39 31.16 7.42
N TYR B 236 -5.37 31.12 6.59
CA TYR B 236 -5.53 31.45 5.19
C TYR B 236 -6.35 30.41 4.48
N GLN B 237 -6.15 29.16 4.84
CA GLN B 237 -6.86 28.07 4.20
C GLN B 237 -8.30 28.04 4.63
N LEU B 238 -8.52 28.28 5.91
CA LEU B 238 -9.86 28.33 6.44
C LEU B 238 -10.61 29.52 5.92
N ALA B 239 -9.92 30.63 5.76
CA ALA B 239 -10.55 31.84 5.28
C ALA B 239 -10.92 31.68 3.82
N THR B 240 -10.00 31.14 3.04
CA THR B 240 -10.26 30.81 1.66
C THR B 240 -11.50 29.95 1.50
N ILE B 241 -11.75 29.09 2.48
CA ILE B 241 -12.89 28.21 2.40
C ILE B 241 -14.16 28.97 2.68
N CYS B 242 -14.16 29.72 3.76
CA CYS B 242 -15.31 30.52 4.09
C CYS B 242 -15.64 31.43 2.93
N LEU B 243 -14.63 32.04 2.34
CA LEU B 243 -14.89 32.97 1.26
C LEU B 243 -15.50 32.23 0.11
N GLU B 244 -15.07 31.00 -0.08
CA GLU B 244 -15.57 30.23 -1.20
C GLU B 244 -17.00 29.80 -0.96
N GLU B 245 -17.38 29.60 0.29
CA GLU B 245 -18.71 29.12 0.58
C GLU B 245 -19.76 30.18 0.33
N LEU B 246 -19.37 31.44 0.44
CA LEU B 246 -20.33 32.52 0.27
C LEU B 246 -20.72 32.67 -1.17
N ASN B 247 -20.21 31.80 -2.01
CA ASN B 247 -20.58 31.79 -3.41
C ASN B 247 -21.86 31.02 -3.59
N SER B 248 -22.33 30.43 -2.51
CA SER B 248 -23.59 29.72 -2.52
C SER B 248 -24.67 30.64 -1.98
N PRO B 249 -25.86 30.56 -2.56
CA PRO B 249 -26.96 31.46 -2.22
C PRO B 249 -27.50 31.27 -0.81
N LYS B 250 -27.24 30.10 -0.25
CA LYS B 250 -27.73 29.81 1.08
C LYS B 250 -26.59 29.31 1.91
N PRO B 251 -26.54 29.73 3.17
CA PRO B 251 -25.50 29.31 4.11
C PRO B 251 -25.30 27.83 4.04
N SER B 252 -24.05 27.40 4.11
CA SER B 252 -23.73 26.01 3.92
C SER B 252 -23.36 25.38 5.24
N PRO B 253 -23.53 24.07 5.34
CA PRO B 253 -23.14 23.32 6.52
C PRO B 253 -21.66 23.46 6.80
N LEU B 254 -20.85 23.52 5.75
CA LEU B 254 -19.42 23.62 5.93
C LEU B 254 -19.00 24.89 6.62
N ILE B 255 -19.59 26.01 6.23
CA ILE B 255 -19.20 27.28 6.79
C ILE B 255 -19.79 27.44 8.18
N GLU B 256 -20.86 26.73 8.47
CA GLU B 256 -21.46 26.82 9.78
C GLU B 256 -20.61 26.02 10.74
N ARG B 257 -19.94 25.02 10.20
CA ARG B 257 -19.09 24.14 10.97
C ARG B 257 -17.81 24.87 11.32
N ILE B 258 -17.31 25.63 10.36
CA ILE B 258 -16.08 26.36 10.53
C ILE B 258 -16.26 27.57 11.43
N LEU B 259 -17.37 28.26 11.25
CA LEU B 259 -17.61 29.51 11.94
C LEU B 259 -18.16 29.29 13.33
N SER B 260 -18.71 28.11 13.57
CA SER B 260 -19.30 27.81 14.87
C SER B 260 -18.27 27.26 15.81
N ASN B 261 -17.10 26.92 15.28
CA ASN B 261 -16.01 26.43 16.09
C ASN B 261 -15.18 27.57 16.60
N LYS B 262 -15.04 27.66 17.91
CA LYS B 262 -14.41 28.82 18.51
C LYS B 262 -12.91 28.81 18.36
N LYS B 263 -12.35 27.63 18.20
CA LYS B 263 -10.90 27.49 18.16
C LYS B 263 -10.33 27.96 16.85
N PHE B 264 -11.19 28.11 15.86
CA PHE B 264 -10.76 28.46 14.53
C PHE B 264 -10.65 29.96 14.31
N TRP B 265 -11.40 30.73 15.09
CA TRP B 265 -11.60 32.13 14.74
C TRP B 265 -10.38 33.01 14.79
N LYS B 266 -9.51 32.76 15.76
CA LYS B 266 -8.38 33.64 15.90
C LYS B 266 -7.57 33.67 14.63
N ARG B 267 -7.43 32.52 13.98
CA ARG B 267 -6.58 32.48 12.80
C ARG B 267 -7.32 32.81 11.53
N ILE B 268 -8.62 32.69 11.53
CA ILE B 268 -9.39 33.10 10.38
C ILE B 268 -9.40 34.60 10.27
N ASN B 269 -9.68 35.26 11.38
CA ASN B 269 -9.78 36.71 11.39
C ASN B 269 -8.42 37.37 11.21
N SER B 270 -7.40 36.71 11.70
CA SER B 270 -6.04 37.18 11.58
C SER B 270 -5.66 37.25 10.13
N ALA B 271 -6.14 36.29 9.36
CA ALA B 271 -5.86 36.21 7.95
C ALA B 271 -6.62 37.27 7.20
N PHE B 272 -7.79 37.63 7.71
CA PHE B 272 -8.59 38.67 7.11
C PHE B 272 -7.87 39.98 7.27
N GLU B 273 -7.29 40.16 8.44
CA GLU B 273 -6.66 41.42 8.78
C GLU B 273 -5.35 41.61 8.09
N SER B 274 -4.79 40.51 7.63
CA SER B 274 -3.52 40.53 6.95
C SER B 274 -3.60 41.41 5.73
N GLY B 275 -4.79 41.46 5.14
CA GLY B 275 -5.04 42.30 3.99
C GLY B 275 -4.85 41.54 2.70
N VAL B 276 -4.66 40.24 2.83
CA VAL B 276 -4.30 39.44 1.70
C VAL B 276 -5.43 39.27 0.70
N PHE B 277 -6.66 39.46 1.15
CA PHE B 277 -7.80 39.18 0.30
C PHE B 277 -8.35 40.44 -0.36
N LYS B 278 -7.74 41.58 -0.10
CA LYS B 278 -8.26 42.84 -0.59
C LYS B 278 -8.47 42.88 -2.10
N GLY B 279 -7.57 42.25 -2.84
CA GLY B 279 -7.56 42.41 -4.28
C GLY B 279 -8.56 41.57 -5.02
N ARG B 280 -9.27 40.72 -4.30
CA ARG B 280 -10.14 39.76 -4.94
C ARG B 280 -11.28 40.47 -5.61
N THR B 281 -11.89 39.78 -6.55
CA THR B 281 -12.94 40.38 -7.34
C THR B 281 -14.31 40.05 -6.81
N ASP B 282 -14.39 39.16 -5.85
CA ASP B 282 -15.68 38.69 -5.38
C ASP B 282 -16.11 39.36 -4.08
N ASP B 283 -15.98 40.66 -4.03
CA ASP B 283 -16.43 41.42 -2.88
C ASP B 283 -16.00 40.82 -1.56
N PRO B 284 -14.71 40.74 -1.33
CA PRO B 284 -14.16 40.23 -0.09
C PRO B 284 -14.55 41.08 1.11
N ALA B 285 -14.74 42.36 0.90
CA ALA B 285 -15.10 43.23 2.00
C ALA B 285 -16.51 42.88 2.47
N GLY B 286 -17.37 42.61 1.50
CA GLY B 286 -18.74 42.27 1.79
C GLY B 286 -18.81 40.91 2.39
N LYS B 287 -18.08 39.97 1.80
CA LYS B 287 -17.99 38.64 2.32
C LYS B 287 -17.44 38.59 3.73
N ILE B 288 -16.37 39.33 3.98
CA ILE B 288 -15.73 39.30 5.28
C ILE B 288 -16.61 39.91 6.33
N ALA B 289 -17.31 40.97 5.96
CA ALA B 289 -18.18 41.65 6.91
C ALA B 289 -19.27 40.70 7.30
N LYS B 290 -19.70 39.89 6.36
CA LYS B 290 -20.76 38.95 6.61
C LYS B 290 -20.28 37.82 7.47
N ILE B 291 -19.13 37.27 7.13
CA ILE B 291 -18.53 36.20 7.91
C ILE B 291 -18.35 36.60 9.35
N ARG B 292 -17.98 37.84 9.60
CA ARG B 292 -17.77 38.29 10.95
C ARG B 292 -19.08 38.41 11.68
N GLU B 293 -20.13 38.71 10.94
CA GLU B 293 -21.45 38.83 11.52
C GLU B 293 -21.95 37.44 11.88
N TRP B 294 -21.77 36.51 10.96
CA TRP B 294 -22.25 35.16 11.18
C TRP B 294 -21.53 34.51 12.34
N HIS B 295 -20.26 34.82 12.47
CA HIS B 295 -19.45 34.32 13.57
C HIS B 295 -19.96 34.83 14.92
N GLN B 296 -20.37 36.08 14.97
CA GLN B 296 -20.88 36.66 16.19
C GLN B 296 -22.17 35.97 16.58
N LEU B 297 -22.93 35.59 15.57
CA LEU B 297 -24.19 34.94 15.78
C LEU B 297 -23.99 33.53 16.29
N LEU B 298 -23.03 32.82 15.70
CA LEU B 298 -22.80 31.44 16.05
C LEU B 298 -22.00 31.33 17.33
N GLN B 299 -21.33 32.40 17.70
CA GLN B 299 -20.54 32.42 18.90
C GLN B 299 -21.45 32.23 20.08
N ILE B 300 -22.70 32.63 19.91
CA ILE B 300 -23.66 32.47 20.97
C ILE B 300 -24.36 31.14 20.84
N SER B 301 -24.18 30.29 21.84
CA SER B 301 -24.78 28.96 21.81
C SER B 301 -24.03 28.03 20.86
N GLY B 302 -22.73 28.25 20.74
CA GLY B 302 -21.87 27.41 19.94
C GLY B 302 -22.49 26.93 18.64
N GLU C 5 3.27 62.01 -34.85
CA GLU C 5 4.43 61.70 -35.67
C GLU C 5 5.59 61.35 -34.77
N TYR C 6 6.49 60.52 -35.27
CA TYR C 6 7.56 60.00 -34.43
C TYR C 6 8.76 59.69 -35.29
N ASP C 7 9.93 59.58 -34.67
CA ASP C 7 11.12 59.26 -35.44
C ASP C 7 11.40 57.78 -35.43
N TYR C 8 11.15 57.15 -34.29
CA TYR C 8 11.43 55.74 -34.11
C TYR C 8 10.23 55.00 -33.56
N LEU C 9 9.99 53.81 -34.10
CA LEU C 9 8.90 52.96 -33.61
C LEU C 9 9.45 51.66 -33.07
N PHE C 10 9.52 51.58 -31.75
CA PHE C 10 10.08 50.40 -31.10
C PHE C 10 9.02 49.47 -30.52
N LYS C 11 9.21 48.18 -30.73
CA LYS C 11 8.30 47.17 -30.22
C LYS C 11 8.91 46.41 -29.06
N LEU C 12 8.28 46.52 -27.90
CA LEU C 12 8.79 45.88 -26.71
C LEU C 12 7.88 44.77 -26.22
N LEU C 13 8.45 43.84 -25.47
CA LEU C 13 7.68 42.74 -24.93
C LEU C 13 8.10 42.49 -23.49
N LEU C 14 7.12 42.25 -22.63
CA LEU C 14 7.39 41.91 -21.24
C LEU C 14 7.12 40.45 -21.00
N ILE C 15 8.07 39.77 -20.37
CA ILE C 15 7.87 38.37 -20.08
C ILE C 15 8.33 38.02 -18.68
N GLY C 16 7.87 36.88 -18.18
CA GLY C 16 8.18 36.47 -16.84
C GLY C 16 7.13 35.59 -16.19
N ASP C 17 7.49 35.02 -15.05
CA ASP C 17 6.59 34.13 -14.35
C ASP C 17 5.29 34.84 -14.03
N SER C 18 4.23 34.06 -13.89
CA SER C 18 2.93 34.62 -13.61
C SER C 18 2.95 35.35 -12.27
N GLY C 19 2.42 36.56 -12.26
CA GLY C 19 2.23 37.29 -11.03
C GLY C 19 3.38 38.15 -10.55
N VAL C 20 4.39 38.35 -11.38
CA VAL C 20 5.57 39.09 -10.95
C VAL C 20 5.39 40.58 -11.09
N GLY C 21 4.44 41.00 -11.90
CA GLY C 21 4.08 42.39 -11.96
C GLY C 21 4.22 43.01 -13.33
N LYS C 22 4.28 42.17 -14.34
CA LYS C 22 4.40 42.67 -15.69
C LYS C 22 3.30 43.66 -16.02
N SER C 23 2.06 43.24 -15.89
CA SER C 23 0.94 44.10 -16.24
C SER C 23 0.97 45.36 -15.38
N CYS C 24 1.22 45.19 -14.10
CA CYS C 24 1.27 46.33 -13.21
C CYS C 24 2.34 47.33 -13.66
N LEU C 25 3.45 46.81 -14.19
CA LEU C 25 4.51 47.68 -14.66
C LEU C 25 4.09 48.49 -15.87
N LEU C 26 3.46 47.82 -16.82
CA LEU C 26 3.04 48.44 -18.04
C LEU C 26 1.96 49.48 -17.80
N LEU C 27 1.13 49.27 -16.80
CA LEU C 27 0.07 50.20 -16.51
C LEU C 27 0.66 51.42 -15.86
N ARG C 28 1.71 51.21 -15.09
CA ARG C 28 2.35 52.32 -14.42
C ARG C 28 3.02 53.20 -15.44
N PHE C 29 3.69 52.57 -16.37
CA PHE C 29 4.41 53.32 -17.38
C PHE C 29 3.46 54.05 -18.29
N ALA C 30 2.43 53.37 -18.71
CA ALA C 30 1.51 53.90 -19.69
C ALA C 30 0.55 54.92 -19.10
N ASP C 31 -0.03 54.63 -17.95
CA ASP C 31 -1.10 55.47 -17.44
C ASP C 31 -0.80 56.02 -16.07
N ASP C 32 0.42 55.80 -15.60
CA ASP C 32 0.82 56.34 -14.32
C ASP C 32 -0.18 55.99 -13.24
N THR C 33 -0.60 54.73 -13.18
CA THR C 33 -1.59 54.32 -12.21
C THR C 33 -1.40 52.85 -11.82
N TYR C 34 -1.93 52.48 -10.67
CA TYR C 34 -1.72 51.15 -10.12
C TYR C 34 -2.98 50.63 -9.47
N THR C 35 -3.47 49.49 -9.93
CA THR C 35 -4.63 48.85 -9.32
C THR C 35 -4.21 47.64 -8.52
N GLU C 36 -4.82 47.46 -7.35
CA GLU C 36 -4.47 46.34 -6.51
C GLU C 36 -5.26 45.09 -6.87
N SER C 37 -6.17 45.22 -7.81
CA SER C 37 -7.06 44.13 -8.21
C SER C 37 -6.32 42.94 -8.78
N TYR C 38 -6.72 41.74 -8.34
CA TYR C 38 -6.06 40.50 -8.73
C TYR C 38 -6.56 39.98 -10.05
N ILE C 39 -6.03 40.52 -11.13
CA ILE C 39 -6.40 40.10 -12.46
C ILE C 39 -5.22 39.39 -13.08
N SER C 40 -5.51 38.42 -13.93
CA SER C 40 -4.46 37.70 -14.61
C SER C 40 -4.68 37.77 -16.10
N THR C 41 -3.59 38.06 -16.80
CA THR C 41 -3.61 38.33 -18.21
C THR C 41 -3.76 37.07 -19.04
N ILE C 42 -4.75 37.08 -19.93
CA ILE C 42 -4.90 36.02 -20.90
C ILE C 42 -4.13 36.39 -22.15
N GLY C 43 -3.24 35.51 -22.57
CA GLY C 43 -2.47 35.74 -23.78
C GLY C 43 -1.56 36.95 -23.75
N VAL C 44 -1.92 37.96 -24.52
CA VAL C 44 -1.14 39.17 -24.58
C VAL C 44 -2.00 40.38 -24.72
N ASP C 45 -1.52 41.48 -24.20
CA ASP C 45 -2.14 42.77 -24.42
C ASP C 45 -1.05 43.73 -24.83
N PHE C 46 -1.42 44.97 -25.14
CA PHE C 46 -0.44 45.97 -25.52
C PHE C 46 -0.90 47.37 -25.22
N LYS C 47 0.03 48.19 -24.77
CA LYS C 47 -0.19 49.62 -24.63
C LYS C 47 0.85 50.38 -25.45
N ILE C 48 0.57 51.65 -25.72
CA ILE C 48 1.51 52.44 -26.50
C ILE C 48 1.81 53.78 -25.85
N ARG C 49 3.09 54.09 -25.69
CA ARG C 49 3.48 55.37 -25.14
C ARG C 49 4.67 55.95 -25.87
N THR C 50 4.59 57.25 -26.15
CA THR C 50 5.61 57.92 -26.93
C THR C 50 6.56 58.69 -26.03
N ILE C 51 7.83 58.48 -26.26
CA ILE C 51 8.83 59.21 -25.51
C ILE C 51 9.77 59.90 -26.46
N GLU C 52 10.56 60.81 -25.92
CA GLU C 52 11.60 61.43 -26.71
C GLU C 52 12.91 61.30 -25.96
N LEU C 53 13.82 60.55 -26.55
CA LEU C 53 15.16 60.42 -26.01
C LEU C 53 16.13 61.09 -26.96
N ASP C 54 17.03 61.90 -26.41
CA ASP C 54 18.03 62.60 -27.22
C ASP C 54 17.36 63.39 -28.34
N GLY C 55 16.38 64.19 -27.99
CA GLY C 55 15.73 65.05 -28.96
C GLY C 55 14.96 64.28 -30.02
N LYS C 56 15.21 62.97 -30.09
CA LYS C 56 14.47 62.11 -31.00
C LYS C 56 13.23 61.55 -30.33
N THR C 57 12.13 61.54 -31.07
CA THR C 57 10.85 61.12 -30.54
C THR C 57 10.58 59.65 -30.85
N ILE C 58 10.41 58.86 -29.79
CA ILE C 58 10.36 57.42 -29.93
C ILE C 58 9.00 56.84 -29.53
N LYS C 59 8.41 56.09 -30.44
CA LYS C 59 7.11 55.48 -30.19
C LYS C 59 7.28 54.07 -29.67
N LEU C 60 6.76 53.82 -28.48
CA LEU C 60 6.88 52.52 -27.87
C LEU C 60 5.60 51.72 -28.01
N GLN C 61 5.70 50.56 -28.64
CA GLN C 61 4.55 49.67 -28.78
C GLN C 61 4.77 48.46 -27.90
N ILE C 62 4.20 48.48 -26.70
CA ILE C 62 4.58 47.53 -25.67
C ILE C 62 3.57 46.42 -25.45
N TRP C 63 4.04 45.18 -25.54
CA TRP C 63 3.17 44.03 -25.40
C TRP C 63 3.39 43.30 -24.10
N ASP C 64 2.29 43.03 -23.42
CA ASP C 64 2.30 42.32 -22.16
C ASP C 64 1.98 40.87 -22.43
N THR C 65 2.67 39.96 -21.77
CA THR C 65 2.39 38.56 -21.96
C THR C 65 1.95 37.89 -20.68
N ALA C 66 1.50 36.66 -20.83
CA ALA C 66 1.00 35.85 -19.74
C ALA C 66 2.08 34.83 -19.44
N GLY C 67 2.36 34.65 -18.16
CA GLY C 67 3.43 33.78 -17.74
C GLY C 67 3.13 32.31 -17.64
N GLN C 68 1.85 31.97 -17.53
CA GLN C 68 1.44 30.58 -17.39
C GLN C 68 1.79 29.82 -18.65
N GLU C 69 2.31 28.61 -18.50
CA GLU C 69 2.77 27.82 -19.63
C GLU C 69 1.66 27.42 -20.60
N ARG C 70 0.41 27.48 -20.16
CA ARG C 70 -0.68 27.08 -21.03
C ARG C 70 -0.93 28.09 -22.13
N PHE C 71 -0.32 29.26 -22.01
CA PHE C 71 -0.46 30.31 -22.99
C PHE C 71 0.82 30.49 -23.79
N ARG C 72 1.80 29.63 -23.58
CA ARG C 72 3.10 29.84 -24.20
C ARG C 72 3.00 29.81 -25.71
N THR C 73 2.06 29.05 -26.24
CA THR C 73 1.93 28.94 -27.68
C THR C 73 1.42 30.23 -28.26
N ILE C 74 0.65 30.97 -27.49
CA ILE C 74 0.09 32.20 -28.00
C ILE C 74 1.11 33.30 -27.91
N THR C 75 1.87 33.30 -26.83
CA THR C 75 2.79 34.39 -26.57
C THR C 75 4.01 34.31 -27.44
N SER C 76 4.60 33.14 -27.53
CA SER C 76 5.86 32.98 -28.24
C SER C 76 5.81 33.62 -29.61
N SER C 77 4.63 33.68 -30.18
CA SER C 77 4.50 34.17 -31.54
C SER C 77 4.86 35.64 -31.61
N TYR C 78 4.88 36.31 -30.47
CA TYR C 78 5.14 37.73 -30.46
C TYR C 78 6.59 38.04 -30.16
N TYR C 79 7.37 37.02 -29.92
CA TYR C 79 8.77 37.19 -29.56
C TYR C 79 9.58 37.72 -30.73
N ARG C 80 9.60 36.95 -31.80
CA ARG C 80 10.52 37.18 -32.91
C ARG C 80 10.51 38.58 -33.52
N GLY C 81 9.46 39.33 -33.28
CA GLY C 81 9.28 40.60 -33.93
C GLY C 81 9.53 41.74 -32.99
N ALA C 82 10.16 41.44 -31.87
CA ALA C 82 10.39 42.45 -30.86
C ALA C 82 11.79 43.01 -30.98
N HIS C 83 11.93 44.28 -30.66
CA HIS C 83 13.22 44.92 -30.68
C HIS C 83 13.89 44.66 -29.37
N GLY C 84 13.09 44.72 -28.31
CA GLY C 84 13.59 44.51 -26.98
C GLY C 84 12.61 43.76 -26.12
N ILE C 85 13.14 42.97 -25.20
CA ILE C 85 12.31 42.17 -24.32
C ILE C 85 12.76 42.24 -22.89
N ILE C 86 11.89 42.79 -22.06
CA ILE C 86 12.17 42.92 -20.65
C ILE C 86 11.78 41.67 -19.93
N VAL C 87 12.71 41.12 -19.17
CA VAL C 87 12.43 39.93 -18.40
C VAL C 87 12.23 40.28 -16.95
N VAL C 88 11.07 39.93 -16.41
CA VAL C 88 10.71 40.38 -15.09
C VAL C 88 10.68 39.26 -14.06
N TYR C 89 11.11 39.58 -12.86
CA TYR C 89 10.97 38.66 -11.75
C TYR C 89 10.51 39.38 -10.50
N ASP C 90 10.16 38.61 -9.47
CA ASP C 90 9.66 39.16 -8.22
C ASP C 90 10.72 39.04 -7.16
N VAL C 91 11.16 40.17 -6.61
CA VAL C 91 12.27 40.10 -5.67
C VAL C 91 11.91 39.39 -4.39
N THR C 92 10.71 38.85 -4.33
CA THR C 92 10.26 38.12 -3.15
C THR C 92 9.99 36.68 -3.52
N ASP C 93 10.30 36.34 -4.75
CA ASP C 93 9.99 35.02 -5.25
C ASP C 93 11.22 34.39 -5.84
N GLN C 94 11.86 33.51 -5.08
CA GLN C 94 13.12 32.96 -5.51
C GLN C 94 12.99 32.15 -6.76
N GLU C 95 11.84 31.51 -6.94
CA GLU C 95 11.61 30.69 -8.12
C GLU C 95 11.46 31.52 -9.38
N SER C 96 10.84 32.68 -9.26
CA SER C 96 10.63 33.54 -10.43
C SER C 96 11.97 34.02 -10.94
N TYR C 97 12.93 34.11 -10.05
CA TYR C 97 14.27 34.50 -10.42
C TYR C 97 15.01 33.32 -10.99
N ALA C 98 14.75 32.14 -10.46
CA ALA C 98 15.45 30.98 -10.92
C ALA C 98 14.95 30.62 -12.29
N ASN C 99 13.81 31.16 -12.65
CA ASN C 99 13.19 30.81 -13.91
C ASN C 99 13.63 31.73 -15.00
N VAL C 100 14.28 32.81 -14.62
CA VAL C 100 14.79 33.75 -15.59
C VAL C 100 15.71 33.04 -16.55
N LYS C 101 16.40 32.03 -16.04
CA LYS C 101 17.30 31.24 -16.85
C LYS C 101 16.54 30.61 -17.99
N GLN C 102 15.35 30.14 -17.69
CA GLN C 102 14.55 29.44 -18.67
C GLN C 102 13.87 30.41 -19.58
N TRP C 103 13.51 31.57 -19.04
CA TRP C 103 12.90 32.61 -19.83
C TRP C 103 13.87 33.15 -20.85
N LEU C 104 15.16 33.04 -20.57
CA LEU C 104 16.16 33.52 -21.48
C LEU C 104 16.36 32.51 -22.58
N GLN C 105 16.02 31.28 -22.28
CA GLN C 105 16.05 30.24 -23.28
C GLN C 105 14.95 30.46 -24.29
N GLU C 106 13.80 30.93 -23.84
CA GLU C 106 12.66 31.10 -24.71
C GLU C 106 12.93 32.21 -25.68
N ILE C 107 13.80 33.13 -25.29
CA ILE C 107 14.16 34.20 -26.16
C ILE C 107 15.09 33.66 -27.22
N ASP C 108 16.02 32.81 -26.79
CA ASP C 108 16.98 32.26 -27.71
C ASP C 108 16.29 31.40 -28.73
N ARG C 109 15.01 31.15 -28.52
CA ARG C 109 14.31 30.22 -29.37
C ARG C 109 13.28 30.87 -30.26
N TYR C 110 12.62 31.91 -29.77
CA TYR C 110 11.58 32.52 -30.57
C TYR C 110 11.96 33.91 -31.00
N ALA C 111 12.93 34.50 -30.33
CA ALA C 111 13.24 35.89 -30.57
C ALA C 111 14.31 36.06 -31.63
N SER C 112 14.39 37.27 -32.18
CA SER C 112 15.37 37.58 -33.19
C SER C 112 16.77 37.49 -32.62
N GLU C 113 17.71 37.14 -33.47
CA GLU C 113 19.07 36.87 -33.03
C GLU C 113 19.66 38.00 -32.21
N ASN C 114 19.42 39.23 -32.63
CA ASN C 114 20.07 40.36 -31.97
C ASN C 114 19.13 41.27 -31.21
N VAL C 115 18.15 40.66 -30.56
CA VAL C 115 17.18 41.41 -29.80
C VAL C 115 17.81 41.93 -28.54
N ASN C 116 17.30 43.06 -28.07
CA ASN C 116 17.77 43.66 -26.84
C ASN C 116 17.05 43.09 -25.63
N LYS C 117 17.82 42.81 -24.60
CA LYS C 117 17.27 42.24 -23.39
C LYS C 117 17.31 43.25 -22.25
N LEU C 118 16.63 42.94 -21.16
CA LEU C 118 16.68 43.78 -19.97
C LEU C 118 16.07 43.05 -18.78
N LEU C 119 16.85 42.95 -17.72
CA LEU C 119 16.44 42.21 -16.54
C LEU C 119 15.90 43.11 -15.45
N VAL C 120 14.72 42.78 -14.95
CA VAL C 120 14.06 43.60 -13.95
C VAL C 120 13.59 42.81 -12.76
N GLY C 121 13.76 43.40 -11.58
CA GLY C 121 13.25 42.82 -10.35
C GLY C 121 12.24 43.75 -9.77
N ASN C 122 10.99 43.31 -9.71
CA ASN C 122 9.91 44.17 -9.29
C ASN C 122 9.58 43.98 -7.82
N LYS C 123 8.70 44.83 -7.32
CA LYS C 123 8.22 44.73 -5.95
C LYS C 123 9.33 45.01 -4.98
N SER C 124 10.13 46.03 -5.27
CA SER C 124 11.28 46.36 -4.47
C SER C 124 10.82 47.04 -3.20
N ASP C 125 9.55 47.44 -3.20
CA ASP C 125 8.96 48.17 -2.10
C ASP C 125 8.69 47.27 -0.92
N LEU C 126 8.74 45.97 -1.16
CA LEU C 126 8.49 44.98 -0.13
C LEU C 126 9.79 44.60 0.51
N THR C 127 10.36 45.57 1.21
CA THR C 127 11.65 45.45 1.84
C THR C 127 11.79 44.23 2.72
N THR C 128 10.74 43.94 3.47
CA THR C 128 10.81 42.90 4.48
C THR C 128 10.85 41.52 3.88
N LYS C 129 10.18 41.36 2.75
CA LYS C 129 10.06 40.03 2.16
C LYS C 129 11.05 39.79 1.04
N LYS C 130 11.82 40.81 0.68
CA LYS C 130 12.80 40.69 -0.38
C LYS C 130 13.71 39.51 -0.11
N VAL C 131 14.03 38.77 -1.15
CA VAL C 131 14.71 37.50 -0.98
C VAL C 131 15.74 37.26 -2.08
N VAL C 132 15.78 38.17 -3.05
CA VAL C 132 16.80 38.12 -4.07
C VAL C 132 17.72 39.30 -3.90
N ASP C 133 18.93 39.05 -3.42
CA ASP C 133 19.89 40.12 -3.30
C ASP C 133 20.14 40.68 -4.68
N ASN C 134 19.88 41.96 -4.85
CA ASN C 134 20.12 42.58 -6.13
C ASN C 134 21.54 42.28 -6.61
N THR C 135 22.52 42.66 -5.80
CA THR C 135 23.91 42.37 -6.10
C THR C 135 24.07 41.05 -6.84
N THR C 136 23.46 39.99 -6.32
CA THR C 136 23.55 38.69 -6.95
C THR C 136 22.97 38.79 -8.34
N ALA C 137 22.06 39.74 -8.51
CA ALA C 137 21.33 39.85 -9.76
C ALA C 137 22.08 40.68 -10.76
N LYS C 138 22.75 41.72 -10.28
CA LYS C 138 23.55 42.58 -11.15
C LYS C 138 24.66 41.78 -11.78
N GLU C 139 25.25 40.88 -11.01
CA GLU C 139 26.31 40.07 -11.53
C GLU C 139 25.82 39.26 -12.70
N PHE C 140 24.75 38.51 -12.48
CA PHE C 140 24.20 37.67 -13.53
C PHE C 140 23.94 38.47 -14.79
N ALA C 141 23.34 39.63 -14.62
CA ALA C 141 23.07 40.52 -15.74
C ALA C 141 24.34 40.92 -16.44
N ASP C 142 25.37 41.17 -15.66
CA ASP C 142 26.65 41.58 -16.24
C ASP C 142 27.24 40.42 -16.99
N SER C 143 27.03 39.22 -16.49
CA SER C 143 27.61 38.06 -17.12
C SER C 143 27.03 37.83 -18.50
N LEU C 144 26.03 38.63 -18.86
CA LEU C 144 25.37 38.45 -20.14
C LEU C 144 25.39 39.72 -20.95
N GLY C 145 25.91 40.78 -20.37
CA GLY C 145 25.96 42.05 -21.04
C GLY C 145 24.59 42.66 -21.12
N ILE C 146 23.81 42.45 -20.07
CA ILE C 146 22.47 42.98 -20.03
C ILE C 146 22.35 43.95 -18.88
N PRO C 147 21.56 45.01 -19.07
CA PRO C 147 21.30 46.00 -18.03
C PRO C 147 20.30 45.50 -17.01
N PHE C 148 20.40 46.03 -15.81
CA PHE C 148 19.60 45.55 -14.70
C PHE C 148 18.98 46.70 -13.93
N LEU C 149 18.02 46.39 -13.08
CA LEU C 149 17.25 47.45 -12.46
C LEU C 149 16.21 46.85 -11.54
N GLU C 150 15.93 47.53 -10.43
CA GLU C 150 14.90 47.08 -9.51
C GLU C 150 13.76 48.06 -9.46
N THR C 151 12.55 47.55 -9.62
CA THR C 151 11.39 48.42 -9.71
C THR C 151 10.36 48.17 -8.63
N SER C 152 9.50 49.15 -8.43
CA SER C 152 8.25 48.95 -7.74
C SER C 152 7.17 49.65 -8.54
N ALA C 153 6.29 48.85 -9.14
CA ALA C 153 5.22 49.39 -9.95
C ALA C 153 4.23 50.11 -9.08
N LYS C 154 4.21 49.73 -7.82
CA LYS C 154 3.30 50.31 -6.86
C LYS C 154 3.82 51.69 -6.46
N ASN C 155 5.10 51.75 -6.12
CA ASN C 155 5.73 53.02 -5.78
C ASN C 155 6.12 53.83 -6.99
N ALA C 156 6.40 53.14 -8.09
CA ALA C 156 6.74 53.80 -9.35
C ALA C 156 8.25 54.00 -9.45
N THR C 157 8.96 53.48 -8.47
CA THR C 157 10.41 53.53 -8.42
C THR C 157 11.06 52.81 -9.58
N ASN C 158 11.89 53.54 -10.32
CA ASN C 158 12.73 52.98 -11.36
C ASN C 158 11.97 52.45 -12.56
N VAL C 159 10.68 52.74 -12.61
CA VAL C 159 9.86 52.20 -13.68
C VAL C 159 10.08 52.93 -14.98
N GLU C 160 10.05 54.25 -14.91
CA GLU C 160 10.28 55.02 -16.11
C GLU C 160 11.70 54.79 -16.65
N GLN C 161 12.67 54.70 -15.76
CA GLN C 161 14.04 54.45 -16.17
C GLN C 161 14.13 53.15 -16.94
N ALA C 162 13.57 52.09 -16.38
CA ALA C 162 13.65 50.77 -16.98
C ALA C 162 13.29 50.77 -18.44
N PHE C 163 12.14 51.34 -18.77
CA PHE C 163 11.68 51.36 -20.13
C PHE C 163 12.56 52.24 -21.00
N MET C 164 13.08 53.31 -20.42
CA MET C 164 13.89 54.27 -21.15
C MET C 164 15.21 53.64 -21.50
N THR C 165 15.80 52.90 -20.57
CA THR C 165 17.09 52.29 -20.81
C THR C 165 17.00 51.21 -21.87
N MET C 166 15.87 50.52 -21.95
CA MET C 166 15.64 49.56 -23.02
C MET C 166 15.52 50.31 -24.32
N ALA C 167 14.84 51.45 -24.27
CA ALA C 167 14.67 52.31 -25.42
C ALA C 167 16.01 52.79 -25.94
N ALA C 168 16.87 53.16 -25.01
CA ALA C 168 18.16 53.70 -25.33
C ALA C 168 19.06 52.65 -25.96
N GLU C 169 18.99 51.44 -25.45
CA GLU C 169 19.82 50.39 -25.98
C GLU C 169 19.41 49.98 -27.39
N ILE C 170 18.16 50.18 -27.72
CA ILE C 170 17.71 49.81 -29.04
C ILE C 170 18.15 50.88 -29.99
N LYS C 171 17.94 52.12 -29.60
CA LYS C 171 18.35 53.23 -30.43
C LYS C 171 19.81 53.11 -30.74
N LYS C 172 20.53 52.48 -29.83
CA LYS C 172 21.96 52.32 -29.99
C LYS C 172 22.22 51.20 -30.97
N ARG C 173 21.43 50.15 -30.87
CA ARG C 173 21.57 49.02 -31.77
C ARG C 173 21.03 49.37 -33.15
N MET C 174 19.94 50.12 -33.19
CA MET C 174 19.44 50.60 -34.46
C MET C 174 20.55 51.33 -35.19
N GLY C 175 21.25 52.19 -34.48
CA GLY C 175 22.30 52.99 -35.08
C GLY C 175 23.49 52.23 -35.63
N LEU C 176 23.89 51.17 -34.93
CA LEU C 176 25.00 50.36 -35.38
C LEU C 176 24.59 49.56 -36.59
N GLU C 177 23.30 49.26 -36.69
CA GLU C 177 22.80 48.48 -37.80
C GLU C 177 22.74 49.30 -39.07
N VAL C 178 22.47 50.57 -38.93
CA VAL C 178 22.47 51.43 -40.10
C VAL C 178 23.88 51.71 -40.53
N LEU C 179 24.80 51.59 -39.58
CA LEU C 179 26.16 52.01 -39.78
C LEU C 179 27.00 50.95 -40.46
N PHE C 180 27.15 49.80 -39.82
CA PHE C 180 28.00 48.74 -40.34
C PHE C 180 27.20 47.71 -41.08
N GLN C 181 27.90 46.80 -41.76
CA GLN C 181 27.23 45.77 -42.54
C GLN C 181 27.11 44.48 -41.75
N LYS D 11 14.89 2.94 67.48
CA LYS D 11 15.07 1.83 66.56
C LYS D 11 14.85 2.31 65.13
N PRO D 12 15.69 3.23 64.67
CA PRO D 12 15.52 3.96 63.42
C PRO D 12 15.84 3.11 62.19
N LEU D 13 15.13 3.36 61.10
CA LEU D 13 15.31 2.54 59.91
C LEU D 13 15.37 3.30 58.59
N THR D 14 15.67 4.58 58.62
CA THR D 14 15.63 5.34 57.39
C THR D 14 16.35 4.55 56.34
N LEU D 15 15.91 4.71 55.09
CA LEU D 15 16.34 3.82 54.03
C LEU D 15 17.68 4.21 53.44
N LEU D 16 18.53 3.20 53.33
CA LEU D 16 19.95 3.43 53.18
C LEU D 16 20.44 3.63 51.75
N MET D 17 21.19 4.72 51.62
CA MET D 17 21.51 5.34 50.35
C MET D 17 22.51 4.61 49.43
N THR D 18 23.71 4.32 49.90
CA THR D 18 24.73 3.82 48.97
C THR D 18 25.34 2.46 49.27
N SER D 19 24.66 1.42 48.83
CA SER D 19 25.31 0.19 48.44
C SER D 19 24.87 0.11 47.00
N SER D 20 24.46 1.27 46.50
CA SER D 20 24.05 1.51 45.12
C SER D 20 24.18 2.98 44.73
N THR D 21 24.60 3.25 43.50
CA THR D 21 24.68 4.61 42.99
C THR D 21 23.98 4.73 41.64
N SER D 22 23.19 3.72 41.33
CA SER D 22 22.42 3.69 40.12
C SER D 22 21.02 3.21 40.45
N PHE D 23 20.03 3.94 39.96
CA PHE D 23 18.64 3.68 40.30
C PHE D 23 18.27 2.20 40.41
N SER D 24 18.62 1.41 39.40
CA SER D 24 18.14 0.03 39.36
C SER D 24 18.65 -0.78 40.54
N GLU D 25 19.94 -0.67 40.81
CA GLU D 25 20.55 -1.35 41.93
C GLU D 25 20.14 -0.70 43.25
N THR D 26 20.25 0.62 43.30
CA THR D 26 19.87 1.35 44.50
C THR D 26 18.45 1.05 44.93
N ILE D 27 17.61 0.58 44.03
CA ILE D 27 16.28 0.20 44.43
C ILE D 27 16.39 -1.00 45.35
N ASN D 28 17.19 -1.96 44.94
CA ASN D 28 17.19 -3.27 45.56
C ASN D 28 18.06 -3.38 46.80
N GLN D 29 18.97 -2.43 46.98
CA GLN D 29 19.56 -2.24 48.29
C GLN D 29 18.41 -1.81 49.19
N TRP D 30 17.39 -1.19 48.59
CA TRP D 30 16.23 -0.75 49.33
C TRP D 30 15.15 -1.81 49.34
N ALA D 31 14.82 -2.32 48.16
CA ALA D 31 13.97 -3.49 48.11
C ALA D 31 14.54 -4.49 49.09
N ASP D 32 15.85 -4.76 48.97
CA ASP D 32 16.52 -5.70 49.88
C ASP D 32 16.06 -5.58 51.33
N ILE D 33 16.22 -4.38 51.89
CA ILE D 33 16.01 -4.15 53.32
C ILE D 33 14.57 -3.79 53.69
N LEU D 34 13.72 -3.70 52.67
CA LEU D 34 12.28 -3.68 52.86
C LEU D 34 11.78 -5.05 52.49
N LYS D 35 12.69 -5.90 52.03
CA LYS D 35 12.39 -7.30 51.86
C LYS D 35 12.72 -7.98 53.17
N THR D 36 13.70 -7.42 53.88
CA THR D 36 14.00 -7.85 55.23
C THR D 36 13.03 -7.18 56.20
N MET D 39 9.20 -5.92 59.68
CA MET D 39 9.91 -5.43 60.84
C MET D 39 9.24 -4.17 61.35
N GLU D 40 9.49 -3.86 62.61
CA GLU D 40 8.63 -2.96 63.36
C GLU D 40 8.98 -1.49 63.21
N LYS D 41 10.26 -1.19 63.43
CA LYS D 41 10.70 0.15 63.80
C LYS D 41 10.29 1.26 62.84
N PHE D 44 11.36 4.57 62.21
CA PHE D 44 11.66 4.93 60.83
C PHE D 44 11.65 6.42 60.64
N ASP D 45 12.79 7.00 60.35
CA ASP D 45 12.84 8.39 59.95
C ASP D 45 13.08 8.44 58.45
N SER D 46 12.05 8.80 57.69
CA SER D 46 12.20 8.92 56.26
C SER D 46 12.81 10.26 56.02
N ASN D 47 12.76 11.07 57.07
CA ASN D 47 13.25 12.43 57.03
C ASN D 47 14.70 12.53 56.55
N PRO D 48 15.51 11.53 56.86
CA PRO D 48 16.91 11.67 56.47
C PRO D 48 17.11 11.20 55.03
N ILE D 49 16.18 10.38 54.56
CA ILE D 49 16.29 9.82 53.22
C ILE D 49 16.49 10.89 52.18
N ASN D 50 17.35 10.58 51.22
CA ASN D 50 17.54 11.45 50.09
C ASN D 50 16.65 11.02 48.94
N LEU D 51 15.50 11.67 48.82
CA LEU D 51 14.65 11.47 47.69
C LEU D 51 15.27 12.25 46.54
N LEU D 52 15.70 13.48 46.84
CA LEU D 52 16.31 14.31 45.83
C LEU D 52 17.46 13.61 45.14
N GLU D 53 18.19 12.78 45.87
CA GLU D 53 19.26 12.07 45.25
C GLU D 53 18.63 10.99 44.42
N LEU D 54 17.49 10.53 44.88
CA LEU D 54 16.82 9.46 44.20
C LEU D 54 16.30 10.01 42.89
N VAL D 55 15.92 11.27 42.89
CA VAL D 55 15.45 11.88 41.68
C VAL D 55 16.59 12.02 40.68
N LYS D 56 17.77 12.38 41.18
CA LYS D 56 18.95 12.48 40.34
C LYS D 56 19.29 11.15 39.68
N GLN D 57 19.11 10.07 40.40
CA GLN D 57 19.43 8.78 39.84
C GLN D 57 18.39 8.33 38.84
N PHE D 58 17.12 8.46 39.21
CA PHE D 58 16.04 8.06 38.34
C PHE D 58 16.13 8.76 37.01
N ASN D 59 16.45 10.04 37.03
CA ASN D 59 16.50 10.80 35.80
C ASN D 59 17.56 10.28 34.86
N LEU D 60 18.65 9.80 35.43
CA LEU D 60 19.68 9.17 34.65
C LEU D 60 19.19 7.85 34.12
N TYR D 61 18.47 7.13 34.96
CA TYR D 61 17.92 5.86 34.56
C TYR D 61 17.08 6.07 33.32
N VAL D 62 16.30 7.15 33.34
CA VAL D 62 15.42 7.44 32.24
C VAL D 62 16.21 7.78 31.01
N ASP D 63 17.17 8.68 31.16
CA ASP D 63 18.01 9.10 30.05
C ASP D 63 18.75 7.93 29.46
N GLU D 64 19.37 7.12 30.31
CA GLU D 64 20.11 5.96 29.85
C GLU D 64 19.20 4.94 29.18
N LEU D 65 17.98 4.80 29.66
CA LEU D 65 17.06 3.85 29.06
C LEU D 65 16.59 4.34 27.71
N ALA D 66 16.58 5.65 27.54
CA ALA D 66 16.18 6.26 26.30
C ALA D 66 17.25 6.10 25.26
N ILE D 67 18.49 6.36 25.65
CA ILE D 67 19.59 6.19 24.74
C ILE D 67 19.57 4.78 24.19
N THR D 68 19.52 3.82 25.10
CA THR D 68 19.50 2.43 24.73
C THR D 68 18.44 2.12 23.69
N CYS D 69 17.24 2.61 23.92
CA CYS D 69 16.13 2.32 23.01
C CYS D 69 16.37 2.84 21.61
N GLU D 70 16.94 4.04 21.53
CA GLU D 70 17.16 4.66 20.24
C GLU D 70 18.31 3.99 19.51
N ALA D 71 19.16 3.32 20.26
CA ALA D 71 20.33 2.69 19.67
C ALA D 71 19.96 1.32 19.13
N ASN D 72 19.09 0.62 19.83
CA ASN D 72 18.70 -0.70 19.38
C ASN D 72 17.57 -0.67 18.36
N ASN D 73 17.23 0.52 17.91
CA ASN D 73 16.24 0.66 16.87
C ASN D 73 14.91 0.13 17.33
N VAL D 74 14.64 0.26 18.62
CA VAL D 74 13.50 -0.41 19.16
C VAL D 74 12.18 0.19 18.73
N TRP D 75 12.22 1.41 18.19
CA TRP D 75 10.98 2.03 17.74
C TRP D 75 10.69 1.70 16.29
N ALA D 76 11.64 1.04 15.64
CA ALA D 76 11.47 0.61 14.27
C ALA D 76 11.01 1.77 13.39
N SER D 82 9.85 11.45 5.69
CA SER D 82 8.66 11.53 6.53
C SER D 82 8.96 10.96 7.89
N THR D 83 8.90 9.63 7.99
CA THR D 83 9.19 8.96 9.24
C THR D 83 8.54 9.67 10.39
N PRO D 84 7.24 9.94 10.29
CA PRO D 84 6.61 10.54 11.44
C PRO D 84 6.77 9.52 12.54
N ASN D 85 6.65 9.92 13.79
CA ASN D 85 6.83 8.97 14.86
C ASN D 85 5.63 8.09 15.12
N LEU D 86 5.75 7.25 16.14
CA LEU D 86 4.74 6.27 16.47
C LEU D 86 3.39 6.88 16.81
N PHE D 87 3.41 8.07 17.36
CA PHE D 87 2.21 8.64 17.94
C PHE D 87 1.52 9.62 17.00
N ALA D 88 1.97 9.65 15.77
CA ALA D 88 1.57 10.67 14.82
C ALA D 88 0.11 10.61 14.40
N LEU D 89 -0.43 9.40 14.23
CA LEU D 89 -1.79 9.26 13.77
C LEU D 89 -2.84 9.49 14.83
N TYR D 90 -2.43 9.82 16.05
CA TYR D 90 -3.36 9.93 17.14
C TYR D 90 -3.48 11.36 17.65
N ASP D 91 -3.06 12.31 16.83
CA ASP D 91 -3.05 13.71 17.24
C ASP D 91 -4.36 14.39 16.92
N ASN D 92 -5.05 14.85 17.96
CA ASN D 92 -6.32 15.53 17.77
C ASN D 92 -6.22 16.97 18.20
N SER D 93 -4.99 17.46 18.30
CA SER D 93 -4.73 18.75 18.90
C SER D 93 -5.07 19.90 17.97
N GLY D 94 -5.16 19.61 16.69
CA GLY D 94 -5.48 20.65 15.73
C GLY D 94 -4.35 21.64 15.64
N GLY D 95 -3.15 21.18 15.97
CA GLY D 95 -1.97 22.00 15.87
C GLY D 95 -1.95 23.10 16.90
N GLU D 96 -2.85 22.99 17.86
CA GLU D 96 -2.91 23.99 18.91
C GLU D 96 -1.89 23.65 19.97
N ALA D 97 -1.51 24.66 20.75
CA ALA D 97 -0.53 24.47 21.79
C ALA D 97 -1.23 24.05 23.05
N ILE D 98 -0.86 22.88 23.56
CA ILE D 98 -1.43 22.38 24.79
C ILE D 98 -0.46 22.61 25.92
N HIS D 99 -0.81 23.51 26.83
CA HIS D 99 0.05 23.86 27.94
C HIS D 99 1.48 23.99 27.52
N GLY D 100 1.75 24.91 26.61
CA GLY D 100 3.12 25.26 26.29
C GLY D 100 3.77 24.45 25.21
N HIS D 101 3.13 23.35 24.83
CA HIS D 101 3.69 22.49 23.81
C HIS D 101 2.69 22.22 22.71
N ALA D 102 3.16 22.27 21.48
CA ALA D 102 2.33 21.87 20.37
C ALA D 102 2.83 20.54 19.87
N PHE D 103 1.99 19.85 19.13
CA PHE D 103 2.34 18.53 18.68
C PHE D 103 3.18 18.60 17.43
N VAL D 104 4.30 17.91 17.44
CA VAL D 104 5.14 17.84 16.27
C VAL D 104 5.41 16.39 15.94
N PRO D 105 4.92 15.93 14.80
CA PRO D 105 4.97 14.52 14.50
C PRO D 105 6.38 14.03 14.20
N TYR D 106 7.38 14.88 14.39
CA TYR D 106 8.74 14.50 14.04
C TYR D 106 9.64 14.37 15.24
N TYR D 107 9.06 14.48 16.43
CA TYR D 107 9.79 14.22 17.65
C TYR D 107 10.25 12.79 17.60
N LYS D 108 11.45 12.54 18.12
CA LYS D 108 11.92 11.17 18.23
C LYS D 108 11.33 10.58 19.48
N GLU D 109 10.95 9.31 19.41
CA GLU D 109 10.24 8.66 20.49
C GLU D 109 11.00 8.72 21.79
N SER D 110 12.32 8.72 21.70
CA SER D 110 13.15 8.67 22.88
C SER D 110 13.22 10.01 23.56
N ILE D 111 12.83 11.06 22.84
CA ILE D 111 12.80 12.37 23.44
C ILE D 111 11.47 12.57 24.12
N VAL D 112 10.44 12.05 23.50
CA VAL D 112 9.12 12.06 24.10
C VAL D 112 9.15 11.29 25.39
N LEU D 113 9.85 10.16 25.35
CA LEU D 113 10.12 9.35 26.52
C LEU D 113 10.69 10.23 27.59
N ARG D 114 11.81 10.86 27.28
CA ARG D 114 12.44 11.69 28.27
C ARG D 114 11.46 12.70 28.79
N ARG D 115 10.91 13.50 27.90
CA ARG D 115 10.04 14.58 28.33
C ARG D 115 8.92 14.08 29.22
N LEU D 116 8.50 12.85 29.03
CA LEU D 116 7.30 12.36 29.70
C LEU D 116 7.52 11.82 31.11
N PHE D 117 8.73 11.36 31.41
CA PHE D 117 8.97 10.66 32.65
C PHE D 117 10.08 11.24 33.51
N THR D 118 10.73 12.32 33.08
CA THR D 118 11.78 12.90 33.93
C THR D 118 11.22 13.83 34.98
N VAL D 119 11.61 13.56 36.21
CA VAL D 119 11.08 14.23 37.38
C VAL D 119 11.81 15.51 37.69
N ASP D 120 11.05 16.55 38.01
CA ASP D 120 11.64 17.82 38.34
C ASP D 120 12.11 17.80 39.78
N PRO D 121 13.35 18.23 40.01
CA PRO D 121 13.96 18.17 41.33
C PRO D 121 13.40 19.23 42.24
N ASN D 122 12.87 20.28 41.64
CA ASN D 122 12.36 21.39 42.41
C ASN D 122 10.92 21.18 42.88
N THR D 123 10.21 20.25 42.28
CA THR D 123 8.82 20.00 42.68
C THR D 123 8.53 18.53 42.91
N PHE D 124 9.38 17.68 42.34
CA PHE D 124 9.16 16.26 42.40
C PHE D 124 7.97 15.85 41.59
N ASN D 125 7.55 16.73 40.70
CA ASN D 125 6.50 16.42 39.77
C ASN D 125 7.02 16.44 38.36
N LEU D 126 6.12 16.36 37.39
CA LEU D 126 6.52 16.35 36.00
C LEU D 126 6.43 17.72 35.39
N SER D 127 7.36 18.04 34.51
CA SER D 127 7.16 19.18 33.64
C SER D 127 6.24 18.71 32.54
N ARG D 128 5.36 19.57 32.09
CA ARG D 128 4.33 19.15 31.17
C ARG D 128 4.81 18.95 29.75
N PHE D 129 4.40 17.83 29.19
CA PHE D 129 4.61 17.53 27.79
C PHE D 129 3.25 17.11 27.30
N ALA D 130 2.35 18.07 27.22
CA ALA D 130 0.93 17.77 27.16
C ALA D 130 0.43 17.27 25.82
N ALA D 131 1.09 17.68 24.75
CA ALA D 131 0.61 17.39 23.42
C ALA D 131 0.81 15.94 23.06
N PHE D 132 1.55 15.23 23.90
CA PHE D 132 1.82 13.83 23.65
C PHE D 132 1.15 12.94 24.65
N GLU D 133 0.55 13.57 25.64
CA GLU D 133 -0.10 12.86 26.73
C GLU D 133 -1.23 11.99 26.22
N GLY D 134 -1.99 12.52 25.28
CA GLY D 134 -3.16 11.83 24.76
C GLY D 134 -2.85 10.84 23.66
N PRO D 135 -2.11 11.28 22.65
CA PRO D 135 -1.70 10.41 21.55
C PRO D 135 -0.95 9.21 22.05
N CYS D 136 -0.21 9.37 23.14
CA CYS D 136 0.55 8.26 23.67
C CYS D 136 -0.38 7.26 24.31
N GLN D 137 -1.29 7.74 25.14
CA GLN D 137 -2.27 6.85 25.74
C GLN D 137 -3.00 6.08 24.66
N LEU D 138 -3.51 6.79 23.67
CA LEU D 138 -4.19 6.11 22.58
C LEU D 138 -3.30 5.05 21.99
N TYR D 139 -2.06 5.41 21.70
CA TYR D 139 -1.15 4.43 21.14
C TYR D 139 -1.00 3.23 22.06
N CYS D 140 -1.06 3.46 23.36
CA CYS D 140 -0.91 2.38 24.30
C CYS D 140 -2.08 1.43 24.19
N ALA D 141 -3.27 1.98 24.07
CA ALA D 141 -4.48 1.18 24.04
C ALA D 141 -4.55 0.30 22.80
N ALA D 142 -3.78 0.66 21.78
CA ALA D 142 -3.87 -0.05 20.51
C ALA D 142 -2.68 -0.99 20.28
N HIS D 143 -1.70 -0.93 21.18
CA HIS D 143 -0.55 -1.81 21.08
C HIS D 143 -0.07 -2.23 22.46
N ALA D 144 -0.85 -3.08 23.12
CA ALA D 144 -0.57 -3.44 24.50
C ALA D 144 0.70 -4.24 24.64
N ASP D 145 1.12 -4.90 23.57
CA ASP D 145 2.30 -5.73 23.63
C ASP D 145 3.53 -4.90 23.38
N SER D 146 3.32 -3.68 22.88
CA SER D 146 4.41 -2.82 22.47
C SER D 146 5.49 -2.63 23.50
N ALA D 147 6.64 -2.15 23.03
CA ALA D 147 7.74 -1.81 23.89
C ALA D 147 7.42 -0.58 24.69
N TRP D 148 6.72 0.35 24.05
CA TRP D 148 6.44 1.61 24.69
C TRP D 148 5.70 1.37 25.99
N VAL D 149 4.75 0.45 25.96
CA VAL D 149 3.99 0.16 27.15
C VAL D 149 4.86 -0.40 28.24
N LYS D 150 5.66 -1.39 27.89
CA LYS D 150 6.52 -2.01 28.85
C LYS D 150 7.44 -0.99 29.44
N ILE D 151 7.75 0.03 28.67
CA ILE D 151 8.63 1.05 29.19
C ILE D 151 7.85 1.98 30.08
N GLN D 152 6.62 2.30 29.68
CA GLN D 152 5.80 3.17 30.49
C GLN D 152 5.58 2.49 31.80
N THR D 153 5.17 1.24 31.74
CA THR D 153 4.94 0.52 32.96
C THR D 153 6.11 0.70 33.91
N LEU D 154 7.31 0.57 33.38
CA LEU D 154 8.50 0.64 34.21
C LEU D 154 8.72 2.02 34.79
N LEU D 155 8.79 3.00 33.92
CA LEU D 155 9.18 4.34 34.35
C LEU D 155 8.09 4.98 35.16
N THR D 156 6.87 4.48 35.00
CA THR D 156 5.76 5.04 35.73
C THR D 156 5.90 4.62 37.17
N LEU D 157 6.38 3.41 37.35
CA LEU D 157 6.60 2.86 38.68
C LEU D 157 7.74 3.59 39.36
N GLY D 158 8.66 4.09 38.55
CA GLY D 158 9.77 4.87 39.05
C GLY D 158 9.31 6.20 39.58
N ASN D 159 8.47 6.87 38.81
CA ASN D 159 7.76 8.06 39.26
C ASN D 159 7.01 7.77 40.53
N GLY D 160 6.24 6.68 40.53
CA GLY D 160 5.48 6.27 41.69
C GLY D 160 6.29 6.11 42.96
N ILE D 161 7.30 5.24 42.92
CA ILE D 161 8.19 5.06 44.05
C ILE D 161 8.65 6.41 44.58
N ILE D 162 9.08 7.28 43.68
CA ILE D 162 9.48 8.62 44.06
C ILE D 162 8.35 9.29 44.82
N ASN D 163 7.16 9.25 44.26
CA ASN D 163 6.02 9.92 44.85
C ASN D 163 5.71 9.37 46.22
N THR D 164 5.54 8.06 46.28
CA THR D 164 5.22 7.44 47.54
C THR D 164 6.18 7.89 48.65
N LEU D 165 7.44 8.04 48.32
CA LEU D 165 8.42 8.48 49.29
C LEU D 165 8.13 9.90 49.74
N LYS D 166 7.72 10.73 48.80
CA LYS D 166 7.43 12.12 49.10
C LYS D 166 6.29 12.17 50.07
N ILE D 167 5.21 11.48 49.73
CA ILE D 167 4.05 11.41 50.57
C ILE D 167 4.45 10.97 51.95
N ILE D 168 5.03 9.77 52.02
CA ILE D 168 5.43 9.18 53.28
C ILE D 168 6.17 10.15 54.17
N LYS D 169 7.07 10.93 53.59
CA LYS D 169 7.83 11.85 54.39
C LYS D 169 6.93 12.84 55.07
N GLN D 170 6.04 13.46 54.30
CA GLN D 170 5.20 14.50 54.87
C GLN D 170 4.04 13.98 55.71
N ALA D 171 3.52 12.80 55.35
CA ALA D 171 2.48 12.17 56.14
C ALA D 171 2.97 11.98 57.55
N GLN D 172 4.03 11.19 57.68
CA GLN D 172 4.76 11.08 58.91
C GLN D 172 4.98 12.47 59.52
N ALA D 173 5.54 13.38 58.73
CA ALA D 173 5.83 14.72 59.22
C ALA D 173 4.60 15.44 59.72
N PHE D 174 3.43 14.95 59.36
CA PHE D 174 2.19 15.65 59.68
C PHE D 174 1.39 14.93 60.75
N GLY D 175 1.67 13.65 60.92
CA GLY D 175 0.96 12.83 61.88
C GLY D 175 0.44 11.60 61.16
N ILE D 176 -0.81 11.67 60.74
CA ILE D 176 -1.33 10.73 59.77
C ILE D 176 -0.68 9.35 59.84
N ASP D 177 -0.58 8.82 61.05
CA ASP D 177 -0.10 7.46 61.22
C ASP D 177 -0.74 6.52 60.23
N GLU D 178 -1.98 6.81 59.86
CA GLU D 178 -2.65 5.98 58.87
C GLU D 178 -1.88 6.06 57.58
N ALA D 179 -1.29 7.22 57.34
CA ALA D 179 -0.72 7.53 56.04
C ALA D 179 0.69 7.00 55.92
N VAL D 180 1.51 7.28 56.92
CA VAL D 180 2.87 6.77 56.96
C VAL D 180 2.89 5.26 56.96
N THR D 181 1.72 4.65 57.14
CA THR D 181 1.64 3.20 57.21
C THR D 181 1.11 2.53 55.94
N GLU D 182 -0.10 2.88 55.53
CA GLU D 182 -0.75 2.25 54.39
C GLU D 182 0.01 2.39 53.08
N ASN D 183 0.68 3.52 52.89
CA ASN D 183 1.60 3.69 51.78
C ASN D 183 2.78 2.75 51.91
N LEU D 184 3.49 2.88 53.02
CA LEU D 184 4.73 2.16 53.23
C LEU D 184 4.54 0.70 52.90
N LYS D 185 3.34 0.19 53.07
CA LYS D 185 3.08 -1.17 52.65
C LYS D 185 3.20 -1.16 51.15
N ALA D 186 2.76 -0.07 50.55
CA ALA D 186 2.67 -0.01 49.11
C ALA D 186 4.02 0.32 48.50
N LEU D 187 4.69 1.35 49.00
CA LEU D 187 6.03 1.66 48.54
C LEU D 187 6.77 0.37 48.28
N LYS D 188 6.74 -0.51 49.25
CA LYS D 188 7.45 -1.76 49.09
C LYS D 188 6.85 -2.53 47.94
N GLU D 189 5.53 -2.63 47.94
CA GLU D 189 4.83 -3.41 46.94
C GLU D 189 5.17 -2.94 45.53
N GLN D 190 5.59 -1.70 45.39
CA GLN D 190 5.90 -1.18 44.07
C GLN D 190 7.24 -1.71 43.63
N PHE D 191 8.15 -1.81 44.59
CA PHE D 191 9.45 -2.37 44.34
C PHE D 191 9.34 -3.68 43.57
N ILE D 192 8.44 -4.55 43.99
CA ILE D 192 8.32 -5.83 43.33
C ILE D 192 7.92 -5.69 41.88
N ALA D 193 6.93 -4.85 41.60
CA ALA D 193 6.40 -4.76 40.24
C ALA D 193 7.42 -4.09 39.34
N PHE D 194 8.25 -3.25 39.93
CA PHE D 194 9.36 -2.65 39.20
C PHE D 194 10.20 -3.78 38.63
N GLN D 195 10.83 -4.51 39.53
CA GLN D 195 11.62 -5.67 39.17
C GLN D 195 10.96 -6.41 38.04
N LEU D 196 9.76 -6.92 38.27
CA LEU D 196 9.11 -7.68 37.22
C LEU D 196 9.17 -6.88 35.94
N ALA D 197 9.23 -5.56 36.07
CA ALA D 197 9.27 -4.71 34.91
C ALA D 197 10.66 -4.73 34.32
N GLU D 198 11.65 -4.41 35.14
CA GLU D 198 13.03 -4.44 34.71
C GLU D 198 13.29 -5.73 33.95
N ALA D 199 12.60 -6.78 34.33
CA ALA D 199 12.87 -8.09 33.79
C ALA D 199 12.32 -8.21 32.38
N ASP D 200 11.11 -7.71 32.20
CA ASP D 200 10.45 -7.80 30.90
C ASP D 200 11.15 -6.90 29.91
N ILE D 201 11.38 -5.66 30.33
CA ILE D 201 12.05 -4.71 29.46
C ILE D 201 13.38 -5.29 29.03
N LYS D 202 14.18 -5.71 30.01
CA LYS D 202 15.52 -6.21 29.77
C LYS D 202 15.60 -7.20 28.61
N GLU D 203 14.79 -8.25 28.67
CA GLU D 203 14.82 -9.29 27.66
C GLU D 203 14.62 -8.71 26.27
N SER D 204 13.76 -7.71 26.17
CA SER D 204 13.48 -7.09 24.90
C SER D 204 14.66 -6.30 24.35
N LEU D 205 15.44 -5.68 25.22
CA LEU D 205 16.56 -4.89 24.73
C LEU D 205 17.79 -5.75 24.45
N LYS D 206 17.73 -7.00 24.88
CA LYS D 206 18.79 -7.95 24.60
C LYS D 206 18.77 -8.35 23.13
N ALA D 207 17.59 -8.28 22.53
CA ALA D 207 17.42 -8.59 21.13
C ALA D 207 18.47 -7.92 20.27
N PRO D 208 18.90 -8.59 19.20
CA PRO D 208 19.90 -8.05 18.29
C PRO D 208 19.33 -6.93 17.46
N SER D 209 20.21 -6.11 16.88
CA SER D 209 19.80 -5.08 15.96
C SER D 209 20.93 -4.70 15.03
N PHE D 210 20.58 -4.40 13.78
CA PHE D 210 21.55 -3.89 12.83
C PHE D 210 22.02 -2.53 13.30
N ALA D 211 23.14 -2.07 12.73
CA ALA D 211 23.73 -0.80 13.12
C ALA D 211 22.78 0.39 12.96
N GLU D 212 22.85 1.32 13.90
CA GLU D 212 22.12 2.58 13.85
C GLU D 212 21.06 2.68 14.93
N PRO D 215 22.29 8.56 11.84
CA PRO D 215 22.28 9.73 12.72
C PRO D 215 21.87 10.98 11.99
N ASN D 216 21.19 11.92 12.65
CA ASN D 216 20.73 13.13 12.00
C ASN D 216 21.59 14.34 12.37
N LYS D 217 22.17 14.97 11.37
CA LYS D 217 23.05 16.09 11.63
C LYS D 217 22.27 17.30 12.06
N GLU D 218 21.01 17.38 11.64
CA GLU D 218 20.19 18.57 11.79
C GLU D 218 19.73 18.86 13.21
N SER D 219 19.36 17.81 13.93
CA SER D 219 18.79 17.97 15.27
C SER D 219 19.02 16.78 16.17
N GLU D 220 19.12 17.05 17.46
CA GLU D 220 19.21 16.02 18.47
C GLU D 220 17.85 15.43 18.80
N PHE D 221 16.80 16.16 18.45
CA PHE D 221 15.49 15.89 19.01
C PHE D 221 14.44 15.39 18.03
N PHE D 222 14.60 15.75 16.78
CA PHE D 222 13.58 15.42 15.81
C PHE D 222 14.14 14.54 14.72
N TYR D 223 13.27 13.82 14.05
CA TYR D 223 13.65 13.13 12.85
C TYR D 223 13.81 14.18 11.77
N PRO D 224 14.43 13.79 10.65
CA PRO D 224 14.65 14.73 9.56
C PRO D 224 13.34 15.30 9.06
N ILE D 225 13.33 16.60 8.79
CA ILE D 225 12.14 17.25 8.28
C ILE D 225 12.44 17.95 6.97
N ASP D 226 11.76 17.53 5.92
CA ASP D 226 11.98 18.08 4.59
C ASP D 226 11.29 19.42 4.43
N GLU D 227 11.65 20.13 3.37
CA GLU D 227 11.18 21.49 3.15
C GLU D 227 9.68 21.54 3.15
N LYS D 228 9.07 20.55 2.50
CA LYS D 228 7.63 20.46 2.40
C LYS D 228 7.03 20.30 3.77
N ALA D 229 7.58 19.38 4.54
CA ALA D 229 7.03 19.07 5.84
C ALA D 229 7.10 20.26 6.77
N LEU D 230 8.16 21.03 6.64
CA LEU D 230 8.44 22.09 7.58
C LEU D 230 7.51 23.26 7.36
N ALA D 231 7.24 23.56 6.10
CA ALA D 231 6.42 24.70 5.73
C ALA D 231 4.97 24.52 6.15
N LYS D 232 4.57 23.27 6.32
CA LYS D 232 3.20 22.94 6.70
C LYS D 232 2.97 23.10 8.19
N MET D 233 4.04 23.40 8.91
CA MET D 233 3.93 23.64 10.34
C MET D 233 3.42 25.03 10.56
N ASN D 234 2.65 25.19 11.62
CA ASN D 234 2.15 26.49 11.98
C ASN D 234 3.02 27.08 13.05
N GLY D 235 2.64 28.27 13.51
CA GLY D 235 3.48 29.04 14.38
C GLY D 235 3.77 28.39 15.71
N TYR D 236 2.78 27.69 16.24
CA TYR D 236 2.93 27.00 17.51
C TYR D 236 3.85 25.82 17.36
N GLN D 237 3.73 25.13 16.23
CA GLN D 237 4.53 23.96 15.98
C GLN D 237 5.97 24.35 15.74
N LEU D 238 6.14 25.42 14.99
CA LEU D 238 7.46 25.90 14.67
C LEU D 238 8.14 26.52 15.87
N ALA D 239 7.36 27.21 16.68
CA ALA D 239 7.91 27.80 17.88
C ALA D 239 8.34 26.69 18.81
N THR D 240 7.52 25.67 18.91
CA THR D 240 7.82 24.54 19.76
C THR D 240 9.12 23.87 19.37
N ILE D 241 9.40 23.82 18.08
CA ILE D 241 10.62 23.22 17.58
C ILE D 241 11.80 24.11 17.92
N CYS D 242 11.63 25.40 17.73
CA CYS D 242 12.73 26.29 18.02
C CYS D 242 13.05 26.24 19.49
N LEU D 243 12.04 26.14 20.35
CA LEU D 243 12.31 26.12 21.77
C LEU D 243 13.00 24.83 22.15
N GLU D 244 12.66 23.77 21.46
CA GLU D 244 13.26 22.49 21.72
C GLU D 244 14.73 22.48 21.31
N GLU D 245 15.06 23.17 20.25
CA GLU D 245 16.43 23.15 19.77
C GLU D 245 17.39 23.86 20.68
N LEU D 246 16.90 24.83 21.45
CA LEU D 246 17.76 25.58 22.34
C LEU D 246 18.17 24.74 23.53
N ASN D 247 17.75 23.50 23.54
CA ASN D 247 18.15 22.56 24.57
C ASN D 247 19.50 21.99 24.22
N SER D 248 19.98 22.31 23.03
CA SER D 248 21.28 21.88 22.59
C SER D 248 22.29 22.99 22.85
N PRO D 249 23.50 22.62 23.24
CA PRO D 249 24.52 23.59 23.62
C PRO D 249 25.02 24.44 22.47
N LYS D 250 24.85 23.95 21.26
CA LYS D 250 25.33 24.66 20.11
C LYS D 250 24.22 24.78 19.09
N PRO D 251 24.09 25.96 18.49
CA PRO D 251 23.08 26.21 17.48
C PRO D 251 22.98 25.05 16.53
N SER D 252 21.76 24.71 16.16
CA SER D 252 21.51 23.53 15.38
C SER D 252 21.15 23.90 13.96
N PRO D 253 21.45 23.02 13.01
CA PRO D 253 21.09 23.25 11.62
C PRO D 253 19.60 23.41 11.46
N LEU D 254 18.82 22.65 12.21
CA LEU D 254 17.38 22.70 12.09
C LEU D 254 16.84 24.06 12.46
N ILE D 255 17.40 24.69 13.48
CA ILE D 255 16.89 25.97 13.93
C ILE D 255 17.35 27.09 13.03
N GLU D 256 18.50 26.91 12.38
CA GLU D 256 19.03 27.91 11.49
C GLU D 256 18.21 27.92 10.21
N ARG D 257 17.67 26.76 9.88
CA ARG D 257 16.85 26.59 8.71
C ARG D 257 15.51 27.26 8.92
N ILE D 258 14.99 27.12 10.14
CA ILE D 258 13.70 27.65 10.49
C ILE D 258 13.78 29.15 10.67
N LEU D 259 14.85 29.61 11.29
CA LEU D 259 14.99 31.01 11.59
C LEU D 259 15.49 31.85 10.44
N SER D 260 16.12 31.20 9.47
CA SER D 260 16.69 31.91 8.32
C SER D 260 15.68 32.06 7.22
N ASN D 261 14.56 31.36 7.35
CA ASN D 261 13.47 31.47 6.41
C ASN D 261 12.55 32.59 6.83
N LYS D 262 12.35 33.54 5.92
CA LYS D 262 11.62 34.75 6.23
C LYS D 262 10.13 34.51 6.26
N LYS D 263 9.69 33.49 5.55
CA LYS D 263 8.27 33.24 5.46
C LYS D 263 7.70 32.66 6.73
N PHE D 264 8.57 32.12 7.59
CA PHE D 264 8.11 31.48 8.80
C PHE D 264 7.88 32.43 9.95
N TRP D 265 8.55 33.57 9.94
CA TRP D 265 8.67 34.39 11.14
C TRP D 265 7.37 34.97 11.66
N LYS D 266 6.50 35.36 10.76
CA LYS D 266 5.30 36.03 11.20
C LYS D 266 4.55 35.13 12.14
N ARG D 267 4.50 33.85 11.82
CA ARG D 267 3.70 32.96 12.63
C ARG D 267 4.45 32.42 13.83
N ILE D 268 5.76 32.44 13.78
CA ILE D 268 6.54 32.04 14.94
C ILE D 268 6.44 33.09 16.02
N ASN D 269 6.63 34.35 15.66
CA ASN D 269 6.61 35.41 16.64
C ASN D 269 5.21 35.63 17.18
N SER D 270 4.24 35.40 16.33
CA SER D 270 2.86 35.53 16.70
C SER D 270 2.52 34.59 17.83
N ALA D 271 3.11 33.40 17.78
CA ALA D 271 2.87 32.36 18.75
C ALA D 271 3.57 32.71 20.04
N PHE D 272 4.68 33.41 19.92
CA PHE D 272 5.43 33.82 21.08
C PHE D 272 4.60 34.84 21.82
N GLU D 273 3.97 35.72 21.07
CA GLU D 273 3.23 36.81 21.67
C GLU D 273 1.93 36.36 22.27
N SER D 274 1.43 35.23 21.82
CA SER D 274 0.17 34.72 22.30
C SER D 274 0.22 34.53 23.79
N GLY D 275 1.42 34.31 24.30
CA GLY D 275 1.65 34.14 25.72
C GLY D 275 1.58 32.70 26.16
N VAL D 276 1.55 31.82 25.18
CA VAL D 276 1.28 30.42 25.44
C VAL D 276 2.42 29.69 26.08
N PHE D 277 3.62 30.22 25.94
CA PHE D 277 4.78 29.50 26.43
C PHE D 277 5.23 30.00 27.78
N LYS D 278 4.52 30.97 28.32
CA LYS D 278 4.94 31.62 29.55
C LYS D 278 5.22 30.68 30.71
N GLY D 279 4.40 29.64 30.85
CA GLY D 279 4.46 28.81 32.03
C GLY D 279 5.54 27.76 32.01
N ARG D 280 6.23 27.65 30.90
CA ARG D 280 7.19 26.58 30.73
C ARG D 280 8.28 26.71 31.74
N THR D 281 8.98 25.62 31.99
CA THR D 281 10.00 25.63 33.01
C THR D 281 11.38 25.86 32.45
N ASP D 282 11.51 25.82 31.14
CA ASP D 282 12.82 25.91 30.54
C ASP D 282 13.15 27.30 30.04
N ASP D 283 12.90 28.30 30.88
CA ASP D 283 13.27 29.66 30.56
C ASP D 283 12.86 30.11 29.16
N PRO D 284 11.57 30.11 28.89
CA PRO D 284 11.01 30.53 27.61
C PRO D 284 11.31 31.98 27.30
N ALA D 285 11.46 32.77 28.35
CA ALA D 285 11.74 34.18 28.18
C ALA D 285 13.13 34.33 27.61
N GLY D 286 14.07 33.59 28.17
CA GLY D 286 15.43 33.63 27.70
C GLY D 286 15.54 33.03 26.33
N LYS D 287 14.87 31.91 26.13
CA LYS D 287 14.87 31.25 24.84
C LYS D 287 14.27 32.11 23.76
N ILE D 288 13.16 32.75 24.06
CA ILE D 288 12.51 33.59 23.08
C ILE D 288 13.32 34.81 22.76
N ALA D 289 13.98 35.37 23.76
CA ALA D 289 14.78 36.55 23.55
C ALA D 289 15.92 36.21 22.63
N LYS D 290 16.44 35.01 22.79
CA LYS D 290 17.56 34.58 22.00
C LYS D 290 17.10 34.32 20.59
N ILE D 291 16.01 33.60 20.45
CA ILE D 291 15.48 33.29 19.14
C ILE D 291 15.23 34.54 18.33
N ARG D 292 14.77 35.59 18.97
CA ARG D 292 14.48 36.82 18.27
C ARG D 292 15.75 37.50 17.84
N GLU D 293 16.79 37.34 18.64
CA GLU D 293 18.09 37.90 18.32
C GLU D 293 18.69 37.15 17.16
N TRP D 294 18.61 35.83 17.21
CA TRP D 294 19.16 35.02 16.16
C TRP D 294 18.49 35.29 14.84
N HIS D 295 17.19 35.46 14.87
CA HIS D 295 16.40 35.74 13.68
C HIS D 295 16.78 37.09 13.08
N GLN D 296 17.02 38.06 13.94
CA GLN D 296 17.44 39.38 13.51
C GLN D 296 18.74 39.27 12.76
N LEU D 297 19.60 38.39 13.23
CA LEU D 297 20.91 38.19 12.63
C LEU D 297 20.81 37.50 11.29
N LEU D 298 19.96 36.47 11.23
CA LEU D 298 19.83 35.65 10.06
C LEU D 298 18.99 36.32 9.00
N GLN D 299 18.24 37.34 9.40
CA GLN D 299 17.45 38.11 8.46
C GLN D 299 18.34 38.88 7.54
N ILE D 300 19.55 39.13 7.98
CA ILE D 300 20.52 39.79 7.12
C ILE D 300 21.31 38.75 6.34
N SER D 301 21.17 38.79 5.02
CA SER D 301 21.87 37.86 4.16
C SER D 301 21.22 36.49 4.24
N GLY D 302 19.91 36.48 4.41
CA GLY D 302 19.14 35.25 4.42
C GLY D 302 19.84 34.08 5.08
N GLU E 5 5.38 -62.13 35.16
CA GLU E 5 6.25 -61.29 35.96
C GLU E 5 7.46 -60.87 35.15
N TYR E 6 8.25 -59.95 35.70
CA TYR E 6 9.33 -59.35 34.96
C TYR E 6 10.47 -58.96 35.87
N ASP E 7 11.67 -58.87 35.30
CA ASP E 7 12.82 -58.44 36.07
C ASP E 7 12.96 -56.94 36.03
N TYR E 8 12.78 -56.36 34.85
CA TYR E 8 12.98 -54.93 34.68
C TYR E 8 11.74 -54.25 34.14
N LEU E 9 11.47 -53.05 34.63
CA LEU E 9 10.37 -52.25 34.14
C LEU E 9 10.87 -50.91 33.64
N PHE E 10 10.97 -50.78 32.33
CA PHE E 10 11.50 -49.59 31.72
C PHE E 10 10.42 -48.75 31.07
N LYS E 11 10.53 -47.44 31.23
CA LYS E 11 9.59 -46.51 30.62
C LYS E 11 10.25 -45.77 29.47
N LEU E 12 9.67 -45.91 28.29
CA LEU E 12 10.19 -45.25 27.12
C LEU E 12 9.24 -44.22 26.57
N LEU E 13 9.79 -43.20 25.95
CA LEU E 13 9.00 -42.15 25.35
C LEU E 13 9.49 -41.88 23.94
N LEU E 14 8.55 -41.69 23.03
CA LEU E 14 8.87 -41.32 21.66
C LEU E 14 8.53 -39.86 21.42
N ILE E 15 9.44 -39.13 20.80
CA ILE E 15 9.18 -37.74 20.50
C ILE E 15 9.71 -37.36 19.13
N GLY E 16 9.22 -36.25 18.60
CA GLY E 16 9.60 -35.79 17.28
C GLY E 16 8.50 -35.06 16.55
N ASP E 17 8.87 -34.39 15.48
CA ASP E 17 7.93 -33.61 14.71
C ASP E 17 6.70 -34.40 14.34
N SER E 18 5.62 -33.69 14.06
CA SER E 18 4.38 -34.35 13.70
C SER E 18 4.52 -35.07 12.38
N GLY E 19 4.03 -36.30 12.34
CA GLY E 19 3.95 -37.05 11.12
C GLY E 19 5.19 -37.79 10.71
N VAL E 20 6.13 -38.00 11.63
CA VAL E 20 7.38 -38.64 11.27
C VAL E 20 7.33 -40.15 11.41
N GLY E 21 6.38 -40.65 12.18
CA GLY E 21 6.13 -42.08 12.20
C GLY E 21 6.21 -42.67 13.57
N LYS E 22 6.12 -41.83 14.59
CA LYS E 22 6.18 -42.32 15.94
C LYS E 22 5.15 -43.38 16.21
N SER E 23 3.88 -43.03 16.06
CA SER E 23 2.81 -43.96 16.35
C SER E 23 2.98 -45.21 15.51
N CYS E 24 3.28 -45.01 14.23
CA CYS E 24 3.51 -46.13 13.33
C CYS E 24 4.62 -47.04 13.83
N LEU E 25 5.64 -46.46 14.43
CA LEU E 25 6.75 -47.23 14.97
C LEU E 25 6.31 -48.09 16.15
N LEU E 26 5.53 -47.50 17.03
CA LEU E 26 5.09 -48.16 18.24
C LEU E 26 4.13 -49.28 17.91
N LEU E 27 3.31 -49.06 16.90
CA LEU E 27 2.33 -50.06 16.52
C LEU E 27 3.04 -51.25 15.93
N ARG E 28 4.12 -50.99 15.22
CA ARG E 28 4.86 -52.07 14.62
C ARG E 28 5.55 -52.88 15.69
N PHE E 29 6.12 -52.20 16.67
CA PHE E 29 6.83 -52.88 17.72
C PHE E 29 5.91 -53.74 18.56
N ALA E 30 4.75 -53.20 18.89
CA ALA E 30 3.83 -53.88 19.81
C ALA E 30 2.88 -54.85 19.14
N ASP E 31 2.44 -54.55 17.94
CA ASP E 31 1.43 -55.37 17.31
C ASP E 31 1.90 -55.96 16.01
N ASP E 32 3.13 -55.67 15.63
CA ASP E 32 3.66 -56.18 14.38
C ASP E 32 2.68 -55.89 13.25
N THR E 33 2.23 -54.66 13.17
CA THR E 33 1.22 -54.28 12.20
C THR E 33 1.39 -52.82 11.77
N TYR E 34 0.80 -52.46 10.65
CA TYR E 34 0.97 -51.12 10.10
C TYR E 34 -0.23 -50.67 9.31
N THR E 35 -0.81 -49.55 9.71
CA THR E 35 -1.98 -49.02 9.01
C THR E 35 -1.63 -47.76 8.26
N GLU E 36 -2.26 -47.57 7.12
CA GLU E 36 -1.96 -46.44 6.26
C GLU E 36 -2.83 -45.24 6.59
N SER E 37 -3.79 -45.45 7.48
CA SER E 37 -4.77 -44.43 7.81
C SER E 37 -4.11 -43.18 8.36
N TYR E 38 -4.58 -42.02 7.92
CA TYR E 38 -4.01 -40.76 8.35
C TYR E 38 -4.60 -40.29 9.65
N ILE E 39 -4.02 -40.74 10.76
CA ILE E 39 -4.49 -40.38 12.07
C ILE E 39 -3.40 -39.67 12.83
N SER E 40 -3.78 -38.60 13.51
CA SER E 40 -2.82 -37.87 14.32
C SER E 40 -3.12 -38.01 15.78
N THR E 41 -2.07 -38.31 16.53
CA THR E 41 -2.16 -38.57 17.94
C THR E 41 -2.48 -37.31 18.72
N ILE E 42 -3.42 -37.41 19.64
CA ILE E 42 -3.71 -36.33 20.56
C ILE E 42 -3.04 -36.60 21.88
N GLY E 43 -2.21 -35.66 22.32
CA GLY E 43 -1.52 -35.81 23.58
C GLY E 43 -0.55 -36.97 23.65
N VAL E 44 -0.87 -37.95 24.45
CA VAL E 44 -0.01 -39.09 24.60
C VAL E 44 -0.82 -40.36 24.56
N ASP E 45 -0.19 -41.43 24.11
CA ASP E 45 -0.77 -42.74 24.20
C ASP E 45 0.32 -43.63 24.74
N PHE E 46 -0.02 -44.88 25.05
CA PHE E 46 0.98 -45.80 25.54
C PHE E 46 0.68 -47.24 25.15
N LYS E 47 1.73 -48.01 24.94
CA LYS E 47 1.61 -49.44 24.70
C LYS E 47 2.65 -50.22 25.50
N ILE E 48 2.43 -51.52 25.62
CA ILE E 48 3.26 -52.36 26.47
C ILE E 48 3.77 -53.59 25.72
N ARG E 49 5.08 -53.81 25.75
CA ARG E 49 5.61 -55.04 25.22
C ARG E 49 6.77 -55.55 26.07
N THR E 50 6.77 -56.84 26.31
CA THR E 50 7.78 -57.44 27.17
C THR E 50 8.79 -58.16 26.33
N ILE E 51 10.06 -57.89 26.61
CA ILE E 51 11.11 -58.57 25.90
C ILE E 51 12.04 -59.18 26.91
N GLU E 52 12.93 -60.04 26.43
CA GLU E 52 13.96 -60.60 27.28
C GLU E 52 15.31 -60.35 26.66
N LEU E 53 16.14 -59.60 27.36
CA LEU E 53 17.50 -59.34 26.91
C LEU E 53 18.48 -59.96 27.89
N ASP E 54 19.48 -60.65 27.38
CA ASP E 54 20.47 -61.29 28.23
C ASP E 54 19.78 -62.15 29.27
N GLY E 55 18.82 -62.93 28.83
CA GLY E 55 18.15 -63.86 29.72
C GLY E 55 17.30 -63.16 30.76
N LYS E 56 17.52 -61.86 30.91
CA LYS E 56 16.69 -61.05 31.78
C LYS E 56 15.44 -60.57 31.05
N THR E 57 14.32 -60.62 31.75
CA THR E 57 13.02 -60.30 31.19
C THR E 57 12.63 -58.85 31.44
N ILE E 58 12.47 -58.09 30.36
CA ILE E 58 12.29 -56.65 30.47
C ILE E 58 10.93 -56.18 29.98
N LYS E 59 10.21 -55.50 30.86
CA LYS E 59 8.89 -54.99 30.54
C LYS E 59 8.98 -53.55 30.07
N LEU E 60 8.54 -53.32 28.83
CA LEU E 60 8.65 -52.01 28.24
C LEU E 60 7.32 -51.28 28.25
N GLN E 61 7.30 -50.15 28.93
CA GLN E 61 6.11 -49.33 29.00
C GLN E 61 6.34 -48.10 28.14
N ILE E 62 5.85 -48.14 26.90
CA ILE E 62 6.23 -47.15 25.91
C ILE E 62 5.14 -46.13 25.63
N TRP E 63 5.50 -44.87 25.78
CA TRP E 63 4.56 -43.78 25.58
C TRP E 63 4.80 -43.04 24.28
N ASP E 64 3.74 -42.86 23.54
CA ASP E 64 3.76 -42.13 22.30
C ASP E 64 3.35 -40.70 22.58
N THR E 65 4.02 -39.74 21.96
CA THR E 65 3.63 -38.34 22.13
C THR E 65 3.20 -37.71 20.83
N ALA E 66 2.55 -36.55 20.95
CA ALA E 66 2.13 -35.77 19.81
C ALA E 66 3.16 -34.70 19.55
N GLY E 67 3.47 -34.49 18.28
CA GLY E 67 4.52 -33.56 17.91
C GLY E 67 4.15 -32.10 17.85
N GLN E 68 2.87 -31.81 17.64
CA GLN E 68 2.41 -30.45 17.49
C GLN E 68 2.65 -29.65 18.73
N GLU E 69 3.13 -28.43 18.56
CA GLU E 69 3.48 -27.58 19.69
C GLU E 69 2.32 -27.26 20.62
N ARG E 70 1.09 -27.38 20.14
CA ARG E 70 -0.05 -27.02 20.97
C ARG E 70 -0.26 -28.06 22.07
N PHE E 71 0.36 -29.22 21.94
CA PHE E 71 0.19 -30.28 22.89
C PHE E 71 1.40 -30.41 23.80
N ARG E 72 2.41 -29.60 23.58
CA ARG E 72 3.66 -29.73 24.31
C ARG E 72 3.42 -29.73 25.80
N THR E 73 2.56 -28.84 26.26
CA THR E 73 2.30 -28.74 27.68
C THR E 73 1.83 -30.06 28.27
N ILE E 74 1.14 -30.86 27.47
CA ILE E 74 0.66 -32.13 27.98
C ILE E 74 1.76 -33.14 27.94
N THR E 75 2.45 -33.20 26.80
CA THR E 75 3.49 -34.18 26.58
C THR E 75 4.65 -33.99 27.52
N SER E 76 5.09 -32.76 27.66
CA SER E 76 6.29 -32.49 28.43
C SER E 76 6.24 -33.12 29.80
N SER E 77 5.05 -33.27 30.35
CA SER E 77 4.92 -33.73 31.71
C SER E 77 5.36 -35.17 31.84
N TYR E 78 5.51 -35.84 30.71
CA TYR E 78 5.85 -37.25 30.73
C TYR E 78 7.33 -37.49 30.61
N TYR E 79 8.09 -36.43 30.37
CA TYR E 79 9.53 -36.58 30.17
C TYR E 79 10.20 -37.07 31.43
N ARG E 80 10.09 -36.29 32.48
CA ARG E 80 10.89 -36.48 33.68
C ARG E 80 10.92 -37.92 34.17
N GLY E 81 9.83 -38.64 33.99
CA GLY E 81 9.73 -39.96 34.56
C GLY E 81 10.14 -41.06 33.62
N ALA E 82 11.01 -40.73 32.68
CA ALA E 82 11.32 -41.69 31.64
C ALA E 82 12.72 -42.21 31.78
N HIS E 83 12.93 -43.44 31.37
CA HIS E 83 14.25 -44.03 31.39
C HIS E 83 14.94 -43.72 30.10
N GLY E 84 14.22 -43.87 29.00
CA GLY E 84 14.77 -43.64 27.69
C GLY E 84 13.82 -42.90 26.79
N ILE E 85 14.38 -42.03 25.97
CA ILE E 85 13.59 -41.23 25.07
C ILE E 85 14.11 -41.31 23.65
N ILE E 86 13.28 -41.84 22.76
CA ILE E 86 13.65 -41.98 21.37
C ILE E 86 13.23 -40.77 20.58
N VAL E 87 14.20 -40.11 19.98
CA VAL E 87 13.94 -38.97 19.13
C VAL E 87 13.82 -39.42 17.69
N VAL E 88 12.75 -39.04 17.04
CA VAL E 88 12.47 -39.55 15.71
C VAL E 88 12.38 -38.44 14.69
N TYR E 89 12.96 -38.68 13.52
CA TYR E 89 12.81 -37.76 12.42
C TYR E 89 12.46 -38.52 11.15
N ASP E 90 12.20 -37.80 10.08
CA ASP E 90 11.76 -38.40 8.83
C ASP E 90 12.81 -38.23 7.76
N VAL E 91 13.30 -39.33 7.21
CA VAL E 91 14.45 -39.24 6.31
C VAL E 91 14.11 -38.56 5.01
N THR E 92 12.87 -38.13 4.87
CA THR E 92 12.45 -37.42 3.68
C THR E 92 12.08 -36.02 4.05
N ASP E 93 12.36 -35.66 5.29
CA ASP E 93 11.93 -34.37 5.79
C ASP E 93 13.08 -33.66 6.47
N GLN E 94 13.69 -32.74 5.76
CA GLN E 94 14.87 -32.07 6.27
C GLN E 94 14.60 -31.26 7.51
N GLU E 95 13.44 -30.62 7.56
CA GLU E 95 13.10 -29.77 8.69
C GLU E 95 12.92 -30.59 9.96
N SER E 96 12.43 -31.81 9.82
CA SER E 96 12.20 -32.63 10.99
C SER E 96 13.50 -33.05 11.61
N TYR E 97 14.53 -33.11 10.78
CA TYR E 97 15.87 -33.43 11.24
C TYR E 97 16.53 -32.21 11.86
N ALA E 98 16.28 -31.05 11.30
CA ALA E 98 16.87 -29.84 11.82
C ALA E 98 16.23 -29.50 13.14
N ASN E 99 15.13 -30.18 13.44
CA ASN E 99 14.38 -29.85 14.63
C ASN E 99 14.82 -30.72 15.77
N VAL E 100 15.62 -31.72 15.44
CA VAL E 100 16.10 -32.63 16.45
C VAL E 100 16.88 -31.88 17.51
N LYS E 101 17.55 -30.81 17.11
CA LYS E 101 18.32 -30.00 18.04
C LYS E 101 17.41 -29.37 19.06
N GLN E 102 16.20 -29.04 18.64
CA GLN E 102 15.26 -28.39 19.50
C GLN E 102 14.61 -29.41 20.39
N TRP E 103 14.40 -30.59 19.82
CA TRP E 103 13.79 -31.68 20.55
C TRP E 103 14.71 -32.19 21.64
N LEU E 104 16.01 -32.06 21.42
CA LEU E 104 16.99 -32.46 22.40
C LEU E 104 17.10 -31.43 23.48
N GLN E 105 16.69 -30.21 23.16
CA GLN E 105 16.62 -29.17 24.16
C GLN E 105 15.46 -29.41 25.09
N GLU E 106 14.34 -29.86 24.55
CA GLU E 106 13.17 -30.13 25.36
C GLU E 106 13.48 -31.24 26.33
N ILE E 107 14.42 -32.10 25.97
CA ILE E 107 14.82 -33.16 26.85
C ILE E 107 15.65 -32.59 27.97
N ASP E 108 16.54 -31.68 27.63
CA ASP E 108 17.38 -31.07 28.63
C ASP E 108 16.54 -30.27 29.59
N ARG E 109 15.29 -30.09 29.25
CA ARG E 109 14.48 -29.18 30.03
C ARG E 109 13.52 -29.90 30.94
N TYR E 110 12.84 -30.90 30.42
CA TYR E 110 11.81 -31.56 31.21
C TYR E 110 12.30 -32.90 31.64
N ALA E 111 13.33 -33.40 31.00
CA ALA E 111 13.76 -34.76 31.21
C ALA E 111 14.73 -34.90 32.38
N SER E 112 14.89 -36.13 32.85
CA SER E 112 15.79 -36.42 33.95
C SER E 112 17.23 -36.25 33.48
N GLU E 113 18.11 -35.94 34.41
CA GLU E 113 19.47 -35.55 34.03
C GLU E 113 20.14 -36.63 33.21
N ASN E 114 20.02 -37.88 33.64
CA ASN E 114 20.79 -38.95 33.03
C ASN E 114 19.94 -39.91 32.25
N VAL E 115 19.03 -39.37 31.47
CA VAL E 115 18.11 -40.20 30.70
C VAL E 115 18.80 -40.67 29.44
N ASN E 116 18.45 -41.89 29.04
CA ASN E 116 18.98 -42.45 27.83
C ASN E 116 18.29 -41.90 26.59
N LYS E 117 19.07 -41.64 25.57
CA LYS E 117 18.56 -41.07 24.34
C LYS E 117 18.76 -42.03 23.19
N LEU E 118 18.13 -41.75 22.07
CA LEU E 118 18.30 -42.56 20.88
C LEU E 118 17.75 -41.87 19.64
N LEU E 119 18.59 -41.71 18.64
CA LEU E 119 18.22 -41.01 17.41
C LEU E 119 17.75 -41.95 16.32
N VAL E 120 16.61 -41.62 15.72
CA VAL E 120 15.99 -42.50 14.75
C VAL E 120 15.53 -41.76 13.50
N GLY E 121 15.84 -42.33 12.36
CA GLY E 121 15.35 -41.86 11.09
C GLY E 121 14.40 -42.89 10.54
N ASN E 122 13.17 -42.50 10.32
CA ASN E 122 12.16 -43.44 9.88
C ASN E 122 11.82 -43.24 8.43
N LYS E 123 11.07 -44.18 7.86
CA LYS E 123 10.67 -44.10 6.48
C LYS E 123 11.85 -44.31 5.56
N SER E 124 12.68 -45.30 5.86
CA SER E 124 13.90 -45.52 5.12
C SER E 124 13.59 -46.22 3.82
N ASP E 125 12.35 -46.69 3.71
CA ASP E 125 11.94 -47.45 2.55
C ASP E 125 11.67 -46.53 1.38
N LEU E 126 11.61 -45.24 1.67
CA LEU E 126 11.39 -44.23 0.67
C LEU E 126 12.71 -43.79 0.10
N THR E 127 13.32 -44.69 -0.64
CA THR E 127 14.66 -44.52 -1.17
C THR E 127 14.78 -43.29 -2.03
N THR E 128 13.78 -43.05 -2.85
CA THR E 128 13.84 -41.99 -3.83
C THR E 128 13.71 -40.62 -3.21
N LYS E 129 13.03 -40.55 -2.08
CA LYS E 129 12.75 -39.26 -1.49
C LYS E 129 13.70 -38.91 -0.36
N LYS E 130 14.50 -39.88 0.06
CA LYS E 130 15.42 -39.67 1.16
C LYS E 130 16.25 -38.42 0.99
N VAL E 131 16.40 -37.65 2.05
CA VAL E 131 17.03 -36.37 1.93
C VAL E 131 17.98 -36.10 3.08
N VAL E 132 17.99 -37.01 4.04
CA VAL E 132 18.88 -36.89 5.17
C VAL E 132 19.87 -38.01 5.08
N ASP E 133 21.11 -37.68 4.75
CA ASP E 133 22.12 -38.70 4.59
C ASP E 133 22.44 -39.36 5.92
N ASN E 134 22.25 -40.67 5.96
CA ASN E 134 22.54 -41.43 7.16
C ASN E 134 23.87 -41.03 7.78
N THR E 135 24.92 -41.06 6.97
CA THR E 135 26.24 -40.68 7.42
C THR E 135 26.25 -39.39 8.20
N THR E 136 25.59 -38.36 7.68
CA THR E 136 25.52 -37.09 8.36
C THR E 136 24.85 -37.26 9.71
N ALA E 137 23.99 -38.27 9.82
CA ALA E 137 23.22 -38.50 11.02
C ALA E 137 24.01 -39.25 12.07
N LYS E 138 24.79 -40.24 11.63
CA LYS E 138 25.65 -40.97 12.53
C LYS E 138 26.63 -40.00 13.14
N GLU E 139 27.17 -39.10 12.34
CA GLU E 139 28.09 -38.14 12.89
C GLU E 139 27.49 -37.44 14.08
N PHE E 140 26.33 -36.83 13.86
CA PHE E 140 25.71 -36.02 14.88
C PHE E 140 25.45 -36.84 16.14
N ALA E 141 24.95 -38.04 15.96
CA ALA E 141 24.67 -38.90 17.09
C ALA E 141 25.94 -39.22 17.83
N ASP E 142 27.01 -39.50 17.09
CA ASP E 142 28.26 -39.81 17.74
C ASP E 142 28.70 -38.63 18.57
N SER E 143 28.67 -37.45 17.99
CA SER E 143 29.13 -36.27 18.70
C SER E 143 28.41 -36.08 20.02
N LEU E 144 27.43 -36.93 20.30
CA LEU E 144 26.65 -36.79 21.52
C LEU E 144 26.65 -38.05 22.35
N GLY E 145 27.26 -39.10 21.83
CA GLY E 145 27.35 -40.35 22.55
C GLY E 145 26.05 -41.11 22.44
N ILE E 146 25.29 -40.79 21.42
CA ILE E 146 23.99 -41.40 21.23
C ILE E 146 24.03 -42.40 20.11
N PRO E 147 23.31 -43.51 20.28
CA PRO E 147 23.15 -44.49 19.23
C PRO E 147 22.20 -44.02 18.15
N PHE E 148 22.44 -44.47 16.94
CA PHE E 148 21.64 -44.04 15.81
C PHE E 148 21.14 -45.25 15.04
N LEU E 149 20.17 -45.01 14.17
CA LEU E 149 19.50 -46.11 13.51
C LEU E 149 18.44 -45.60 12.55
N GLU E 150 18.31 -46.22 11.39
CA GLU E 150 17.28 -45.84 10.44
C GLU E 150 16.21 -46.92 10.35
N THR E 151 14.96 -46.50 10.47
CA THR E 151 13.87 -47.45 10.49
C THR E 151 12.93 -47.30 9.32
N SER E 152 12.15 -48.35 9.08
CA SER E 152 10.96 -48.24 8.27
C SER E 152 9.89 -48.96 9.05
N ALA E 153 8.84 -48.25 9.43
CA ALA E 153 7.76 -48.89 10.17
C ALA E 153 6.94 -49.70 9.21
N LYS E 154 6.99 -49.33 7.95
CA LYS E 154 6.18 -49.95 6.93
C LYS E 154 6.67 -51.36 6.65
N ASN E 155 7.92 -51.47 6.22
CA ASN E 155 8.61 -52.74 6.36
C ASN E 155 9.04 -52.78 7.82
N ALA E 156 9.44 -53.93 8.31
CA ALA E 156 9.83 -54.06 9.73
C ALA E 156 11.26 -53.62 10.01
N THR E 157 11.92 -53.06 9.00
CA THR E 157 13.35 -52.78 9.06
C THR E 157 13.81 -51.99 10.28
N ASN E 158 14.63 -52.66 11.09
CA ASN E 158 15.36 -52.05 12.21
C ASN E 158 14.50 -51.58 13.36
N VAL E 159 13.22 -51.92 13.33
CA VAL E 159 12.31 -51.45 14.33
C VAL E 159 12.51 -52.17 15.64
N GLU E 160 12.59 -53.49 15.57
CA GLU E 160 12.81 -54.25 16.77
C GLU E 160 14.17 -53.93 17.36
N GLN E 161 15.15 -53.72 16.48
CA GLN E 161 16.50 -53.43 16.91
C GLN E 161 16.57 -52.12 17.67
N ALA E 162 15.92 -51.11 17.15
CA ALA E 162 15.90 -49.78 17.76
C ALA E 162 15.44 -49.78 19.20
N PHE E 163 14.33 -50.45 19.47
CA PHE E 163 13.79 -50.49 20.81
C PHE E 163 14.67 -51.32 21.72
N MET E 164 15.30 -52.35 21.16
CA MET E 164 16.15 -53.26 21.91
C MET E 164 17.40 -52.54 22.36
N THR E 165 17.96 -51.72 21.49
CA THR E 165 19.18 -51.02 21.82
C THR E 165 18.96 -49.94 22.86
N MET E 166 17.75 -49.38 22.90
CA MET E 166 17.37 -48.45 23.95
C MET E 166 17.28 -49.22 25.24
N ALA E 167 16.68 -50.39 25.15
CA ALA E 167 16.50 -51.26 26.30
C ALA E 167 17.83 -51.64 26.87
N ALA E 168 18.74 -51.96 25.98
CA ALA E 168 20.06 -52.40 26.36
C ALA E 168 20.85 -51.29 27.01
N GLU E 169 20.73 -50.08 26.51
CA GLU E 169 21.48 -48.98 27.09
C GLU E 169 20.95 -48.60 28.45
N ILE E 170 19.70 -48.92 28.71
CA ILE E 170 19.14 -48.59 30.00
C ILE E 170 19.60 -49.62 30.99
N LYS E 171 19.54 -50.88 30.59
CA LYS E 171 20.02 -51.95 31.43
C LYS E 171 21.43 -51.65 31.85
N LYS E 172 22.17 -51.02 30.96
CA LYS E 172 23.56 -50.75 31.23
C LYS E 172 23.69 -49.61 32.22
N ARG E 173 22.82 -48.63 32.11
CA ARG E 173 22.84 -47.52 33.04
C ARG E 173 22.25 -47.92 34.39
N MET E 174 21.19 -48.70 34.37
CA MET E 174 20.67 -49.24 35.61
C MET E 174 21.79 -49.88 36.39
N GLY E 175 22.57 -50.71 35.73
CA GLY E 175 23.66 -51.43 36.38
C GLY E 175 24.75 -50.56 36.98
N LEU E 176 25.12 -49.50 36.29
CA LEU E 176 26.16 -48.61 36.77
C LEU E 176 25.67 -47.81 37.95
N GLU E 177 24.39 -47.51 37.97
CA GLU E 177 23.79 -46.75 39.05
C GLU E 177 23.69 -47.57 40.32
N VAL E 178 23.41 -48.86 40.18
CA VAL E 178 23.36 -49.76 41.31
C VAL E 178 24.76 -49.99 41.84
N LEU E 179 25.73 -49.90 40.93
CA LEU E 179 27.08 -50.28 41.23
C LEU E 179 27.82 -49.18 41.98
N PHE E 180 27.86 -48.00 41.38
CA PHE E 180 28.62 -46.89 41.94
C PHE E 180 27.72 -45.90 42.67
N GLN E 181 28.33 -45.00 43.42
CA GLN E 181 27.61 -44.00 44.20
C GLN E 181 27.72 -42.62 43.55
N LYS F 11 -16.56 -47.48 47.50
CA LYS F 11 -17.06 -46.13 47.33
C LYS F 11 -16.70 -45.61 45.95
N PRO F 12 -17.48 -45.97 44.93
CA PRO F 12 -17.23 -45.65 43.53
C PRO F 12 -17.48 -44.18 43.26
N LEU F 13 -16.81 -43.62 42.27
CA LEU F 13 -16.97 -42.20 42.02
C LEU F 13 -16.96 -41.86 40.54
N THR F 14 -17.35 -42.79 39.68
CA THR F 14 -17.13 -42.53 38.27
C THR F 14 -17.90 -41.30 37.90
N LEU F 15 -17.45 -40.62 36.85
CA LEU F 15 -17.90 -39.26 36.60
C LEU F 15 -19.25 -39.13 35.89
N LEU F 16 -20.15 -38.45 36.58
CA LEU F 16 -21.57 -38.48 36.28
C LEU F 16 -22.01 -37.62 35.09
N MET F 17 -22.59 -38.30 34.11
CA MET F 17 -22.86 -37.74 32.80
C MET F 17 -23.85 -36.56 32.69
N THR F 18 -25.12 -36.75 33.06
CA THR F 18 -26.10 -35.73 32.70
C THR F 18 -26.78 -34.95 33.82
N SER F 19 -26.11 -33.91 34.28
CA SER F 19 -26.83 -32.73 34.72
C SER F 19 -26.58 -31.81 33.58
N SER F 20 -25.87 -32.35 32.60
CA SER F 20 -25.37 -31.61 31.46
C SER F 20 -25.43 -32.38 30.13
N THR F 21 -25.76 -31.67 29.04
CA THR F 21 -25.82 -32.30 27.72
C THR F 21 -25.11 -31.41 26.69
N SER F 22 -24.34 -30.48 27.20
CA SER F 22 -23.51 -29.64 26.37
C SER F 22 -22.12 -29.57 26.99
N PHE F 23 -21.11 -29.65 26.14
CA PHE F 23 -19.75 -29.76 26.61
C PHE F 23 -19.37 -28.74 27.68
N SER F 24 -19.70 -27.48 27.47
CA SER F 24 -19.22 -26.44 28.38
C SER F 24 -19.77 -26.62 29.79
N GLU F 25 -21.02 -27.01 29.87
CA GLU F 25 -21.67 -27.21 31.15
C GLU F 25 -21.27 -28.57 31.67
N THR F 26 -21.38 -29.58 30.81
CA THR F 26 -21.00 -30.93 31.20
C THR F 26 -19.63 -30.98 31.88
N ILE F 27 -18.71 -30.14 31.47
CA ILE F 27 -17.38 -30.16 32.07
C ILE F 27 -17.53 -29.84 33.54
N ASN F 28 -18.43 -28.91 33.84
CA ASN F 28 -18.54 -28.38 35.17
C ASN F 28 -19.51 -29.13 36.03
N GLN F 29 -20.34 -29.97 35.43
CA GLN F 29 -20.99 -30.97 36.27
C GLN F 29 -19.89 -31.91 36.73
N TRP F 30 -18.80 -31.94 36.00
CA TRP F 30 -17.69 -32.81 36.32
C TRP F 30 -16.67 -32.08 37.14
N ALA F 31 -16.19 -30.97 36.60
CA ALA F 31 -15.39 -30.06 37.38
C ALA F 31 -15.98 -30.00 38.76
N ASP F 32 -17.27 -29.69 38.83
CA ASP F 32 -18.00 -29.67 40.10
C ASP F 32 -17.62 -30.84 41.01
N ILE F 33 -17.93 -32.06 40.61
CA ILE F 33 -17.53 -33.23 41.37
C ILE F 33 -16.04 -33.18 41.70
N LEU F 34 -15.23 -32.77 40.74
CA LEU F 34 -13.79 -32.71 40.96
C LEU F 34 -13.44 -31.56 41.86
N LYS F 35 -14.21 -30.48 41.79
CA LYS F 35 -13.96 -29.36 42.66
C LYS F 35 -14.23 -29.82 44.09
N THR F 36 -15.24 -30.67 44.23
CA THR F 36 -15.58 -31.25 45.52
C THR F 36 -14.65 -32.42 45.82
N MET F 39 -11.20 -35.95 48.17
CA MET F 39 -11.78 -37.27 48.40
C MET F 39 -11.16 -38.31 47.47
N GLU F 40 -11.49 -39.57 47.71
CA GLU F 40 -10.93 -40.65 46.93
C GLU F 40 -11.87 -41.85 46.91
N LYS F 41 -11.63 -42.77 45.98
CA LYS F 41 -12.53 -43.89 45.81
C LYS F 41 -12.18 -44.68 44.56
N PHE F 44 -11.56 -43.55 41.52
CA PHE F 44 -12.65 -43.59 40.57
C PHE F 44 -12.69 -44.88 39.80
N ASP F 45 -13.88 -45.42 39.60
CA ASP F 45 -14.09 -46.41 38.56
C ASP F 45 -14.40 -45.63 37.29
N SER F 46 -13.36 -45.28 36.54
CA SER F 46 -13.52 -44.49 35.35
C SER F 46 -14.21 -45.29 34.28
N ASN F 47 -14.20 -46.61 34.45
CA ASN F 47 -14.71 -47.54 33.45
C ASN F 47 -16.08 -47.22 32.89
N PRO F 48 -16.95 -46.63 33.71
CA PRO F 48 -18.32 -46.43 33.27
C PRO F 48 -18.47 -45.11 32.52
N ILE F 49 -17.55 -44.18 32.79
CA ILE F 49 -17.55 -42.90 32.13
C ILE F 49 -17.78 -43.01 30.65
N ASN F 50 -18.57 -42.11 30.11
CA ASN F 50 -18.89 -42.14 28.69
C ASN F 50 -17.98 -41.22 27.91
N LEU F 51 -17.09 -41.85 27.14
CA LEU F 51 -16.08 -41.16 26.37
C LEU F 51 -16.63 -40.82 24.99
N LEU F 52 -17.14 -41.83 24.30
CA LEU F 52 -17.73 -41.64 22.99
C LEU F 52 -18.78 -40.56 23.03
N GLU F 53 -19.37 -40.36 24.19
CA GLU F 53 -20.39 -39.35 24.33
C GLU F 53 -19.74 -38.02 24.54
N LEU F 54 -18.73 -38.00 25.38
CA LEU F 54 -18.05 -36.76 25.66
C LEU F 54 -17.51 -36.23 24.35
N VAL F 55 -17.15 -37.14 23.46
CA VAL F 55 -16.56 -36.75 22.20
C VAL F 55 -17.62 -36.14 21.32
N LYS F 56 -18.81 -36.71 21.38
CA LYS F 56 -19.93 -36.20 20.58
C LYS F 56 -20.26 -34.79 21.01
N GLN F 57 -20.20 -34.53 22.29
CA GLN F 57 -20.48 -33.19 22.78
C GLN F 57 -19.41 -32.22 22.37
N PHE F 58 -18.16 -32.60 22.58
CA PHE F 58 -17.07 -31.72 22.26
C PHE F 58 -17.10 -31.30 20.80
N ASN F 59 -17.37 -32.25 19.93
CA ASN F 59 -17.39 -31.97 18.51
C ASN F 59 -18.44 -30.95 18.14
N LEU F 60 -19.56 -31.01 18.83
CA LEU F 60 -20.58 -30.00 18.67
C LEU F 60 -20.06 -28.68 19.17
N TYR F 61 -19.41 -28.71 20.33
CA TYR F 61 -18.87 -27.51 20.90
C TYR F 61 -18.00 -26.85 19.87
N VAL F 62 -17.25 -27.65 19.14
CA VAL F 62 -16.30 -27.11 18.18
C VAL F 62 -17.04 -26.55 17.00
N ASP F 63 -17.99 -27.31 16.49
CA ASP F 63 -18.81 -26.87 15.39
C ASP F 63 -19.52 -25.58 15.70
N GLU F 64 -20.14 -25.53 16.87
CA GLU F 64 -20.89 -24.35 17.28
C GLU F 64 -19.98 -23.16 17.49
N LEU F 65 -18.81 -23.39 18.05
CA LEU F 65 -17.88 -22.31 18.27
C LEU F 65 -17.38 -21.75 16.95
N ALA F 66 -17.34 -22.60 15.94
CA ALA F 66 -16.87 -22.19 14.65
C ALA F 66 -17.91 -21.36 13.97
N ILE F 67 -19.14 -21.83 14.03
CA ILE F 67 -20.22 -21.08 13.45
C ILE F 67 -20.20 -19.68 13.99
N THR F 68 -20.23 -19.57 15.31
CA THR F 68 -20.20 -18.29 15.97
C THR F 68 -19.11 -17.39 15.42
N CYS F 69 -17.91 -17.93 15.30
CA CYS F 69 -16.79 -17.12 14.86
C CYS F 69 -17.00 -16.55 13.48
N GLU F 70 -17.55 -17.35 12.59
CA GLU F 70 -17.72 -16.92 11.22
C GLU F 70 -18.85 -15.92 11.09
N ALA F 71 -19.75 -15.92 12.06
CA ALA F 71 -20.89 -15.04 12.04
C ALA F 71 -20.52 -13.66 12.56
N ASN F 72 -19.70 -13.63 13.58
CA ASN F 72 -19.29 -12.37 14.18
C ASN F 72 -18.13 -11.74 13.45
N ASN F 73 -17.78 -12.31 12.31
CA ASN F 73 -16.75 -11.74 11.47
C ASN F 73 -15.44 -11.67 12.18
N VAL F 74 -15.20 -12.64 13.04
CA VAL F 74 -14.07 -12.53 13.94
C VAL F 74 -12.75 -12.70 13.23
N TRP F 75 -12.76 -13.25 12.03
CA TRP F 75 -11.52 -13.41 11.30
C TRP F 75 -11.22 -12.18 10.49
N ALA F 76 -12.18 -11.26 10.43
CA ALA F 76 -11.98 -10.00 9.75
C ALA F 76 -11.48 -10.26 8.33
N SER F 82 -9.90 -12.20 -3.86
CA SER F 82 -8.71 -12.78 -3.23
C SER F 82 -9.05 -13.30 -1.86
N THR F 83 -9.02 -12.40 -0.88
CA THR F 83 -9.37 -12.73 0.49
C THR F 83 -8.76 -14.05 0.89
N PRO F 84 -7.45 -14.20 0.67
CA PRO F 84 -6.80 -15.41 1.17
C PRO F 84 -7.01 -15.40 2.66
N ASN F 85 -6.95 -16.56 3.29
CA ASN F 85 -7.19 -16.62 4.71
C ASN F 85 -5.98 -16.17 5.52
N LEU F 86 -6.16 -16.10 6.83
CA LEU F 86 -5.13 -15.63 7.74
C LEU F 86 -3.79 -16.34 7.57
N PHE F 87 -3.82 -17.58 7.11
CA PHE F 87 -2.68 -18.43 7.19
C PHE F 87 -1.92 -18.55 5.87
N ALA F 88 -2.41 -17.84 4.86
CA ALA F 88 -1.88 -17.97 3.51
C ALA F 88 -0.45 -17.50 3.41
N LEU F 89 -0.06 -16.57 4.26
CA LEU F 89 1.29 -16.03 4.20
C LEU F 89 2.35 -17.02 4.65
N TYR F 90 1.95 -18.04 5.39
CA TYR F 90 2.93 -18.87 6.07
C TYR F 90 3.08 -20.26 5.46
N ASP F 91 2.66 -20.42 4.22
CA ASP F 91 2.71 -21.72 3.57
C ASP F 91 4.04 -21.99 2.90
N ASN F 92 4.68 -23.08 3.31
CA ASN F 92 5.94 -23.45 2.72
C ASN F 92 5.84 -24.81 2.07
N SER F 93 4.63 -25.20 1.71
CA SER F 93 4.37 -26.55 1.28
C SER F 93 4.76 -26.79 -0.17
N GLY F 94 4.89 -25.72 -0.93
CA GLY F 94 5.24 -25.85 -2.32
C GLY F 94 4.12 -26.52 -3.09
N GLY F 95 2.91 -26.35 -2.60
CA GLY F 95 1.73 -26.89 -3.25
C GLY F 95 1.70 -28.39 -3.21
N GLU F 96 2.56 -28.97 -2.37
CA GLU F 96 2.63 -30.41 -2.27
C GLU F 96 1.57 -30.90 -1.31
N ALA F 97 1.22 -32.17 -1.41
CA ALA F 97 0.20 -32.75 -0.56
C ALA F 97 0.84 -33.31 0.69
N ILE F 98 0.43 -32.78 1.83
CA ILE F 98 0.95 -33.24 3.10
C ILE F 98 -0.04 -34.14 3.77
N HIS F 99 0.25 -35.43 3.79
CA HIS F 99 -0.63 -36.43 4.36
C HIS F 99 -2.06 -36.24 3.93
N GLY F 100 -2.30 -36.31 2.64
CA GLY F 100 -3.64 -36.31 2.12
C GLY F 100 -4.27 -34.96 1.89
N HIS F 101 -3.61 -33.91 2.34
CA HIS F 101 -4.14 -32.58 2.16
C HIS F 101 -3.12 -31.66 1.57
N ALA F 102 -3.55 -30.85 0.64
CA ALA F 102 -2.69 -29.82 0.12
C ALA F 102 -3.22 -28.51 0.62
N PHE F 103 -2.36 -27.51 0.57
CA PHE F 103 -2.72 -26.23 1.11
C PHE F 103 -3.50 -25.43 0.10
N VAL F 104 -4.65 -24.94 0.51
CA VAL F 104 -5.46 -24.08 -0.32
C VAL F 104 -5.73 -22.81 0.44
N PRO F 105 -5.21 -21.70 -0.07
CA PRO F 105 -5.28 -20.44 0.66
C PRO F 105 -6.68 -19.86 0.76
N TYR F 106 -7.67 -20.60 0.29
CA TYR F 106 -9.02 -20.05 0.26
C TYR F 106 -9.94 -20.76 1.20
N TYR F 107 -9.39 -21.64 2.01
CA TYR F 107 -10.15 -22.27 3.06
C TYR F 107 -10.63 -21.19 3.98
N LYS F 108 -11.84 -21.35 4.48
CA LYS F 108 -12.36 -20.45 5.47
C LYS F 108 -11.84 -20.82 6.83
N GLU F 109 -11.49 -19.83 7.63
CA GLU F 109 -10.80 -20.09 8.87
C GLU F 109 -11.56 -21.02 9.77
N SER F 110 -12.88 -20.93 9.72
CA SER F 110 -13.72 -21.72 10.59
C SER F 110 -13.77 -23.16 10.18
N ILE F 111 -13.42 -23.44 8.94
CA ILE F 111 -13.38 -24.81 8.47
C ILE F 111 -12.07 -25.42 8.87
N VAL F 112 -11.02 -24.63 8.83
CA VAL F 112 -9.71 -25.07 9.26
C VAL F 112 -9.78 -25.40 10.73
N LEU F 113 -10.49 -24.55 11.46
CA LEU F 113 -10.79 -24.74 12.86
C LEU F 113 -11.42 -26.10 13.08
N ARG F 114 -12.48 -26.38 12.34
CA ARG F 114 -13.20 -27.61 12.55
C ARG F 114 -12.31 -28.79 12.25
N ARG F 115 -11.61 -28.71 11.13
CA ARG F 115 -10.75 -29.81 10.72
C ARG F 115 -9.64 -30.05 11.72
N LEU F 116 -9.22 -29.01 12.43
CA LEU F 116 -8.04 -29.13 13.26
C LEU F 116 -8.28 -29.68 14.65
N PHE F 117 -9.51 -29.56 15.14
CA PHE F 117 -9.80 -29.94 16.51
C PHE F 117 -10.91 -30.94 16.66
N THR F 118 -11.50 -31.38 15.55
CA THR F 118 -12.54 -32.37 15.63
C THR F 118 -11.96 -33.71 15.99
N VAL F 119 -12.46 -34.31 17.07
CA VAL F 119 -11.96 -35.61 17.53
C VAL F 119 -12.69 -36.75 16.89
N ASP F 120 -11.94 -37.74 16.44
CA ASP F 120 -12.52 -38.89 15.80
C ASP F 120 -13.03 -39.82 16.86
N PRO F 121 -14.26 -40.30 16.70
CA PRO F 121 -14.92 -41.15 17.69
C PRO F 121 -14.38 -42.56 17.63
N ASN F 122 -13.87 -42.96 16.47
CA ASN F 122 -13.34 -44.29 16.31
C ASN F 122 -11.95 -44.47 16.89
N THR F 123 -11.21 -43.38 17.05
CA THR F 123 -9.87 -43.50 17.57
C THR F 123 -9.65 -42.59 18.76
N PHE F 124 -10.44 -41.55 18.85
CA PHE F 124 -10.25 -40.54 19.87
C PHE F 124 -9.03 -39.70 19.58
N ASN F 125 -8.58 -39.76 18.34
CA ASN F 125 -7.49 -38.91 17.90
C ASN F 125 -7.97 -37.97 16.82
N LEU F 126 -7.05 -37.23 16.22
CA LEU F 126 -7.41 -36.31 15.17
C LEU F 126 -7.26 -36.92 13.82
N SER F 127 -8.15 -36.57 12.90
CA SER F 127 -7.89 -36.81 11.51
C SER F 127 -6.94 -35.73 11.07
N ARG F 128 -6.05 -36.07 10.17
CA ARG F 128 -4.99 -35.13 9.79
C ARG F 128 -5.46 -34.02 8.87
N PHE F 129 -5.05 -32.81 9.21
CA PHE F 129 -5.23 -31.65 8.37
C PHE F 129 -3.86 -31.01 8.35
N ALA F 130 -2.93 -31.65 7.66
CA ALA F 130 -1.53 -31.40 7.86
C ALA F 130 -0.99 -30.14 7.22
N ALA F 131 -1.62 -29.70 6.14
CA ALA F 131 -1.09 -28.60 5.38
C ALA F 131 -1.29 -27.29 6.10
N PHE F 132 -2.04 -27.32 7.20
CA PHE F 132 -2.31 -26.10 7.94
C PHE F 132 -1.70 -26.16 9.31
N GLU F 133 -1.11 -27.30 9.60
CA GLU F 133 -0.55 -27.55 10.90
C GLU F 133 0.62 -26.60 11.16
N GLY F 134 1.41 -26.35 10.12
CA GLY F 134 2.57 -25.49 10.25
C GLY F 134 2.26 -24.02 10.10
N PRO F 135 1.58 -23.65 9.01
CA PRO F 135 1.19 -22.26 8.80
C PRO F 135 0.42 -21.68 9.97
N CYS F 136 -0.37 -22.51 10.63
CA CYS F 136 -1.16 -22.05 11.75
C CYS F 136 -0.27 -21.77 12.95
N GLN F 137 0.66 -22.66 13.21
CA GLN F 137 1.58 -22.44 14.30
C GLN F 137 2.33 -21.16 14.07
N LEU F 138 2.89 -21.00 12.89
CA LEU F 138 3.60 -19.77 12.58
C LEU F 138 2.71 -18.58 12.87
N TYR F 139 1.47 -18.64 12.38
CA TYR F 139 0.55 -17.54 12.60
C TYR F 139 0.32 -17.28 14.07
N CYS F 140 0.42 -18.32 14.88
CA CYS F 140 0.20 -18.15 16.31
C CYS F 140 1.38 -17.42 16.91
N ALA F 141 2.58 -17.77 16.46
CA ALA F 141 3.78 -17.16 16.99
C ALA F 141 3.89 -15.69 16.65
N ALA F 142 3.14 -15.23 15.66
CA ALA F 142 3.26 -13.86 15.21
C ALA F 142 2.07 -13.00 15.64
N HIS F 143 1.08 -13.62 16.25
CA HIS F 143 -0.09 -12.90 16.73
C HIS F 143 -0.61 -13.51 18.01
N ALA F 144 0.14 -13.35 19.09
CA ALA F 144 -0.20 -14.01 20.35
C ALA F 144 -1.49 -13.47 20.97
N ASP F 145 -1.86 -12.27 20.59
CA ASP F 145 -3.05 -11.65 21.14
C ASP F 145 -4.28 -12.12 20.38
N SER F 146 -4.04 -12.71 19.22
CA SER F 146 -5.12 -13.05 18.30
C SER F 146 -6.22 -13.89 18.88
N ALA F 147 -7.32 -13.95 18.16
CA ALA F 147 -8.47 -14.75 18.51
C ALA F 147 -8.16 -16.21 18.29
N TRP F 148 -7.41 -16.47 17.23
CA TRP F 148 -7.13 -17.84 16.86
C TRP F 148 -6.44 -18.54 18.01
N VAL F 149 -5.51 -17.84 18.62
CA VAL F 149 -4.78 -18.42 19.72
C VAL F 149 -5.70 -18.75 20.87
N LYS F 150 -6.52 -17.79 21.26
CA LYS F 150 -7.41 -17.98 22.38
C LYS F 150 -8.35 -19.12 22.09
N ILE F 151 -8.62 -19.35 20.83
CA ILE F 151 -9.50 -20.43 20.48
C ILE F 151 -8.73 -21.72 20.51
N GLN F 152 -7.49 -21.68 20.05
CA GLN F 152 -6.67 -22.86 20.06
C GLN F 152 -6.48 -23.26 21.50
N THR F 153 -6.06 -22.31 22.31
CA THR F 153 -5.85 -22.62 23.70
C THR F 153 -7.05 -23.38 24.26
N LEU F 154 -8.24 -22.91 23.93
CA LEU F 154 -9.45 -23.52 24.46
C LEU F 154 -9.71 -24.91 23.93
N LEU F 155 -9.78 -25.05 22.62
CA LEU F 155 -10.14 -26.32 22.02
C LEU F 155 -9.06 -27.37 22.20
N THR F 156 -7.85 -26.92 22.48
CA THR F 156 -6.74 -27.82 22.68
C THR F 156 -6.87 -28.47 24.03
N LEU F 157 -7.35 -27.69 25.00
CA LEU F 157 -7.63 -28.19 26.32
C LEU F 157 -8.78 -29.15 26.23
N GLY F 158 -9.71 -28.84 25.35
CA GLY F 158 -10.80 -29.74 25.08
C GLY F 158 -10.25 -31.07 24.64
N ASN F 159 -9.47 -31.03 23.57
CA ASN F 159 -8.77 -32.22 23.09
C ASN F 159 -8.12 -32.96 24.23
N GLY F 160 -7.41 -32.23 25.09
CA GLY F 160 -6.68 -32.83 26.17
C GLY F 160 -7.55 -33.58 27.16
N ILE F 161 -8.52 -32.88 27.72
CA ILE F 161 -9.46 -33.51 28.64
C ILE F 161 -9.89 -34.86 28.11
N ILE F 162 -10.32 -34.90 26.86
CA ILE F 162 -10.70 -36.16 26.26
C ILE F 162 -9.55 -37.15 26.37
N ASN F 163 -8.36 -36.69 26.05
CA ASN F 163 -7.21 -37.59 26.07
C ASN F 163 -6.94 -38.16 27.45
N THR F 164 -6.77 -37.28 28.42
CA THR F 164 -6.50 -37.70 29.77
C THR F 164 -7.51 -38.74 30.23
N LEU F 165 -8.77 -38.55 29.88
CA LEU F 165 -9.77 -39.52 30.27
C LEU F 165 -9.48 -40.85 29.62
N LYS F 166 -9.04 -40.82 28.37
CA LYS F 166 -8.71 -42.03 27.66
C LYS F 166 -7.58 -42.75 28.36
N ILE F 167 -6.51 -42.02 28.62
CA ILE F 167 -5.37 -42.58 29.31
C ILE F 167 -5.82 -43.19 30.62
N ILE F 168 -6.35 -42.35 31.49
CA ILE F 168 -6.79 -42.76 32.81
C ILE F 168 -7.60 -44.04 32.79
N LYS F 169 -8.46 -44.17 31.81
CA LYS F 169 -9.23 -45.40 31.74
C LYS F 169 -8.32 -46.58 31.58
N GLN F 170 -7.44 -46.53 30.58
CA GLN F 170 -6.60 -47.69 30.32
C GLN F 170 -5.49 -47.84 31.33
N ALA F 171 -5.04 -46.73 31.89
CA ALA F 171 -4.03 -46.78 32.91
C ALA F 171 -4.53 -47.73 33.98
N GLN F 172 -5.52 -47.28 34.73
CA GLN F 172 -6.08 -48.10 35.78
C GLN F 172 -6.40 -49.48 35.22
N ALA F 173 -6.99 -49.53 34.04
CA ALA F 173 -7.32 -50.81 33.43
C ALA F 173 -6.13 -51.75 33.43
N PHE F 174 -4.94 -51.20 33.57
CA PHE F 174 -3.72 -51.99 33.46
C PHE F 174 -3.01 -52.08 34.78
N GLY F 175 -3.00 -50.96 35.50
CA GLY F 175 -2.35 -50.87 36.79
C GLY F 175 -1.83 -49.45 36.88
N ILE F 176 -0.54 -49.27 37.07
CA ILE F 176 0.01 -47.95 36.89
C ILE F 176 -0.62 -46.91 37.83
N ASP F 177 -1.07 -47.36 38.99
CA ASP F 177 -1.62 -46.46 39.99
C ASP F 177 -0.81 -45.18 40.06
N GLU F 178 0.42 -45.22 39.58
CA GLU F 178 1.21 -44.00 39.44
C GLU F 178 0.53 -43.22 38.35
N ALA F 179 -0.05 -43.97 37.42
CA ALA F 179 -0.60 -43.42 36.20
C ALA F 179 -2.03 -42.97 36.39
N VAL F 180 -2.89 -43.88 36.83
CA VAL F 180 -4.26 -43.51 37.15
C VAL F 180 -4.25 -42.28 38.05
N THR F 181 -3.31 -42.22 38.98
CA THR F 181 -3.30 -41.15 39.95
C THR F 181 -2.74 -39.85 39.44
N GLU F 182 -1.63 -39.92 38.74
CA GLU F 182 -0.90 -38.71 38.34
C GLU F 182 -1.65 -37.86 37.29
N ASN F 183 -2.37 -38.51 36.40
CA ASN F 183 -3.24 -37.80 35.47
C ASN F 183 -4.39 -37.13 36.20
N LEU F 184 -5.11 -37.95 36.96
CA LEU F 184 -6.31 -37.49 37.64
C LEU F 184 -6.07 -36.17 38.33
N LYS F 185 -4.90 -35.99 38.93
CA LYS F 185 -4.57 -34.67 39.42
C LYS F 185 -4.62 -33.73 38.25
N ALA F 186 -4.12 -34.18 37.11
CA ALA F 186 -3.92 -33.31 35.98
C ALA F 186 -5.26 -33.01 35.31
N LEU F 187 -6.03 -34.05 35.02
CA LEU F 187 -7.37 -33.88 34.46
C LEU F 187 -8.08 -32.67 35.03
N LYS F 188 -8.20 -32.66 36.34
CA LYS F 188 -8.86 -31.56 36.98
C LYS F 188 -8.12 -30.30 36.61
N GLU F 189 -6.82 -30.29 36.85
CA GLU F 189 -6.03 -29.10 36.63
C GLU F 189 -6.33 -28.49 35.28
N GLN F 190 -6.83 -29.31 34.37
CA GLN F 190 -7.13 -28.84 33.03
C GLN F 190 -8.48 -28.16 33.04
N PHE F 191 -9.40 -28.74 33.78
CA PHE F 191 -10.72 -28.16 33.96
C PHE F 191 -10.60 -26.67 34.26
N ILE F 192 -9.72 -26.32 35.18
CA ILE F 192 -9.61 -24.93 35.58
C ILE F 192 -9.15 -24.03 34.44
N ALA F 193 -8.18 -24.50 33.66
CA ALA F 193 -7.60 -23.68 32.60
C ALA F 193 -8.58 -23.51 31.46
N PHE F 194 -9.43 -24.52 31.29
CA PHE F 194 -10.50 -24.43 30.34
C PHE F 194 -11.32 -23.21 30.69
N GLN F 195 -11.98 -23.29 31.83
CA GLN F 195 -12.77 -22.18 32.31
C GLN F 195 -12.09 -20.88 32.00
N LEU F 196 -10.91 -20.68 32.55
CA LEU F 196 -10.23 -19.42 32.30
C LEU F 196 -10.26 -19.15 30.81
N ALA F 197 -10.34 -20.21 30.01
CA ALA F 197 -10.33 -20.02 28.57
C ALA F 197 -11.71 -19.59 28.11
N GLU F 198 -12.71 -20.41 28.43
CA GLU F 198 -14.08 -20.09 28.10
C GLU F 198 -14.36 -18.62 28.38
N ALA F 199 -13.77 -18.12 29.46
CA ALA F 199 -14.04 -16.79 29.92
C ALA F 199 -13.45 -15.76 28.99
N ASP F 200 -12.19 -15.98 28.61
CA ASP F 200 -11.52 -15.08 27.69
C ASP F 200 -12.17 -15.16 26.33
N ILE F 201 -12.38 -16.37 25.83
CA ILE F 201 -12.98 -16.48 24.52
C ILE F 201 -14.32 -15.75 24.52
N LYS F 202 -15.16 -16.09 25.49
CA LYS F 202 -16.48 -15.52 25.63
C LYS F 202 -16.51 -14.01 25.50
N GLU F 203 -15.73 -13.31 26.31
CA GLU F 203 -15.71 -11.86 26.26
C GLU F 203 -15.49 -11.33 24.86
N SER F 204 -14.61 -11.99 24.12
CA SER F 204 -14.26 -11.51 22.80
C SER F 204 -15.41 -11.65 21.79
N LEU F 205 -16.20 -12.71 21.89
CA LEU F 205 -17.27 -12.93 20.92
C LEU F 205 -18.50 -12.11 21.27
N LYS F 206 -18.47 -11.50 22.45
CA LYS F 206 -19.52 -10.61 22.89
C LYS F 206 -19.54 -9.33 22.07
N ALA F 207 -18.44 -9.06 21.38
CA ALA F 207 -18.30 -7.85 20.58
C ALA F 207 -19.30 -7.85 19.44
N PRO F 208 -19.74 -6.66 19.05
CA PRO F 208 -20.72 -6.46 17.99
C PRO F 208 -20.11 -6.46 16.61
N SER F 209 -20.90 -6.91 15.65
CA SER F 209 -20.59 -6.78 14.25
C SER F 209 -21.92 -6.99 13.55
N PHE F 210 -22.18 -6.23 12.49
CA PHE F 210 -23.43 -6.38 11.76
C PHE F 210 -23.16 -6.93 10.38
N ALA F 211 -21.92 -7.33 10.15
CA ALA F 211 -21.55 -7.92 8.89
C ALA F 211 -22.22 -9.29 8.74
N GLU F 212 -22.12 -9.86 7.54
CA GLU F 212 -22.71 -11.15 7.23
C GLU F 212 -22.57 -12.15 8.38
N PRO F 215 -21.57 -14.11 2.22
CA PRO F 215 -22.14 -15.45 2.03
C PRO F 215 -21.92 -15.95 0.61
N ASN F 216 -21.20 -17.05 0.46
CA ASN F 216 -20.88 -17.59 -0.85
C ASN F 216 -21.83 -18.69 -1.30
N LYS F 217 -22.40 -18.51 -2.48
CA LYS F 217 -23.28 -19.51 -3.05
C LYS F 217 -22.49 -20.68 -3.60
N GLU F 218 -21.21 -20.46 -3.86
CA GLU F 218 -20.37 -21.45 -4.53
C GLU F 218 -19.91 -22.61 -3.66
N SER F 219 -19.57 -22.32 -2.41
CA SER F 219 -19.05 -23.34 -1.50
C SER F 219 -19.32 -23.05 -0.03
N GLU F 220 -19.41 -24.12 0.75
CA GLU F 220 -19.56 -24.04 2.19
C GLU F 220 -18.22 -23.89 2.86
N PHE F 221 -17.17 -24.21 2.13
CA PHE F 221 -15.87 -24.41 2.75
C PHE F 221 -14.83 -23.37 2.39
N PHE F 222 -14.93 -22.79 1.21
CA PHE F 222 -13.90 -21.89 0.76
C PHE F 222 -14.42 -20.48 0.56
N TYR F 223 -13.51 -19.52 0.60
CA TYR F 223 -13.86 -18.18 0.16
C TYR F 223 -13.98 -18.23 -1.34
N PRO F 224 -14.59 -17.21 -1.92
CA PRO F 224 -14.76 -17.14 -3.37
C PRO F 224 -13.46 -17.23 -4.10
N ILE F 225 -13.42 -18.03 -5.16
CA ILE F 225 -12.21 -18.16 -5.96
C ILE F 225 -12.46 -17.78 -7.40
N ASP F 226 -11.80 -16.72 -7.86
CA ASP F 226 -11.96 -16.26 -9.21
C ASP F 226 -11.26 -17.17 -10.21
N GLU F 227 -11.49 -16.91 -11.48
CA GLU F 227 -11.02 -17.77 -12.55
C GLU F 227 -9.52 -17.79 -12.56
N LYS F 228 -8.93 -16.62 -12.37
CA LYS F 228 -7.50 -16.50 -12.36
C LYS F 228 -6.92 -17.32 -11.23
N ALA F 229 -7.54 -17.22 -10.07
CA ALA F 229 -6.96 -17.85 -8.90
C ALA F 229 -7.07 -19.34 -8.96
N LEU F 230 -8.11 -19.82 -9.61
CA LEU F 230 -8.41 -21.23 -9.61
C LEU F 230 -7.48 -21.96 -10.54
N ALA F 231 -7.17 -21.32 -11.65
CA ALA F 231 -6.34 -21.93 -12.66
C ALA F 231 -4.91 -22.07 -12.20
N LYS F 232 -4.53 -21.28 -11.21
CA LYS F 232 -3.17 -21.33 -10.71
C LYS F 232 -2.99 -22.46 -9.74
N MET F 233 -4.06 -23.17 -9.46
CA MET F 233 -4.00 -24.30 -8.57
C MET F 233 -3.47 -25.49 -9.32
N ASN F 234 -2.73 -26.31 -8.61
CA ASN F 234 -2.21 -27.52 -9.19
C ASN F 234 -3.09 -28.68 -8.81
N GLY F 235 -2.72 -29.86 -9.27
CA GLY F 235 -3.60 -31.02 -9.19
C GLY F 235 -3.91 -31.44 -7.79
N TYR F 236 -2.95 -31.27 -6.90
CA TYR F 236 -3.15 -31.64 -5.51
C TYR F 236 -4.08 -30.66 -4.85
N GLN F 237 -3.96 -29.40 -5.22
CA GLN F 237 -4.77 -28.34 -4.63
C GLN F 237 -6.20 -28.41 -5.12
N LEU F 238 -6.36 -28.69 -6.39
CA LEU F 238 -7.67 -28.81 -6.99
C LEU F 238 -8.38 -30.08 -6.52
N ALA F 239 -7.62 -31.14 -6.39
CA ALA F 239 -8.16 -32.39 -5.92
C ALA F 239 -8.54 -32.27 -4.47
N THR F 240 -7.68 -31.65 -3.67
CA THR F 240 -8.03 -31.36 -2.30
C THR F 240 -9.37 -30.62 -2.22
N ILE F 241 -9.57 -29.65 -3.11
CA ILE F 241 -10.79 -28.85 -3.12
C ILE F 241 -11.99 -29.70 -3.48
N CYS F 242 -11.84 -30.55 -4.47
CA CYS F 242 -12.92 -31.40 -4.92
C CYS F 242 -13.35 -32.36 -3.82
N LEU F 243 -12.37 -32.91 -3.11
CA LEU F 243 -12.64 -33.83 -2.01
C LEU F 243 -13.32 -33.10 -0.86
N GLU F 244 -12.95 -31.85 -0.66
CA GLU F 244 -13.62 -31.08 0.36
C GLU F 244 -15.07 -30.81 0.03
N GLU F 245 -15.38 -30.59 -1.25
CA GLU F 245 -16.72 -30.21 -1.60
C GLU F 245 -17.70 -31.34 -1.44
N LEU F 246 -17.23 -32.57 -1.54
CA LEU F 246 -18.11 -33.71 -1.41
C LEU F 246 -18.57 -33.90 0.02
N ASN F 247 -18.18 -32.98 0.88
CA ASN F 247 -18.64 -33.01 2.25
C ASN F 247 -19.97 -32.32 2.35
N SER F 248 -20.41 -31.76 1.23
CA SER F 248 -21.71 -31.14 1.15
C SER F 248 -22.70 -32.12 0.57
N PRO F 249 -23.93 -32.12 1.10
CA PRO F 249 -24.91 -33.11 0.69
C PRO F 249 -25.35 -32.95 -0.74
N LYS F 250 -25.21 -31.76 -1.28
CA LYS F 250 -25.64 -31.50 -2.64
C LYS F 250 -24.50 -30.92 -3.41
N PRO F 251 -24.34 -31.37 -4.64
CA PRO F 251 -23.29 -30.87 -5.54
C PRO F 251 -23.20 -29.36 -5.45
N SER F 252 -21.99 -28.83 -5.53
CA SER F 252 -21.75 -27.42 -5.35
C SER F 252 -21.30 -26.77 -6.64
N PRO F 253 -21.55 -25.46 -6.76
CA PRO F 253 -21.10 -24.67 -7.90
C PRO F 253 -19.61 -24.75 -8.04
N LEU F 254 -18.88 -24.73 -6.95
CA LEU F 254 -17.43 -24.76 -7.01
C LEU F 254 -16.91 -26.00 -7.69
N ILE F 255 -17.46 -27.15 -7.33
CA ILE F 255 -16.98 -28.39 -7.89
C ILE F 255 -17.46 -28.58 -9.31
N GLU F 256 -18.58 -27.94 -9.64
CA GLU F 256 -19.11 -28.02 -10.99
C GLU F 256 -18.24 -27.19 -11.90
N ARG F 257 -17.76 -26.09 -11.36
CA ARG F 257 -16.87 -25.20 -12.07
C ARG F 257 -15.55 -25.89 -12.36
N ILE F 258 -15.03 -26.58 -11.37
CA ILE F 258 -13.75 -27.25 -11.47
C ILE F 258 -13.80 -28.46 -12.38
N LEU F 259 -14.84 -29.26 -12.22
CA LEU F 259 -14.99 -30.48 -12.99
C LEU F 259 -15.49 -30.19 -14.38
N SER F 260 -16.19 -29.09 -14.53
CA SER F 260 -16.73 -28.70 -15.80
C SER F 260 -15.66 -28.27 -16.78
N ASN F 261 -14.52 -27.81 -16.26
CA ASN F 261 -13.42 -27.34 -17.08
C ASN F 261 -12.46 -28.44 -17.47
N LYS F 262 -12.24 -28.59 -18.78
CA LYS F 262 -11.45 -29.68 -19.31
C LYS F 262 -9.97 -29.51 -19.03
N LYS F 263 -9.55 -28.27 -18.84
CA LYS F 263 -8.12 -28.02 -18.73
C LYS F 263 -7.55 -28.45 -17.41
N PHE F 264 -8.44 -28.67 -16.45
CA PHE F 264 -8.04 -29.01 -15.10
C PHE F 264 -7.85 -30.49 -14.87
N TRP F 265 -8.53 -31.31 -15.66
CA TRP F 265 -8.67 -32.72 -15.34
C TRP F 265 -7.37 -33.50 -15.30
N LYS F 266 -6.47 -33.20 -16.22
CA LYS F 266 -5.27 -33.98 -16.31
C LYS F 266 -4.53 -33.97 -15.01
N ARG F 267 -4.49 -32.81 -14.36
CA ARG F 267 -3.72 -32.73 -13.16
C ARG F 267 -4.51 -33.14 -11.94
N ILE F 268 -5.83 -33.15 -12.04
CA ILE F 268 -6.63 -33.59 -10.93
C ILE F 268 -6.55 -35.11 -10.82
N ASN F 269 -6.73 -35.79 -11.93
CA ASN F 269 -6.72 -37.24 -11.94
C ASN F 269 -5.35 -37.78 -11.67
N SER F 270 -4.35 -37.03 -12.09
CA SER F 270 -2.98 -37.41 -11.88
C SER F 270 -2.66 -37.44 -10.41
N ALA F 271 -3.26 -36.52 -9.67
CA ALA F 271 -3.07 -36.43 -8.23
C ALA F 271 -3.82 -37.53 -7.52
N PHE F 272 -4.91 -37.97 -8.12
CA PHE F 272 -5.68 -39.08 -7.57
C PHE F 272 -4.87 -40.32 -7.70
N GLU F 273 -4.21 -40.46 -8.83
CA GLU F 273 -3.45 -41.66 -9.13
C GLU F 273 -2.15 -41.75 -8.37
N SER F 274 -1.69 -40.62 -7.85
CA SER F 274 -0.46 -40.56 -7.10
C SER F 274 -0.57 -41.41 -5.87
N GLY F 275 -1.79 -41.58 -5.39
CA GLY F 275 -2.07 -42.44 -4.24
C GLY F 275 -2.01 -41.66 -2.95
N VAL F 276 -1.87 -40.37 -3.09
CA VAL F 276 -1.64 -39.53 -1.94
C VAL F 276 -2.83 -39.42 -1.00
N PHE F 277 -4.01 -39.75 -1.51
CA PHE F 277 -5.21 -39.54 -0.71
C PHE F 277 -5.72 -40.80 -0.05
N LYS F 278 -5.04 -41.91 -0.31
CA LYS F 278 -5.52 -43.21 0.15
C LYS F 278 -5.78 -43.30 1.65
N GLY F 279 -5.00 -42.60 2.44
CA GLY F 279 -5.05 -42.77 3.88
C GLY F 279 -6.12 -41.99 4.58
N ARG F 280 -6.83 -41.17 3.81
CA ARG F 280 -7.79 -40.27 4.38
C ARG F 280 -8.92 -41.06 4.99
N THR F 281 -9.64 -40.42 5.89
CA THR F 281 -10.69 -41.11 6.60
C THR F 281 -12.07 -40.86 6.03
N ASP F 282 -12.16 -39.94 5.08
CA ASP F 282 -13.45 -39.54 4.53
C ASP F 282 -13.77 -40.23 3.21
N ASP F 283 -13.54 -41.54 3.17
CA ASP F 283 -13.85 -42.33 1.99
C ASP F 283 -13.38 -41.72 0.68
N PRO F 284 -12.07 -41.56 0.53
CA PRO F 284 -11.49 -41.01 -0.68
C PRO F 284 -11.75 -41.88 -1.90
N ALA F 285 -11.84 -43.18 -1.69
CA ALA F 285 -12.13 -44.09 -2.77
C ALA F 285 -13.50 -43.78 -3.32
N GLY F 286 -14.44 -43.57 -2.42
CA GLY F 286 -15.80 -43.29 -2.80
C GLY F 286 -15.91 -41.94 -3.43
N LYS F 287 -15.26 -40.96 -2.81
CA LYS F 287 -15.25 -39.61 -3.33
C LYS F 287 -14.61 -39.53 -4.69
N ILE F 288 -13.52 -40.26 -4.88
CA ILE F 288 -12.82 -40.20 -6.13
C ILE F 288 -13.56 -40.90 -7.23
N ALA F 289 -14.29 -41.95 -6.88
CA ALA F 289 -15.07 -42.67 -7.87
C ALA F 289 -16.19 -41.79 -8.34
N LYS F 290 -16.73 -41.02 -7.42
CA LYS F 290 -17.83 -40.13 -7.73
C LYS F 290 -17.36 -38.96 -8.59
N ILE F 291 -16.28 -38.33 -8.16
CA ILE F 291 -15.69 -37.23 -8.93
C ILE F 291 -15.38 -37.61 -10.36
N ARG F 292 -14.94 -38.84 -10.56
CA ARG F 292 -14.61 -39.28 -11.89
C ARG F 292 -15.87 -39.47 -12.72
N GLU F 293 -16.94 -39.91 -12.07
CA GLU F 293 -18.21 -40.08 -12.73
C GLU F 293 -18.78 -38.72 -13.11
N TRP F 294 -18.75 -37.79 -12.16
CA TRP F 294 -19.26 -36.47 -12.39
C TRP F 294 -18.54 -35.77 -13.52
N HIS F 295 -17.23 -35.96 -13.58
CA HIS F 295 -16.43 -35.38 -14.65
C HIS F 295 -16.83 -35.93 -16.01
N GLN F 296 -17.14 -37.21 -16.06
CA GLN F 296 -17.55 -37.83 -17.30
C GLN F 296 -18.86 -37.23 -17.77
N LEU F 297 -19.73 -36.96 -16.81
CA LEU F 297 -21.03 -36.38 -17.10
C LEU F 297 -20.86 -34.96 -17.61
N LEU F 298 -20.07 -34.18 -16.89
CA LEU F 298 -19.83 -32.79 -17.22
C LEU F 298 -18.97 -32.59 -18.46
N GLN F 299 -18.21 -33.61 -18.83
CA GLN F 299 -17.34 -33.52 -19.99
C GLN F 299 -18.18 -33.37 -21.22
N ILE F 300 -19.35 -34.01 -21.20
CA ILE F 300 -20.29 -33.86 -22.28
C ILE F 300 -21.03 -32.53 -22.15
N SER F 301 -20.93 -31.71 -23.18
CA SER F 301 -21.60 -30.41 -23.17
C SER F 301 -20.96 -29.45 -22.19
N GLY F 302 -19.66 -29.59 -21.99
CA GLY F 302 -18.91 -28.69 -21.13
C GLY F 302 -19.66 -28.29 -19.88
N GLU G 5 -1.62 -21.88 -67.92
CA GLU G 5 -2.75 -21.03 -68.21
C GLU G 5 -3.93 -21.43 -67.34
N TYR G 6 -4.84 -20.49 -67.13
CA TYR G 6 -5.93 -20.70 -66.20
C TYR G 6 -7.11 -19.88 -66.65
N ASP G 7 -8.30 -20.18 -66.14
CA ASP G 7 -9.47 -19.43 -66.52
C ASP G 7 -9.79 -18.35 -65.51
N TYR G 8 -9.53 -18.65 -64.24
CA TYR G 8 -9.82 -17.71 -63.17
C TYR G 8 -8.63 -17.53 -62.24
N LEU G 9 -8.42 -16.30 -61.79
CA LEU G 9 -7.37 -15.99 -60.84
C LEU G 9 -7.95 -15.39 -59.57
N PHE G 10 -8.08 -16.22 -58.54
CA PHE G 10 -8.66 -15.78 -57.29
C PHE G 10 -7.63 -15.53 -56.21
N LYS G 11 -7.83 -14.46 -55.47
CA LYS G 11 -6.94 -14.07 -54.41
C LYS G 11 -7.58 -14.26 -53.05
N LEU G 12 -6.98 -15.10 -52.23
CA LEU G 12 -7.54 -15.44 -50.94
C LEU G 12 -6.67 -15.02 -49.77
N LEU G 13 -7.31 -14.73 -48.66
CA LEU G 13 -6.59 -14.32 -47.48
C LEU G 13 -7.05 -15.12 -46.27
N LEU G 14 -6.09 -15.59 -45.49
CA LEU G 14 -6.41 -16.28 -44.25
C LEU G 14 -6.16 -15.36 -43.07
N ILE G 15 -7.12 -15.28 -42.17
CA ILE G 15 -6.94 -14.47 -40.99
C ILE G 15 -7.46 -15.14 -39.74
N GLY G 16 -7.02 -14.64 -38.59
CA GLY G 16 -7.41 -15.20 -37.32
C GLY G 16 -6.37 -15.01 -36.26
N ASP G 17 -6.71 -15.40 -35.04
CA ASP G 17 -5.83 -15.24 -33.91
C ASP G 17 -4.52 -15.98 -34.12
N SER G 18 -3.49 -15.54 -33.42
CA SER G 18 -2.19 -16.17 -33.55
C SER G 18 -2.26 -17.59 -33.03
N GLY G 19 -1.76 -18.53 -33.83
CA GLY G 19 -1.60 -19.89 -33.39
C GLY G 19 -2.73 -20.84 -33.66
N VAL G 20 -3.69 -20.42 -34.47
CA VAL G 20 -4.87 -21.24 -34.70
C VAL G 20 -4.67 -22.25 -35.82
N GLY G 21 -3.71 -22.00 -36.68
CA GLY G 21 -3.32 -22.98 -37.66
C GLY G 21 -3.40 -22.49 -39.09
N LYS G 22 -3.37 -21.18 -39.25
CA LYS G 22 -3.44 -20.62 -40.59
C LYS G 22 -2.34 -21.15 -41.48
N SER G 23 -1.10 -20.97 -41.04
CA SER G 23 0.04 -21.35 -41.84
C SER G 23 0.01 -22.84 -42.10
N CYS G 24 -0.29 -23.59 -41.06
CA CYS G 24 -0.41 -25.03 -41.15
C CYS G 24 -1.47 -25.44 -42.17
N LEU G 25 -2.52 -24.64 -42.29
CA LEU G 25 -3.61 -24.92 -43.21
C LEU G 25 -3.17 -24.67 -44.64
N LEU G 26 -2.50 -23.57 -44.86
CA LEU G 26 -2.03 -23.20 -46.17
C LEU G 26 -0.98 -24.16 -46.69
N LEU G 27 -0.17 -24.70 -45.79
CA LEU G 27 0.89 -25.60 -46.19
C LEU G 27 0.32 -26.94 -46.62
N ARG G 28 -0.67 -27.42 -45.91
CA ARG G 28 -1.29 -28.68 -46.25
C ARG G 28 -1.95 -28.59 -47.61
N PHE G 29 -2.54 -27.44 -47.89
CA PHE G 29 -3.20 -27.25 -49.16
C PHE G 29 -2.20 -27.20 -50.29
N ALA G 30 -1.10 -26.48 -50.08
CA ALA G 30 -0.13 -26.25 -51.12
C ALA G 30 0.92 -27.35 -51.26
N ASP G 31 1.15 -28.10 -50.21
CA ASP G 31 2.25 -29.05 -50.24
C ASP G 31 1.89 -30.42 -49.68
N ASP G 32 0.67 -30.54 -49.19
CA ASP G 32 0.25 -31.79 -48.59
C ASP G 32 1.24 -32.26 -47.55
N THR G 33 1.81 -31.31 -46.83
CA THR G 33 2.76 -31.59 -45.77
C THR G 33 2.33 -30.91 -44.49
N TYR G 34 2.97 -31.29 -43.40
CA TYR G 34 2.67 -30.73 -42.10
C TYR G 34 3.89 -30.83 -41.22
N THR G 35 4.42 -29.67 -40.81
CA THR G 35 5.52 -29.61 -39.86
C THR G 35 4.96 -29.24 -38.50
N GLU G 36 5.57 -29.75 -37.44
CA GLU G 36 5.12 -29.44 -36.10
C GLU G 36 6.00 -28.39 -35.45
N SER G 37 6.98 -27.89 -36.21
CA SER G 37 7.87 -26.84 -35.74
C SER G 37 7.11 -25.60 -35.32
N TYR G 38 7.47 -25.03 -34.17
CA TYR G 38 6.80 -23.86 -33.63
C TYR G 38 7.35 -22.60 -34.25
N ILE G 39 6.94 -22.34 -35.49
CA ILE G 39 7.34 -21.13 -36.18
C ILE G 39 6.17 -20.20 -36.28
N SER G 40 6.40 -18.92 -36.09
CA SER G 40 5.33 -17.95 -36.21
C SER G 40 5.58 -16.99 -37.36
N THR G 41 4.52 -16.80 -38.14
CA THR G 41 4.57 -16.00 -39.35
C THR G 41 4.78 -14.53 -39.07
N ILE G 42 5.72 -13.92 -39.76
CA ILE G 42 5.88 -12.49 -39.71
C ILE G 42 5.15 -11.84 -40.87
N GLY G 43 4.35 -10.83 -40.58
CA GLY G 43 3.63 -10.11 -41.61
C GLY G 43 2.73 -11.01 -42.44
N VAL G 44 3.11 -11.22 -43.69
CA VAL G 44 2.33 -12.05 -44.57
C VAL G 44 3.21 -12.88 -45.48
N ASP G 45 2.70 -14.05 -45.83
CA ASP G 45 3.35 -14.89 -46.81
C ASP G 45 2.31 -15.27 -47.82
N PHE G 46 2.71 -16.03 -48.83
CA PHE G 46 1.74 -16.48 -49.80
C PHE G 46 2.19 -17.72 -50.55
N LYS G 47 1.23 -18.58 -50.83
CA LYS G 47 1.47 -19.71 -51.72
C LYS G 47 0.42 -19.69 -52.81
N ILE G 48 0.63 -20.45 -53.87
CA ILE G 48 -0.34 -20.49 -54.95
C ILE G 48 -0.59 -21.91 -55.46
N ARG G 49 -1.86 -22.26 -55.58
CA ARG G 49 -2.22 -23.57 -56.09
C ARG G 49 -3.36 -23.50 -57.08
N THR G 50 -3.26 -24.32 -58.12
CA THR G 50 -4.25 -24.32 -59.18
C THR G 50 -5.17 -25.51 -59.04
N ILE G 51 -6.45 -25.25 -58.98
CA ILE G 51 -7.41 -26.31 -58.90
C ILE G 51 -8.28 -26.25 -60.13
N GLU G 52 -9.16 -27.22 -60.26
CA GLU G 52 -10.13 -27.18 -61.34
C GLU G 52 -11.50 -27.49 -60.77
N LEU G 53 -12.37 -26.49 -60.79
CA LEU G 53 -13.74 -26.67 -60.34
C LEU G 53 -14.70 -26.44 -61.50
N ASP G 54 -15.58 -27.41 -61.72
CA ASP G 54 -16.55 -27.33 -62.79
C ASP G 54 -15.86 -27.18 -64.12
N GLY G 55 -14.82 -27.97 -64.34
CA GLY G 55 -14.14 -27.98 -65.61
C GLY G 55 -13.37 -26.70 -65.88
N LYS G 56 -13.67 -25.69 -65.08
CA LYS G 56 -12.94 -24.43 -65.16
C LYS G 56 -11.69 -24.50 -64.31
N THR G 57 -10.58 -24.00 -64.86
CA THR G 57 -9.30 -24.07 -64.22
C THR G 57 -8.99 -22.81 -63.43
N ILE G 58 -8.92 -22.95 -62.11
CA ILE G 58 -8.83 -21.80 -61.23
C ILE G 58 -7.49 -21.70 -60.52
N LYS G 59 -6.92 -20.50 -60.56
CA LYS G 59 -5.64 -20.25 -59.94
C LYS G 59 -5.86 -19.56 -58.62
N LEU G 60 -5.33 -20.15 -57.56
CA LEU G 60 -5.53 -19.60 -56.24
C LEU G 60 -4.28 -18.93 -55.71
N GLN G 61 -4.36 -17.64 -55.46
CA GLN G 61 -3.24 -16.90 -54.92
C GLN G 61 -3.51 -16.62 -53.45
N ILE G 62 -2.99 -17.48 -52.59
CA ILE G 62 -3.39 -17.48 -51.20
C ILE G 62 -2.39 -16.86 -50.25
N TRP G 63 -2.86 -15.85 -49.52
CA TRP G 63 -1.99 -15.12 -48.62
C TRP G 63 -2.28 -15.45 -47.16
N ASP G 64 -1.21 -15.78 -46.45
CA ASP G 64 -1.28 -16.05 -45.03
C ASP G 64 -0.95 -14.78 -44.27
N THR G 65 -1.67 -14.53 -43.19
CA THR G 65 -1.38 -13.38 -42.35
C THR G 65 -0.95 -13.78 -40.96
N ALA G 66 -0.38 -12.82 -40.25
CA ALA G 66 0.04 -12.99 -38.89
C ALA G 66 -1.06 -12.47 -38.01
N GLY G 67 -1.30 -13.16 -36.91
CA GLY G 67 -2.41 -12.84 -36.04
C GLY G 67 -2.19 -11.79 -34.99
N GLN G 68 -0.93 -11.55 -34.63
CA GLN G 68 -0.64 -10.61 -33.57
C GLN G 68 -0.99 -9.20 -33.96
N GLU G 69 -1.50 -8.44 -33.01
CA GLU G 69 -1.96 -7.08 -33.26
C GLU G 69 -0.84 -6.18 -33.72
N ARG G 70 0.39 -6.54 -33.36
CA ARG G 70 1.54 -5.71 -33.67
C ARG G 70 1.87 -5.75 -35.13
N PHE G 71 1.21 -6.64 -35.86
CA PHE G 71 1.48 -6.78 -37.28
C PHE G 71 0.31 -6.32 -38.10
N ARG G 72 -0.75 -5.89 -37.43
CA ARG G 72 -1.99 -5.61 -38.13
C ARG G 72 -1.76 -4.65 -39.26
N THR G 73 -1.06 -3.56 -38.98
CA THR G 73 -0.87 -2.51 -39.96
C THR G 73 -0.35 -3.01 -41.28
N ILE G 74 0.39 -4.10 -41.26
CA ILE G 74 0.95 -4.61 -42.49
C ILE G 74 -0.04 -5.52 -43.16
N THR G 75 -0.65 -6.38 -42.37
CA THR G 75 -1.59 -7.34 -42.88
C THR G 75 -2.80 -6.64 -43.47
N SER G 76 -3.36 -5.71 -42.72
CA SER G 76 -4.62 -5.10 -43.10
C SER G 76 -4.62 -4.61 -44.53
N SER G 77 -3.44 -4.28 -45.04
CA SER G 77 -3.35 -3.65 -46.34
C SER G 77 -3.52 -4.67 -47.44
N TYR G 78 -3.71 -5.92 -47.06
CA TYR G 78 -3.91 -6.97 -48.04
C TYR G 78 -5.37 -7.37 -48.16
N TYR G 79 -6.21 -6.80 -47.31
CA TYR G 79 -7.62 -7.15 -47.29
C TYR G 79 -8.34 -6.73 -48.56
N ARG G 80 -8.43 -5.43 -48.77
CA ARG G 80 -9.30 -4.86 -49.78
C ARG G 80 -9.12 -5.47 -51.17
N GLY G 81 -7.98 -6.10 -51.40
CA GLY G 81 -7.70 -6.62 -52.71
C GLY G 81 -8.04 -8.08 -52.82
N ALA G 82 -8.80 -8.59 -51.87
CA ALA G 82 -9.03 -10.01 -51.79
C ALA G 82 -10.41 -10.39 -52.29
N HIS G 83 -10.50 -11.57 -52.90
CA HIS G 83 -11.76 -12.07 -53.36
C HIS G 83 -12.48 -12.78 -52.23
N GLY G 84 -11.71 -13.56 -51.48
CA GLY G 84 -12.26 -14.31 -50.38
C GLY G 84 -11.34 -14.31 -49.18
N ILE G 85 -11.95 -14.31 -48.01
CA ILE G 85 -11.19 -14.30 -46.78
C ILE G 85 -11.69 -15.35 -45.83
N ILE G 86 -10.78 -16.24 -45.45
CA ILE G 86 -11.11 -17.32 -44.55
C ILE G 86 -10.73 -16.97 -43.14
N VAL G 87 -11.72 -16.89 -42.26
CA VAL G 87 -11.46 -16.62 -40.86
C VAL G 87 -11.29 -17.91 -40.10
N VAL G 88 -10.20 -18.02 -39.36
CA VAL G 88 -9.89 -19.27 -38.71
C VAL G 88 -9.83 -19.16 -37.21
N TYR G 89 -10.36 -20.18 -36.54
CA TYR G 89 -10.26 -20.26 -35.11
C TYR G 89 -9.83 -21.66 -34.69
N ASP G 90 -9.53 -21.81 -33.41
CA ASP G 90 -9.06 -23.07 -32.87
C ASP G 90 -10.17 -23.71 -32.05
N VAL G 91 -10.64 -24.87 -32.48
CA VAL G 91 -11.73 -25.53 -31.78
C VAL G 91 -11.39 -25.81 -30.32
N THR G 92 -10.16 -25.48 -29.94
CA THR G 92 -9.62 -25.80 -28.63
C THR G 92 -9.46 -24.53 -27.81
N ASP G 93 -9.73 -23.41 -28.46
CA ASP G 93 -9.50 -22.11 -27.88
C ASP G 93 -10.77 -21.28 -27.90
N GLN G 94 -11.35 -21.04 -26.73
CA GLN G 94 -12.58 -20.30 -26.65
C GLN G 94 -12.40 -18.85 -27.04
N GLU G 95 -11.27 -18.27 -26.68
CA GLU G 95 -11.03 -16.88 -26.99
C GLU G 95 -10.84 -16.63 -28.47
N SER G 96 -10.25 -17.59 -29.17
CA SER G 96 -10.01 -17.45 -30.59
C SER G 96 -11.32 -17.43 -31.35
N TYR G 97 -12.33 -18.04 -30.77
CA TYR G 97 -13.63 -18.08 -31.39
C TYR G 97 -14.40 -16.84 -31.02
N ALA G 98 -14.18 -16.34 -29.82
CA ALA G 98 -14.86 -15.14 -29.42
C ALA G 98 -14.32 -13.97 -30.20
N ASN G 99 -13.13 -14.14 -30.76
CA ASN G 99 -12.48 -13.04 -31.44
C ASN G 99 -12.87 -12.97 -32.88
N VAL G 100 -13.58 -13.98 -33.34
CA VAL G 100 -14.02 -14.00 -34.72
C VAL G 100 -14.89 -12.80 -35.01
N LYS G 101 -15.63 -12.36 -34.02
CA LYS G 101 -16.52 -11.22 -34.15
C LYS G 101 -15.72 -9.98 -34.48
N GLN G 102 -14.54 -9.90 -33.91
CA GLN G 102 -13.66 -8.77 -34.10
C GLN G 102 -12.95 -8.90 -35.41
N TRP G 103 -12.64 -10.13 -35.77
CA TRP G 103 -11.98 -10.40 -37.03
C TRP G 103 -12.89 -10.09 -38.19
N LEU G 104 -14.19 -10.19 -37.96
CA LEU G 104 -15.17 -9.89 -38.98
C LEU G 104 -15.34 -8.39 -39.10
N GLN G 105 -15.12 -7.70 -38.00
CA GLN G 105 -15.15 -6.26 -38.01
C GLN G 105 -14.03 -5.70 -38.86
N GLU G 106 -12.86 -6.29 -38.73
CA GLU G 106 -11.71 -5.84 -39.49
C GLU G 106 -11.96 -6.02 -40.97
N ILE G 107 -12.80 -6.98 -41.31
CA ILE G 107 -13.12 -7.22 -42.69
C ILE G 107 -14.02 -6.12 -43.19
N ASP G 108 -14.94 -5.69 -42.34
CA ASP G 108 -15.86 -4.62 -42.69
C ASP G 108 -15.12 -3.32 -42.86
N ARG G 109 -13.85 -3.33 -42.48
CA ARG G 109 -13.10 -2.08 -42.42
C ARG G 109 -12.06 -1.97 -43.51
N TYR G 110 -11.34 -3.04 -43.78
CA TYR G 110 -10.26 -2.95 -44.74
C TYR G 110 -10.61 -3.66 -46.02
N ALA G 111 -11.64 -4.49 -45.98
CA ALA G 111 -11.95 -5.34 -47.10
C ALA G 111 -13.02 -4.76 -48.02
N SER G 112 -13.10 -5.29 -49.23
CA SER G 112 -14.06 -4.82 -50.20
C SER G 112 -15.46 -5.18 -49.73
N GLU G 113 -16.44 -4.44 -50.21
CA GLU G 113 -17.79 -4.56 -49.70
C GLU G 113 -18.39 -5.93 -49.93
N ASN G 114 -18.17 -6.50 -51.11
CA ASN G 114 -18.80 -7.75 -51.46
C ASN G 114 -17.85 -8.91 -51.51
N VAL G 115 -17.01 -9.00 -50.48
CA VAL G 115 -16.00 -10.03 -50.41
C VAL G 115 -16.57 -11.28 -49.79
N ASN G 116 -16.12 -12.42 -50.32
CA ASN G 116 -16.54 -13.71 -49.82
C ASN G 116 -15.82 -14.12 -48.55
N LYS G 117 -16.60 -14.63 -47.60
CA LYS G 117 -16.10 -15.05 -46.32
C LYS G 117 -16.23 -16.54 -46.15
N LEU G 118 -15.62 -17.07 -45.10
CA LEU G 118 -15.68 -18.49 -44.80
C LEU G 118 -15.14 -18.77 -43.42
N LEU G 119 -15.98 -19.38 -42.58
CA LEU G 119 -15.60 -19.66 -41.21
C LEU G 119 -15.00 -21.05 -41.05
N VAL G 120 -13.91 -21.13 -40.31
CA VAL G 120 -13.19 -22.37 -40.18
C VAL G 120 -12.76 -22.64 -38.75
N GLY G 121 -13.07 -23.85 -38.29
CA GLY G 121 -12.61 -24.31 -37.01
C GLY G 121 -11.55 -25.34 -37.23
N ASN G 122 -10.36 -25.08 -36.72
CA ASN G 122 -9.24 -25.96 -36.98
C ASN G 122 -8.84 -26.79 -35.79
N LYS G 123 -7.98 -27.76 -36.03
CA LYS G 123 -7.50 -28.66 -34.97
C LYS G 123 -8.60 -29.55 -34.46
N SER G 124 -9.40 -30.08 -35.37
CA SER G 124 -10.56 -30.88 -35.00
C SER G 124 -10.15 -32.25 -34.53
N ASP G 125 -8.91 -32.64 -34.82
CA ASP G 125 -8.40 -33.93 -34.45
C ASP G 125 -8.21 -34.01 -32.94
N LEU G 126 -8.15 -32.86 -32.31
CA LEU G 126 -7.99 -32.79 -30.87
C LEU G 126 -9.34 -32.90 -30.20
N THR G 127 -9.92 -34.09 -30.26
CA THR G 127 -11.24 -34.37 -29.74
C THR G 127 -11.38 -34.08 -28.26
N THR G 128 -10.35 -34.43 -27.50
CA THR G 128 -10.38 -34.36 -26.06
C THR G 128 -10.55 -32.95 -25.54
N LYS G 129 -9.88 -32.02 -26.20
CA LYS G 129 -9.79 -30.66 -25.72
C LYS G 129 -10.68 -29.73 -26.51
N LYS G 130 -11.40 -30.26 -27.49
CA LYS G 130 -12.34 -29.47 -28.26
C LYS G 130 -13.31 -28.80 -27.32
N VAL G 131 -13.61 -27.55 -27.57
CA VAL G 131 -14.34 -26.74 -26.60
C VAL G 131 -15.33 -25.79 -27.26
N VAL G 132 -15.26 -25.68 -28.58
CA VAL G 132 -16.25 -24.91 -29.31
C VAL G 132 -17.15 -25.91 -30.01
N ASP G 133 -18.38 -26.04 -29.53
CA ASP G 133 -19.33 -26.93 -30.17
C ASP G 133 -19.61 -26.43 -31.57
N ASN G 134 -19.30 -27.27 -32.56
CA ASN G 134 -19.56 -26.91 -33.94
C ASN G 134 -20.98 -26.40 -34.13
N THR G 135 -21.95 -27.18 -33.68
CA THR G 135 -23.34 -26.79 -33.73
C THR G 135 -23.54 -25.32 -33.37
N THR G 136 -22.83 -24.85 -32.35
CA THR G 136 -22.93 -23.47 -31.93
C THR G 136 -22.34 -22.56 -32.98
N ALA G 137 -21.45 -23.12 -33.80
CA ALA G 137 -20.72 -22.34 -34.78
C ALA G 137 -21.41 -22.34 -36.12
N LYS G 138 -22.17 -23.39 -36.42
CA LYS G 138 -22.91 -23.41 -37.66
C LYS G 138 -24.00 -22.38 -37.57
N GLU G 139 -24.59 -22.27 -36.40
CA GLU G 139 -25.63 -21.29 -36.19
C GLU G 139 -25.10 -19.94 -36.58
N PHE G 140 -23.99 -19.56 -35.97
CA PHE G 140 -23.45 -18.23 -36.16
C PHE G 140 -23.11 -17.99 -37.61
N ALA G 141 -22.50 -18.97 -38.24
CA ALA G 141 -22.14 -18.84 -39.63
C ALA G 141 -23.41 -18.69 -40.44
N ASP G 142 -24.43 -19.43 -40.07
CA ASP G 142 -25.70 -19.34 -40.80
C ASP G 142 -26.31 -17.97 -40.62
N SER G 143 -26.22 -17.45 -39.40
CA SER G 143 -26.83 -16.16 -39.13
C SER G 143 -26.22 -15.07 -39.98
N LEU G 144 -25.20 -15.42 -40.75
CA LEU G 144 -24.50 -14.43 -41.54
C LEU G 144 -24.41 -14.85 -42.99
N GLY G 145 -24.92 -16.02 -43.29
CA GLY G 145 -24.93 -16.51 -44.65
C GLY G 145 -23.54 -16.89 -45.08
N ILE G 146 -22.82 -17.53 -44.18
CA ILE G 146 -21.45 -17.92 -44.43
C ILE G 146 -21.34 -19.41 -44.33
N PRO G 147 -20.47 -20.00 -45.16
CA PRO G 147 -20.18 -21.42 -45.09
C PRO G 147 -19.33 -21.71 -43.88
N PHE G 148 -19.46 -22.92 -43.34
CA PHE G 148 -18.68 -23.32 -42.20
C PHE G 148 -18.11 -24.69 -42.40
N LEU G 149 -17.07 -24.99 -41.64
CA LEU G 149 -16.29 -26.17 -41.92
C LEU G 149 -15.31 -26.38 -40.78
N GLU G 150 -15.11 -27.63 -40.40
CA GLU G 150 -14.12 -27.97 -39.38
C GLU G 150 -12.99 -28.74 -40.02
N THR G 151 -11.76 -28.26 -39.83
CA THR G 151 -10.61 -28.86 -40.47
C THR G 151 -9.60 -29.37 -39.47
N SER G 152 -8.71 -30.23 -39.97
CA SER G 152 -7.51 -30.60 -39.25
C SER G 152 -6.36 -30.58 -40.25
N ALA G 153 -5.49 -29.61 -40.10
CA ALA G 153 -4.36 -29.47 -41.00
C ALA G 153 -3.43 -30.64 -40.83
N LYS G 154 -3.45 -31.22 -39.65
CA LYS G 154 -2.61 -32.34 -39.31
C LYS G 154 -3.12 -33.61 -39.97
N ASN G 155 -4.39 -33.92 -39.73
CA ASN G 155 -5.02 -35.05 -40.35
C ASN G 155 -5.27 -34.82 -41.83
N ALA G 156 -5.48 -33.56 -42.20
CA ALA G 156 -5.79 -33.19 -43.58
C ALA G 156 -7.29 -33.17 -43.81
N THR G 157 -8.05 -33.44 -42.76
CA THR G 157 -9.50 -33.52 -42.79
C THR G 157 -10.17 -32.20 -43.13
N ASN G 158 -10.84 -32.16 -44.28
CA ASN G 158 -11.67 -31.02 -44.66
C ASN G 158 -10.90 -29.82 -45.18
N VAL G 159 -9.60 -29.99 -45.37
CA VAL G 159 -8.79 -28.87 -45.78
C VAL G 159 -9.04 -28.55 -47.24
N GLU G 160 -8.94 -29.57 -48.07
CA GLU G 160 -9.12 -29.40 -49.49
C GLU G 160 -10.51 -28.86 -49.77
N GLN G 161 -11.49 -29.29 -48.97
CA GLN G 161 -12.86 -28.81 -49.13
C GLN G 161 -12.95 -27.34 -48.82
N ALA G 162 -12.35 -26.95 -47.72
CA ALA G 162 -12.43 -25.58 -47.25
C ALA G 162 -12.06 -24.62 -48.36
N PHE G 163 -10.89 -24.80 -48.94
CA PHE G 163 -10.45 -23.93 -50.01
C PHE G 163 -11.30 -24.13 -51.24
N MET G 164 -11.82 -25.33 -51.37
CA MET G 164 -12.61 -25.67 -52.53
C MET G 164 -13.93 -24.93 -52.52
N THR G 165 -14.54 -24.84 -51.36
CA THR G 165 -15.85 -24.22 -51.31
C THR G 165 -15.72 -22.71 -51.34
N MET G 166 -14.58 -22.19 -50.90
CA MET G 166 -14.35 -20.77 -50.97
C MET G 166 -14.22 -20.38 -52.41
N ALA G 167 -13.55 -21.23 -53.17
CA ALA G 167 -13.32 -21.00 -54.59
C ALA G 167 -14.64 -21.02 -55.31
N ALA G 168 -15.52 -21.91 -54.85
CA ALA G 168 -16.79 -22.10 -55.51
C ALA G 168 -17.72 -20.92 -55.28
N GLU G 169 -17.64 -20.35 -54.10
CA GLU G 169 -18.49 -19.22 -53.79
C GLU G 169 -18.01 -17.95 -54.47
N ILE G 170 -16.78 -17.96 -54.94
CA ILE G 170 -16.31 -16.80 -55.65
C ILE G 170 -16.73 -16.94 -57.09
N LYS G 171 -16.59 -18.13 -57.63
CA LYS G 171 -16.98 -18.38 -59.00
C LYS G 171 -18.42 -17.99 -59.20
N LYS G 172 -19.20 -18.06 -58.13
CA LYS G 172 -20.61 -17.77 -58.23
C LYS G 172 -20.84 -16.28 -58.13
N ARG G 173 -20.20 -15.66 -57.15
CA ARG G 173 -20.37 -14.23 -56.97
C ARG G 173 -19.91 -13.47 -58.19
N MET G 174 -18.85 -13.95 -58.82
CA MET G 174 -18.27 -13.25 -59.94
C MET G 174 -18.99 -13.61 -61.22
N GLY G 175 -19.77 -14.67 -61.17
CA GLY G 175 -20.66 -15.01 -62.27
C GLY G 175 -21.83 -14.07 -62.24
N LEU G 176 -22.24 -13.69 -61.04
CA LEU G 176 -23.36 -12.80 -60.87
C LEU G 176 -22.97 -11.37 -61.21
N GLU G 177 -21.71 -11.04 -61.01
CA GLU G 177 -21.26 -9.69 -61.22
C GLU G 177 -21.13 -9.40 -62.70
N VAL G 178 -20.85 -10.43 -63.48
CA VAL G 178 -20.79 -10.24 -64.90
C VAL G 178 -22.19 -10.16 -65.46
N LEU G 179 -23.12 -10.80 -64.77
CA LEU G 179 -24.46 -10.95 -65.26
C LEU G 179 -25.25 -9.68 -65.08
N PHE G 180 -25.46 -9.30 -63.83
CA PHE G 180 -26.31 -8.16 -63.51
C PHE G 180 -25.52 -6.91 -63.31
N GLN G 181 -26.21 -5.79 -63.13
CA GLN G 181 -25.53 -4.50 -63.01
C GLN G 181 -25.63 -3.93 -61.61
N LYS H 11 18.69 -1.33 -66.65
CA LYS H 11 19.06 -0.43 -65.56
C LYS H 11 18.71 -1.06 -64.23
N PRO H 12 19.60 -1.91 -63.71
CA PRO H 12 19.37 -2.67 -62.47
C PRO H 12 19.52 -1.77 -61.25
N LEU H 13 18.83 -2.10 -60.18
CA LEU H 13 18.86 -1.25 -59.00
C LEU H 13 18.84 -2.03 -57.71
N THR H 14 19.42 -3.21 -57.68
CA THR H 14 19.23 -4.01 -56.49
C THR H 14 19.85 -3.28 -55.31
N LEU H 15 19.27 -3.53 -54.16
CA LEU H 15 19.50 -2.73 -52.98
C LEU H 15 20.83 -2.97 -52.31
N LEU H 16 21.56 -1.87 -52.15
CA LEU H 16 23.00 -1.93 -51.98
C LEU H 16 23.51 -2.09 -50.56
N MET H 17 24.33 -3.13 -50.44
CA MET H 17 24.68 -3.81 -49.21
C MET H 17 25.53 -3.02 -48.19
N THR H 18 26.79 -2.73 -48.50
CA THR H 18 27.64 -2.16 -47.47
C THR H 18 28.16 -0.76 -47.75
N SER H 19 27.42 0.22 -47.27
CA SER H 19 28.02 1.47 -46.87
C SER H 19 27.71 1.42 -45.41
N SER H 20 27.07 0.30 -45.05
CA SER H 20 26.60 0.02 -43.70
C SER H 20 26.81 -1.44 -43.29
N THR H 21 27.21 -1.66 -42.05
CA THR H 21 27.39 -2.99 -41.52
C THR H 21 26.60 -3.12 -40.23
N SER H 22 25.75 -2.13 -40.00
CA SER H 22 24.87 -2.12 -38.87
C SER H 22 23.48 -1.76 -39.34
N PHE H 23 22.50 -2.45 -38.79
CA PHE H 23 21.15 -2.34 -39.25
C PHE H 23 20.70 -0.90 -39.36
N SER H 24 20.89 -0.12 -38.32
CA SER H 24 20.40 1.24 -38.35
C SER H 24 20.93 1.96 -39.58
N GLU H 25 22.20 1.73 -39.89
CA GLU H 25 22.83 2.41 -41.01
C GLU H 25 22.62 1.65 -42.30
N THR H 26 22.52 0.33 -42.22
CA THR H 26 22.19 -0.42 -43.41
C THR H 26 20.87 0.08 -43.93
N ILE H 27 19.94 0.39 -43.03
CA ILE H 27 18.65 0.88 -43.46
C ILE H 27 18.83 2.08 -44.34
N ASN H 28 19.66 3.00 -43.87
CA ASN H 28 19.71 4.32 -44.47
C ASN H 28 20.55 4.43 -45.72
N GLN H 29 21.55 3.57 -45.87
CA GLN H 29 22.17 3.54 -47.18
C GLN H 29 21.10 3.03 -48.13
N TRP H 30 20.07 2.40 -47.58
CA TRP H 30 19.00 1.89 -48.41
C TRP H 30 17.89 2.91 -48.54
N ALA H 31 17.45 3.44 -47.41
CA ALA H 31 16.53 4.55 -47.42
C ALA H 31 17.04 5.54 -48.44
N ASP H 32 18.33 5.87 -48.36
CA ASP H 32 18.97 6.77 -49.32
C ASP H 32 18.62 6.39 -50.76
N ILE H 33 19.13 5.25 -51.20
CA ILE H 33 18.88 4.77 -52.56
C ILE H 33 17.38 4.78 -52.90
N LEU H 34 16.55 4.38 -51.95
CA LEU H 34 15.10 4.43 -52.17
C LEU H 34 14.57 5.84 -52.08
N LYS H 35 15.24 6.68 -51.30
CA LYS H 35 14.89 8.09 -51.24
C LYS H 35 15.34 8.76 -52.52
N THR H 36 16.44 8.28 -53.05
CA THR H 36 16.98 8.80 -54.30
C THR H 36 16.12 8.31 -55.46
N MET H 39 13.55 6.44 -59.04
CA MET H 39 13.07 6.25 -60.40
C MET H 39 12.55 4.85 -60.69
N GLU H 40 12.95 4.30 -61.82
CA GLU H 40 12.34 3.08 -62.33
C GLU H 40 13.29 1.92 -62.59
N LYS H 41 14.54 2.21 -62.97
CA LYS H 41 15.50 1.18 -63.36
C LYS H 41 15.23 -0.15 -62.67
N PHE H 44 14.74 -3.00 -61.38
CA PHE H 44 15.10 -3.42 -60.03
C PHE H 44 15.11 -4.94 -59.92
N ASP H 45 16.26 -5.50 -59.60
CA ASP H 45 16.36 -6.91 -59.26
C ASP H 45 16.64 -7.02 -57.77
N SER H 46 15.64 -7.47 -57.02
CA SER H 46 15.79 -7.63 -55.59
C SER H 46 16.41 -8.97 -55.34
N ASN H 47 16.44 -9.77 -56.38
CA ASN H 47 17.01 -11.10 -56.31
C ASN H 47 18.36 -11.16 -55.64
N PRO H 48 19.18 -10.13 -55.84
CA PRO H 48 20.57 -10.27 -55.39
C PRO H 48 20.71 -9.81 -53.93
N ILE H 49 19.75 -9.00 -53.50
CA ILE H 49 19.75 -8.48 -52.15
C ILE H 49 20.08 -9.59 -51.16
N ASN H 50 20.90 -9.26 -50.18
CA ASN H 50 21.23 -10.19 -49.12
C ASN H 50 20.28 -10.00 -47.95
N LEU H 51 19.54 -11.05 -47.63
CA LEU H 51 18.49 -10.96 -46.62
C LEU H 51 18.97 -11.64 -45.36
N LEU H 52 19.77 -12.68 -45.52
CA LEU H 52 20.42 -13.32 -44.40
C LEU H 52 21.21 -12.26 -43.67
N GLU H 53 21.98 -11.49 -44.43
CA GLU H 53 22.77 -10.44 -43.85
C GLU H 53 21.88 -9.44 -43.18
N LEU H 54 20.77 -9.11 -43.81
CA LEU H 54 19.89 -8.15 -43.22
C LEU H 54 19.36 -8.70 -41.91
N VAL H 55 19.11 -10.00 -41.89
CA VAL H 55 18.59 -10.66 -40.71
C VAL H 55 19.67 -10.71 -39.65
N LYS H 56 20.90 -11.04 -40.07
CA LYS H 56 22.02 -11.09 -39.15
C LYS H 56 22.27 -9.74 -38.52
N GLN H 57 22.05 -8.68 -39.27
CA GLN H 57 22.24 -7.37 -38.71
C GLN H 57 21.12 -7.00 -37.76
N PHE H 58 19.90 -7.25 -38.20
CA PHE H 58 18.75 -6.91 -37.39
C PHE H 58 18.81 -7.61 -36.05
N ASN H 59 19.18 -8.88 -36.06
CA ASN H 59 19.20 -9.63 -34.83
C ASN H 59 20.15 -9.02 -33.83
N LEU H 60 21.27 -8.50 -34.33
CA LEU H 60 22.20 -7.81 -33.49
C LEU H 60 21.58 -6.53 -32.98
N TYR H 61 20.87 -5.84 -33.85
CA TYR H 61 20.26 -4.58 -33.49
C TYR H 61 19.34 -4.82 -32.31
N VAL H 62 18.68 -5.96 -32.33
CA VAL H 62 17.72 -6.32 -31.31
C VAL H 62 18.45 -6.61 -30.03
N ASP H 63 19.50 -7.40 -30.14
CA ASP H 63 20.30 -7.78 -29.01
C ASP H 63 20.93 -6.56 -28.37
N GLU H 64 21.50 -5.68 -29.18
CA GLU H 64 22.16 -4.49 -28.66
C GLU H 64 21.17 -3.54 -28.00
N LEU H 65 20.02 -3.39 -28.62
CA LEU H 65 18.97 -2.55 -28.08
C LEU H 65 18.43 -3.12 -26.78
N ALA H 66 18.52 -4.42 -26.63
CA ALA H 66 18.05 -5.07 -25.43
C ALA H 66 19.02 -4.85 -24.30
N ILE H 67 20.28 -5.11 -24.55
CA ILE H 67 21.33 -4.82 -23.60
C ILE H 67 21.16 -3.42 -23.08
N THR H 68 21.17 -2.46 -23.99
CA THR H 68 21.04 -1.06 -23.64
C THR H 68 19.90 -0.83 -22.68
N CYS H 69 18.76 -1.42 -22.97
CA CYS H 69 17.60 -1.22 -22.14
C CYS H 69 17.81 -1.72 -20.73
N GLU H 70 18.47 -2.86 -20.60
CA GLU H 70 18.63 -3.45 -19.28
C GLU H 70 19.68 -2.72 -18.48
N ALA H 71 20.56 -2.02 -19.18
CA ALA H 71 21.63 -1.30 -18.54
C ALA H 71 21.13 0.02 -17.98
N ASN H 72 20.26 0.69 -18.72
CA ASN H 72 19.77 1.98 -18.28
C ASN H 72 18.61 1.87 -17.34
N ASN H 73 18.31 0.65 -16.92
CA ASN H 73 17.29 0.44 -15.92
C ASN H 73 15.96 0.86 -16.47
N VAL H 74 15.77 0.72 -17.76
CA VAL H 74 14.62 1.33 -18.37
C VAL H 74 13.32 0.63 -18.03
N TRP H 75 13.40 -0.57 -17.47
CA TRP H 75 12.19 -1.28 -17.11
C TRP H 75 11.80 -0.96 -15.69
N ALA H 76 12.68 -0.27 -14.99
CA ALA H 76 12.41 0.17 -13.64
C ALA H 76 11.96 -1.01 -12.79
N SER H 82 10.94 -10.83 -5.15
CA SER H 82 9.80 -10.92 -6.05
C SER H 82 10.13 -10.33 -7.41
N THR H 83 10.04 -9.01 -7.50
CA THR H 83 10.33 -8.32 -8.74
C THR H 83 9.78 -9.08 -9.93
N PRO H 84 8.45 -9.29 -9.95
CA PRO H 84 7.89 -9.86 -11.15
C PRO H 84 8.03 -8.82 -12.22
N ASN H 85 8.09 -9.24 -13.47
CA ASN H 85 8.25 -8.29 -14.54
C ASN H 85 6.99 -7.51 -14.82
N LEU H 86 7.02 -6.71 -15.87
CA LEU H 86 5.94 -5.80 -16.17
C LEU H 86 4.67 -6.53 -16.60
N PHE H 87 4.84 -7.68 -17.20
CA PHE H 87 3.75 -8.36 -17.83
C PHE H 87 3.07 -9.38 -16.93
N ALA H 88 3.41 -9.35 -15.65
CA ALA H 88 2.99 -10.40 -14.73
C ALA H 88 1.51 -10.39 -14.40
N LEU H 89 0.92 -9.21 -14.29
CA LEU H 89 -0.47 -9.13 -13.90
C LEU H 89 -1.41 -9.33 -15.07
N TYR H 90 -0.90 -9.80 -16.20
CA TYR H 90 -1.70 -9.99 -17.39
C TYR H 90 -1.66 -11.41 -17.90
N ASP H 91 -1.27 -12.34 -17.04
CA ASP H 91 -1.16 -13.74 -17.44
C ASP H 91 -2.44 -14.50 -17.18
N ASN H 92 -3.05 -15.01 -18.24
CA ASN H 92 -4.25 -15.81 -18.08
C ASN H 92 -4.02 -17.23 -18.55
N SER H 93 -2.76 -17.64 -18.58
CA SER H 93 -2.39 -18.91 -19.16
C SER H 93 -2.69 -20.09 -18.25
N GLY H 94 -2.87 -19.82 -16.97
CA GLY H 94 -3.17 -20.89 -16.05
C GLY H 94 -2.00 -21.81 -15.88
N GLY H 95 -0.81 -21.25 -16.09
CA GLY H 95 0.42 -22.00 -15.92
C GLY H 95 0.56 -23.08 -16.96
N GLU H 96 -0.29 -23.02 -17.98
CA GLU H 96 -0.23 -23.98 -19.04
C GLU H 96 0.86 -23.62 -20.02
N ALA H 97 1.31 -24.59 -20.80
CA ALA H 97 2.32 -24.36 -21.79
C ALA H 97 1.65 -23.95 -23.08
N ILE H 98 1.99 -22.77 -23.57
CA ILE H 98 1.46 -22.30 -24.82
C ILE H 98 2.52 -22.47 -25.89
N HIS H 99 2.26 -23.36 -26.83
CA HIS H 99 3.21 -23.66 -27.88
C HIS H 99 4.62 -23.69 -27.39
N GLY H 100 4.92 -24.60 -26.47
CA GLY H 100 6.28 -24.86 -26.09
C GLY H 100 6.82 -23.99 -24.99
N HIS H 101 6.06 -22.97 -24.62
CA HIS H 101 6.49 -22.07 -23.58
C HIS H 101 5.42 -21.87 -22.56
N ALA H 102 5.83 -21.87 -21.31
CA ALA H 102 4.93 -21.55 -20.24
C ALA H 102 5.34 -20.20 -19.71
N PHE H 103 4.41 -19.57 -19.02
CA PHE H 103 4.65 -18.23 -18.54
C PHE H 103 5.40 -18.28 -17.24
N VAL H 104 6.51 -17.55 -17.18
CA VAL H 104 7.27 -17.41 -15.97
C VAL H 104 7.42 -15.95 -15.65
N PRO H 105 6.81 -15.51 -14.56
CA PRO H 105 6.76 -14.09 -14.22
C PRO H 105 8.11 -13.51 -13.83
N TYR H 106 9.18 -14.27 -13.99
CA TYR H 106 10.49 -13.83 -13.55
C TYR H 106 11.45 -13.62 -14.70
N TYR H 107 10.95 -13.79 -15.91
CA TYR H 107 11.72 -13.46 -17.08
C TYR H 107 12.09 -12.01 -17.00
N LYS H 108 13.29 -11.68 -17.44
CA LYS H 108 13.70 -10.30 -17.55
C LYS H 108 13.15 -9.74 -18.82
N GLU H 109 12.69 -8.50 -18.76
CA GLU H 109 11.99 -7.92 -19.89
C GLU H 109 12.83 -7.91 -21.15
N SER H 110 14.13 -7.82 -20.98
CA SER H 110 15.01 -7.71 -22.12
C SER H 110 15.17 -9.04 -22.80
N ILE H 111 14.87 -10.11 -22.08
CA ILE H 111 14.95 -11.43 -22.67
C ILE H 111 13.68 -11.71 -23.44
N VAL H 112 12.57 -11.24 -22.90
CA VAL H 112 11.29 -11.36 -23.55
C VAL H 112 11.34 -10.60 -24.85
N LEU H 113 11.98 -9.44 -24.79
CA LEU H 113 12.23 -8.60 -25.95
C LEU H 113 12.94 -9.41 -27.02
N ARG H 114 14.08 -9.98 -26.66
CA ARG H 114 14.85 -10.75 -27.60
C ARG H 114 14.05 -11.88 -28.19
N ARG H 115 13.37 -12.62 -27.34
CA ARG H 115 12.63 -13.78 -27.78
C ARG H 115 11.52 -13.37 -28.74
N LEU H 116 10.98 -12.19 -28.54
CA LEU H 116 9.81 -11.77 -29.30
C LEU H 116 10.09 -11.24 -30.69
N PHE H 117 11.29 -10.74 -30.93
CA PHE H 117 11.59 -10.04 -32.16
C PHE H 117 12.76 -10.61 -32.93
N THR H 118 13.48 -11.53 -32.35
CA THR H 118 14.56 -12.14 -33.08
C THR H 118 13.97 -12.85 -34.27
N VAL H 119 14.54 -12.62 -35.45
CA VAL H 119 14.08 -13.28 -36.66
C VAL H 119 14.93 -14.52 -36.95
N ASP H 120 14.30 -15.63 -37.32
CA ASP H 120 15.01 -16.84 -37.64
C ASP H 120 15.54 -16.77 -39.06
N PRO H 121 16.81 -17.15 -39.22
CA PRO H 121 17.52 -17.07 -40.49
C PRO H 121 17.07 -18.17 -41.42
N ASN H 122 16.55 -19.25 -40.84
CA ASN H 122 16.14 -20.40 -41.63
C ASN H 122 14.74 -20.27 -42.20
N THR H 123 13.93 -19.40 -41.62
CA THR H 123 12.57 -19.23 -42.12
C THR H 123 12.22 -17.79 -42.36
N PHE H 124 12.97 -16.90 -41.73
CA PHE H 124 12.65 -15.49 -41.80
C PHE H 124 11.38 -15.17 -41.06
N ASN H 125 10.97 -16.08 -40.21
CA ASN H 125 9.83 -15.83 -39.35
C ASN H 125 10.27 -15.82 -37.92
N LEU H 126 9.30 -15.78 -37.02
CA LEU H 126 9.61 -15.77 -35.60
C LEU H 126 9.57 -17.16 -35.02
N SER H 127 10.46 -17.42 -34.07
CA SER H 127 10.29 -18.55 -33.19
C SER H 127 9.31 -18.12 -32.14
N ARG H 128 8.44 -19.05 -31.74
CA ARG H 128 7.34 -18.70 -30.88
C ARG H 128 7.74 -18.51 -29.45
N PHE H 129 7.24 -17.42 -28.88
CA PHE H 129 7.36 -17.14 -27.48
C PHE H 129 5.96 -16.80 -27.05
N ALA H 130 5.11 -17.81 -27.03
CA ALA H 130 3.68 -17.59 -27.06
C ALA H 130 3.04 -17.15 -25.75
N ALA H 131 3.65 -17.50 -24.64
CA ALA H 131 3.04 -17.23 -23.35
C ALA H 131 3.14 -15.78 -22.98
N PHE H 132 3.88 -15.02 -23.77
CA PHE H 132 4.06 -13.59 -23.50
C PHE H 132 3.41 -12.74 -24.55
N GLU H 133 2.89 -13.40 -25.56
CA GLU H 133 2.28 -12.73 -26.68
C GLU H 133 1.03 -11.97 -26.28
N GLY H 134 0.26 -12.55 -25.37
CA GLY H 134 -0.96 -11.93 -24.91
C GLY H 134 -0.76 -10.92 -23.80
N PRO H 135 -0.06 -11.33 -22.75
CA PRO H 135 0.24 -10.42 -21.64
C PRO H 135 0.96 -9.18 -22.11
N CYS H 136 1.75 -9.30 -23.15
CA CYS H 136 2.48 -8.14 -23.64
C CYS H 136 1.53 -7.18 -24.32
N GLN H 137 0.65 -7.72 -25.15
CA GLN H 137 -0.34 -6.91 -25.82
C GLN H 137 -1.20 -6.18 -24.81
N LEU H 138 -1.69 -6.89 -23.82
CA LEU H 138 -2.47 -6.24 -22.79
C LEU H 138 -1.67 -5.11 -22.16
N TYR H 139 -0.44 -5.41 -21.77
CA TYR H 139 0.38 -4.38 -21.17
C TYR H 139 0.51 -3.18 -22.08
N CYS H 140 0.49 -3.40 -23.39
CA CYS H 140 0.65 -2.32 -24.33
C CYS H 140 -0.58 -1.43 -24.30
N ALA H 141 -1.74 -2.06 -24.24
CA ALA H 141 -3.00 -1.32 -24.29
C ALA H 141 -3.18 -0.46 -23.05
N ALA H 142 -2.46 -0.78 -21.99
CA ALA H 142 -2.64 -0.09 -20.73
C ALA H 142 -1.54 0.94 -20.46
N HIS H 143 -0.51 0.93 -21.28
CA HIS H 143 0.60 1.85 -21.12
C HIS H 143 1.15 2.31 -22.46
N ALA H 144 0.35 3.09 -23.17
CA ALA H 144 0.69 3.52 -24.53
C ALA H 144 1.91 4.42 -24.58
N ASP H 145 2.20 5.10 -23.49
CA ASP H 145 3.33 6.00 -23.46
C ASP H 145 4.60 5.22 -23.17
N SER H 146 4.42 3.98 -22.74
CA SER H 146 5.53 3.18 -22.24
C SER H 146 6.69 3.05 -23.19
N ALA H 147 7.82 2.63 -22.65
CA ALA H 147 9.01 2.39 -23.43
C ALA H 147 8.83 1.15 -24.27
N TRP H 148 8.14 0.17 -23.71
CA TRP H 148 7.97 -1.10 -24.37
C TRP H 148 7.27 -0.93 -25.69
N VAL H 149 6.28 -0.06 -25.70
CA VAL H 149 5.57 0.21 -26.93
C VAL H 149 6.48 0.83 -27.96
N LYS H 150 7.22 1.85 -27.55
CA LYS H 150 8.09 2.54 -28.48
C LYS H 150 9.13 1.60 -29.01
N ILE H 151 9.41 0.56 -28.25
CA ILE H 151 10.38 -0.41 -28.69
C ILE H 151 9.73 -1.42 -29.59
N GLN H 152 8.51 -1.81 -29.26
CA GLN H 152 7.79 -2.73 -30.11
C GLN H 152 7.60 -2.04 -31.44
N THR H 153 7.09 -0.83 -31.41
CA THR H 153 6.87 -0.11 -32.64
C THR H 153 8.10 -0.17 -33.51
N LEU H 154 9.26 0.03 -32.92
CA LEU H 154 10.48 0.05 -33.69
C LEU H 154 10.85 -1.32 -34.24
N LEU H 155 10.92 -2.30 -33.38
CA LEU H 155 11.42 -3.61 -33.78
C LEU H 155 10.42 -4.33 -34.66
N THR H 156 9.17 -3.94 -34.55
CA THR H 156 8.14 -4.57 -35.35
C THR H 156 8.32 -4.11 -36.77
N LEU H 157 8.70 -2.85 -36.91
CA LEU H 157 8.96 -2.28 -38.21
C LEU H 157 10.12 -2.98 -38.86
N GLY H 158 11.13 -3.31 -38.06
CA GLY H 158 12.28 -4.01 -38.59
C GLY H 158 11.92 -5.40 -39.05
N ASN H 159 11.03 -6.03 -38.29
CA ASN H 159 10.44 -7.29 -38.69
C ASN H 159 9.73 -7.11 -40.03
N GLY H 160 8.98 -6.03 -40.16
CA GLY H 160 8.23 -5.75 -41.37
C GLY H 160 9.09 -5.53 -42.60
N ILE H 161 10.09 -4.67 -42.47
CA ILE H 161 11.03 -4.45 -43.56
C ILE H 161 11.56 -5.77 -44.08
N ILE H 162 12.00 -6.62 -43.17
CA ILE H 162 12.52 -7.91 -43.56
C ILE H 162 11.46 -8.69 -44.32
N ASN H 163 10.24 -8.70 -43.79
CA ASN H 163 9.16 -9.41 -44.45
C ASN H 163 8.90 -8.87 -45.82
N THR H 164 8.74 -7.56 -45.90
CA THR H 164 8.45 -6.94 -47.17
C THR H 164 9.48 -7.26 -48.23
N LEU H 165 10.74 -7.36 -47.83
CA LEU H 165 11.78 -7.72 -48.77
C LEU H 165 11.58 -9.16 -49.22
N LYS H 166 11.18 -10.01 -48.29
CA LYS H 166 11.01 -11.42 -48.60
C LYS H 166 9.91 -11.58 -49.62
N ILE H 167 8.80 -10.91 -49.37
CA ILE H 167 7.70 -10.95 -50.29
C ILE H 167 8.13 -10.46 -51.64
N ILE H 168 8.63 -9.24 -51.68
CA ILE H 168 9.04 -8.62 -52.92
C ILE H 168 9.91 -9.53 -53.73
N LYS H 169 10.82 -10.23 -53.09
CA LYS H 169 11.69 -11.10 -53.84
C LYS H 169 10.87 -12.14 -54.56
N GLN H 170 9.99 -12.82 -53.84
CA GLN H 170 9.28 -13.93 -54.44
C GLN H 170 8.14 -13.47 -55.35
N ALA H 171 7.57 -12.31 -55.04
CA ALA H 171 6.55 -11.74 -55.89
C ALA H 171 7.06 -11.58 -57.30
N GLN H 172 8.07 -10.73 -57.48
CA GLN H 172 8.71 -10.60 -58.77
C GLN H 172 9.13 -11.97 -59.27
N ALA H 173 9.76 -12.75 -58.42
CA ALA H 173 10.23 -14.07 -58.81
C ALA H 173 9.11 -14.86 -59.46
N PHE H 174 7.89 -14.65 -59.00
CA PHE H 174 6.74 -15.38 -59.48
C PHE H 174 6.02 -14.64 -60.60
N GLY H 175 6.17 -13.32 -60.66
CA GLY H 175 5.70 -12.55 -61.78
C GLY H 175 4.57 -11.61 -61.42
N ILE H 176 4.29 -11.49 -60.13
CA ILE H 176 3.20 -10.66 -59.65
C ILE H 176 3.58 -9.19 -59.61
N ASP H 177 3.44 -8.53 -60.76
CA ASP H 177 3.77 -7.13 -60.92
C ASP H 177 3.09 -6.23 -59.89
N GLU H 178 1.79 -6.38 -59.73
CA GLU H 178 1.10 -5.59 -58.73
C GLU H 178 1.80 -5.79 -57.41
N ALA H 179 2.39 -6.96 -57.22
CA ALA H 179 2.94 -7.32 -55.94
C ALA H 179 4.35 -6.80 -55.80
N VAL H 180 5.24 -7.23 -56.69
CA VAL H 180 6.58 -6.67 -56.74
C VAL H 180 6.48 -5.16 -56.61
N THR H 181 5.47 -4.58 -57.23
CA THR H 181 5.36 -3.14 -57.27
C THR H 181 4.71 -2.53 -56.03
N GLU H 182 3.53 -3.03 -55.68
CA GLU H 182 2.75 -2.44 -54.59
C GLU H 182 3.45 -2.44 -53.22
N ASN H 183 4.20 -3.49 -52.93
CA ASN H 183 4.98 -3.56 -51.70
C ASN H 183 6.04 -2.50 -51.71
N LEU H 184 6.84 -2.52 -52.77
CA LEU H 184 8.00 -1.65 -52.91
C LEU H 184 7.70 -0.22 -52.55
N LYS H 185 6.46 0.20 -52.80
CA LYS H 185 6.07 1.52 -52.39
C LYS H 185 6.14 1.54 -50.89
N ALA H 186 5.76 0.42 -50.28
CA ALA H 186 5.60 0.39 -48.83
C ALA H 186 6.93 0.19 -48.15
N LEU H 187 7.70 -0.76 -48.66
CA LEU H 187 9.03 -1.02 -48.15
C LEU H 187 9.64 0.29 -47.75
N LYS H 188 9.55 1.25 -48.65
CA LYS H 188 10.12 2.56 -48.43
C LYS H 188 9.32 3.26 -47.36
N GLU H 189 8.02 3.23 -47.47
CA GLU H 189 7.18 3.97 -46.55
C GLU H 189 7.45 3.50 -45.14
N GLN H 190 8.06 2.32 -45.03
CA GLN H 190 8.36 1.76 -43.72
C GLN H 190 9.62 2.37 -43.20
N PHE H 191 10.60 2.45 -44.09
CA PHE H 191 11.84 3.12 -43.79
C PHE H 191 11.60 4.41 -43.03
N ILE H 192 10.66 5.21 -43.49
CA ILE H 192 10.41 6.49 -42.86
C ILE H 192 9.93 6.34 -41.42
N ALA H 193 9.01 5.43 -41.18
CA ALA H 193 8.42 5.28 -39.86
C ALA H 193 9.41 4.69 -38.87
N PHE H 194 10.37 3.95 -39.40
CA PHE H 194 11.46 3.42 -38.60
C PHE H 194 12.21 4.58 -37.99
N GLN H 195 12.82 5.37 -38.86
CA GLN H 195 13.49 6.57 -38.46
C GLN H 195 12.73 7.27 -37.37
N LEU H 196 11.50 7.68 -37.66
CA LEU H 196 10.73 8.40 -36.67
C LEU H 196 10.73 7.60 -35.38
N ALA H 197 10.87 6.29 -35.51
CA ALA H 197 10.95 5.43 -34.35
C ALA H 197 12.32 5.56 -33.72
N GLU H 198 13.35 5.28 -34.48
CA GLU H 198 14.70 5.39 -33.96
C GLU H 198 14.82 6.67 -33.16
N ALA H 199 14.12 7.69 -33.60
CA ALA H 199 14.28 9.01 -33.02
C ALA H 199 13.66 9.08 -31.64
N ASP H 200 12.46 8.57 -31.51
CA ASP H 200 11.75 8.64 -30.25
C ASP H 200 12.43 7.73 -29.26
N ILE H 201 12.79 6.55 -29.73
CA ILE H 201 13.42 5.59 -28.85
C ILE H 201 14.68 6.21 -28.28
N LYS H 202 15.52 6.69 -29.17
CA LYS H 202 16.82 7.26 -28.83
C LYS H 202 16.73 8.26 -27.69
N GLU H 203 15.85 9.25 -27.82
CA GLU H 203 15.73 10.28 -26.81
C GLU H 203 15.48 9.70 -25.44
N SER H 204 14.69 8.63 -25.39
CA SER H 204 14.38 7.99 -24.13
C SER H 204 15.59 7.31 -23.51
N LEU H 205 16.45 6.72 -24.33
CA LEU H 205 17.57 5.98 -23.77
C LEU H 205 18.72 6.91 -23.38
N LYS H 206 18.67 8.15 -23.84
CA LYS H 206 19.71 9.11 -23.49
C LYS H 206 19.63 9.49 -22.02
N ALA H 207 18.43 9.39 -21.46
CA ALA H 207 18.21 9.73 -20.06
C ALA H 207 19.25 9.09 -19.16
N PRO H 208 19.45 9.68 -17.98
CA PRO H 208 20.41 9.25 -16.97
C PRO H 208 20.00 7.95 -16.30
N SER H 209 20.90 7.37 -15.50
CA SER H 209 20.57 6.14 -14.82
C SER H 209 21.58 5.78 -13.74
N PHE H 210 21.20 4.84 -12.88
CA PHE H 210 22.06 4.43 -11.79
C PHE H 210 22.96 3.30 -12.24
N ALA H 211 23.69 2.73 -11.30
CA ALA H 211 24.42 1.51 -11.56
C ALA H 211 23.39 0.42 -11.80
N GLU H 212 23.66 -0.47 -12.76
CA GLU H 212 22.72 -1.55 -13.04
C GLU H 212 23.22 -2.89 -12.52
N PRO H 215 23.54 -7.08 -10.52
CA PRO H 215 23.65 -8.20 -11.46
C PRO H 215 23.26 -9.51 -10.78
N ASN H 216 22.67 -10.46 -11.49
CA ASN H 216 22.25 -11.70 -10.86
C ASN H 216 23.19 -12.87 -11.16
N LYS H 217 23.75 -13.45 -10.11
CA LYS H 217 24.70 -14.52 -10.31
C LYS H 217 24.02 -15.78 -10.79
N GLU H 218 22.75 -15.93 -10.45
CA GLU H 218 22.04 -17.19 -10.66
C GLU H 218 21.70 -17.50 -12.10
N SER H 219 21.28 -16.49 -12.84
CA SER H 219 20.83 -16.69 -14.21
C SER H 219 21.04 -15.48 -15.09
N GLU H 220 21.15 -15.72 -16.39
CA GLU H 220 21.25 -14.66 -17.37
C GLU H 220 19.87 -14.20 -17.79
N PHE H 221 18.87 -15.02 -17.49
CA PHE H 221 17.57 -14.82 -18.11
C PHE H 221 16.46 -14.40 -17.20
N PHE H 222 16.57 -14.74 -15.92
CA PHE H 222 15.49 -14.46 -15.01
C PHE H 222 15.91 -13.52 -13.91
N TYR H 223 14.94 -12.85 -13.31
CA TYR H 223 15.21 -12.14 -12.07
C TYR H 223 15.34 -13.18 -10.99
N PRO H 224 15.89 -12.77 -9.85
CA PRO H 224 16.07 -13.67 -8.72
C PRO H 224 14.79 -14.33 -8.29
N ILE H 225 14.86 -15.63 -8.04
CA ILE H 225 13.71 -16.39 -7.59
C ILE H 225 13.99 -17.07 -6.26
N ASP H 226 13.26 -16.66 -5.23
CA ASP H 226 13.44 -17.22 -3.91
C ASP H 226 12.83 -18.60 -3.81
N GLU H 227 13.13 -19.29 -2.72
CA GLU H 227 12.71 -20.67 -2.54
C GLU H 227 11.22 -20.80 -2.58
N LYS H 228 10.55 -19.83 -1.96
CA LYS H 228 9.10 -19.85 -1.90
C LYS H 228 8.53 -19.73 -3.29
N ALA H 229 9.10 -18.84 -4.08
CA ALA H 229 8.52 -18.56 -5.38
C ALA H 229 8.74 -19.71 -6.34
N LEU H 230 9.86 -20.39 -6.16
CA LEU H 230 10.27 -21.42 -7.10
C LEU H 230 9.41 -22.65 -6.94
N ALA H 231 9.10 -22.97 -5.70
CA ALA H 231 8.35 -24.17 -5.40
C ALA H 231 6.91 -24.06 -5.88
N LYS H 232 6.47 -22.83 -6.11
CA LYS H 232 5.10 -22.62 -6.54
C LYS H 232 4.95 -22.82 -8.03
N MET H 233 6.08 -23.03 -8.70
CA MET H 233 6.05 -23.29 -10.12
C MET H 233 5.65 -24.71 -10.36
N ASN H 234 4.94 -24.92 -11.44
CA ASN H 234 4.52 -26.24 -11.83
C ASN H 234 5.50 -26.77 -12.85
N GLY H 235 5.24 -27.97 -13.33
CA GLY H 235 6.19 -28.67 -14.16
C GLY H 235 6.51 -27.98 -15.46
N TYR H 236 5.51 -27.34 -16.04
CA TYR H 236 5.69 -26.67 -17.30
C TYR H 236 6.51 -25.42 -17.12
N GLN H 237 6.29 -24.74 -16.01
CA GLN H 237 6.99 -23.51 -15.72
C GLN H 237 8.44 -23.78 -15.39
N LEU H 238 8.67 -24.85 -14.64
CA LEU H 238 10.02 -25.22 -14.24
C LEU H 238 10.82 -25.77 -15.40
N ALA H 239 10.15 -26.51 -16.26
CA ALA H 239 10.78 -27.06 -17.42
C ALA H 239 11.18 -25.93 -18.36
N THR H 240 10.27 -24.99 -18.58
CA THR H 240 10.58 -23.83 -19.39
C THR H 240 11.85 -23.14 -18.89
N ILE H 241 12.02 -23.11 -17.58
CA ILE H 241 13.16 -22.45 -16.99
C ILE H 241 14.42 -23.23 -17.23
N CYS H 242 14.37 -24.53 -16.98
CA CYS H 242 15.50 -25.37 -17.25
C CYS H 242 15.87 -25.26 -18.70
N LEU H 243 14.89 -25.22 -19.58
CA LEU H 243 15.19 -25.18 -20.99
C LEU H 243 15.80 -23.86 -21.33
N GLU H 244 15.36 -22.82 -20.67
CA GLU H 244 15.91 -21.50 -20.93
C GLU H 244 17.33 -21.37 -20.44
N GLU H 245 17.67 -22.06 -19.36
CA GLU H 245 19.00 -21.95 -18.80
C GLU H 245 20.05 -22.61 -19.66
N LEU H 246 19.66 -23.60 -20.44
CA LEU H 246 20.63 -24.29 -21.27
C LEU H 246 21.07 -23.42 -22.43
N ASN H 247 20.56 -22.21 -22.45
CA ASN H 247 20.96 -21.24 -23.45
C ASN H 247 22.25 -20.57 -23.04
N SER H 248 22.69 -20.84 -21.82
CA SER H 248 23.97 -20.36 -21.35
C SER H 248 25.01 -21.43 -21.58
N PRO H 249 26.24 -21.01 -21.89
CA PRO H 249 27.33 -21.91 -22.23
C PRO H 249 27.81 -22.74 -21.05
N LYS H 250 27.55 -22.25 -19.85
CA LYS H 250 27.98 -22.95 -18.66
C LYS H 250 26.82 -23.15 -17.74
N PRO H 251 26.74 -24.33 -17.13
CA PRO H 251 25.69 -24.62 -16.15
C PRO H 251 25.47 -23.45 -15.24
N SER H 252 24.22 -23.17 -14.91
CA SER H 252 23.88 -22.02 -14.09
C SER H 252 23.47 -22.44 -12.71
N PRO H 253 23.67 -21.56 -11.73
CA PRO H 253 23.23 -21.81 -10.38
C PRO H 253 21.74 -22.08 -10.35
N LEU H 254 20.96 -21.35 -11.14
CA LEU H 254 19.51 -21.51 -11.09
C LEU H 254 19.06 -22.90 -11.46
N ILE H 255 19.71 -23.50 -12.45
CA ILE H 255 19.31 -24.82 -12.91
C ILE H 255 19.84 -25.90 -11.98
N GLU H 256 20.96 -25.62 -11.34
CA GLU H 256 21.52 -26.55 -10.38
C GLU H 256 20.60 -26.62 -9.19
N ARG H 257 19.91 -25.51 -8.95
CA ARG H 257 19.04 -25.37 -7.80
C ARG H 257 17.75 -26.12 -8.02
N ILE H 258 17.28 -26.11 -9.25
CA ILE H 258 16.05 -26.76 -9.61
C ILE H 258 16.27 -28.26 -9.74
N LEU H 259 17.36 -28.63 -10.38
CA LEU H 259 17.61 -30.04 -10.67
C LEU H 259 18.11 -30.81 -9.46
N SER H 260 18.72 -30.12 -8.51
CA SER H 260 19.22 -30.79 -7.31
C SER H 260 18.13 -30.99 -6.30
N ASN H 261 17.00 -30.35 -6.52
CA ASN H 261 15.84 -30.52 -5.65
C ASN H 261 15.00 -31.68 -6.10
N LYS H 262 14.86 -32.67 -5.23
CA LYS H 262 14.20 -33.91 -5.58
C LYS H 262 12.71 -33.77 -5.68
N LYS H 263 12.16 -32.76 -5.02
CA LYS H 263 10.73 -32.59 -4.97
C LYS H 263 10.19 -32.05 -6.27
N PHE H 264 11.07 -31.49 -7.08
CA PHE H 264 10.67 -30.85 -8.32
C PHE H 264 10.59 -31.80 -9.49
N TRP H 265 11.34 -32.89 -9.43
CA TRP H 265 11.56 -33.71 -10.62
C TRP H 265 10.33 -34.37 -11.21
N LYS H 266 9.43 -34.84 -10.37
CA LYS H 266 8.29 -35.56 -10.88
C LYS H 266 7.50 -34.71 -11.84
N ARG H 267 7.33 -33.44 -11.53
CA ARG H 267 6.54 -32.59 -12.39
C ARG H 267 7.32 -32.01 -13.54
N ILE H 268 8.64 -31.94 -13.42
CA ILE H 268 9.46 -31.48 -14.52
C ILE H 268 9.45 -32.52 -15.63
N ASN H 269 9.76 -33.76 -15.28
CA ASN H 269 9.85 -34.83 -16.25
C ASN H 269 8.50 -35.13 -16.86
N SER H 270 7.47 -34.96 -16.07
CA SER H 270 6.11 -35.17 -16.53
C SER H 270 5.79 -34.23 -17.65
N ALA H 271 6.30 -33.02 -17.54
CA ALA H 271 6.06 -31.99 -18.54
C ALA H 271 6.83 -32.30 -19.80
N PHE H 272 7.99 -32.91 -19.63
CA PHE H 272 8.81 -33.30 -20.76
C PHE H 272 8.07 -34.35 -21.52
N GLU H 273 7.47 -35.27 -20.80
CA GLU H 273 6.83 -36.42 -21.43
C GLU H 273 5.53 -36.07 -22.11
N SER H 274 4.94 -34.96 -21.69
CA SER H 274 3.70 -34.50 -22.25
C SER H 274 3.85 -34.30 -23.74
N GLY H 275 5.06 -33.99 -24.17
CA GLY H 275 5.36 -33.81 -25.58
C GLY H 275 5.20 -32.38 -26.01
N VAL H 276 5.00 -31.52 -25.03
CA VAL H 276 4.67 -30.14 -25.31
C VAL H 276 5.81 -29.36 -25.90
N PHE H 277 7.02 -29.82 -25.69
CA PHE H 277 8.17 -29.04 -26.12
C PHE H 277 8.76 -29.52 -27.44
N LYS H 278 8.16 -30.55 -28.02
CA LYS H 278 8.70 -31.17 -29.22
C LYS H 278 8.97 -30.21 -30.38
N GLY H 279 8.13 -29.21 -30.54
CA GLY H 279 8.18 -28.38 -31.72
C GLY H 279 9.17 -27.24 -31.64
N ARG H 280 9.78 -27.06 -30.49
CA ARG H 280 10.64 -25.93 -30.28
C ARG H 280 11.79 -26.00 -31.23
N THR H 281 12.46 -24.88 -31.42
CA THR H 281 13.52 -24.83 -32.38
C THR H 281 14.89 -24.99 -31.74
N ASP H 282 14.95 -24.95 -30.43
CA ASP H 282 16.23 -24.95 -29.74
C ASP H 282 16.63 -26.31 -29.21
N ASP H 283 16.48 -27.32 -30.06
CA ASP H 283 16.91 -28.66 -29.72
C ASP H 283 16.43 -29.12 -28.36
N PRO H 284 15.12 -29.19 -28.19
CA PRO H 284 14.52 -29.65 -26.94
C PRO H 284 14.93 -31.07 -26.63
N ALA H 285 15.10 -31.88 -27.66
CA ALA H 285 15.49 -33.26 -27.46
C ALA H 285 16.84 -33.29 -26.81
N GLY H 286 17.75 -32.49 -27.34
CA GLY H 286 19.10 -32.42 -26.84
C GLY H 286 19.12 -31.84 -25.46
N LYS H 287 18.40 -30.75 -25.27
CA LYS H 287 18.29 -30.13 -23.97
C LYS H 287 17.67 -31.04 -22.94
N ILE H 288 16.63 -31.77 -23.31
CA ILE H 288 15.96 -32.62 -22.36
C ILE H 288 16.82 -33.80 -21.99
N ALA H 289 17.56 -34.31 -22.95
CA ALA H 289 18.45 -35.43 -22.70
C ALA H 289 19.51 -35.01 -21.71
N LYS H 290 19.93 -33.77 -21.83
CA LYS H 290 20.99 -33.27 -20.98
C LYS H 290 20.47 -33.03 -19.58
N ILE H 291 19.33 -32.38 -19.49
CA ILE H 291 18.70 -32.12 -18.21
C ILE H 291 18.48 -33.39 -17.42
N ARG H 292 18.15 -34.47 -18.11
CA ARG H 292 17.89 -35.71 -17.43
C ARG H 292 19.17 -36.33 -16.94
N GLU H 293 20.26 -36.09 -17.65
CA GLU H 293 21.56 -36.59 -17.28
C GLU H 293 22.07 -35.81 -16.09
N TRP H 294 21.91 -34.51 -16.13
CA TRP H 294 22.34 -33.67 -15.04
C TRP H 294 21.61 -33.98 -13.76
N HIS H 295 20.32 -34.22 -13.85
CA HIS H 295 19.48 -34.56 -12.71
C HIS H 295 19.90 -35.88 -12.08
N GLN H 296 20.24 -36.84 -12.92
CA GLN H 296 20.72 -38.13 -12.46
C GLN H 296 21.97 -37.94 -11.63
N LEU H 297 22.82 -37.01 -12.07
CA LEU H 297 24.06 -36.75 -11.39
C LEU H 297 23.83 -36.03 -10.08
N LEU H 298 22.90 -35.09 -10.09
CA LEU H 298 22.64 -34.27 -8.93
C LEU H 298 21.81 -35.00 -7.89
N GLN H 299 21.10 -36.03 -8.32
CA GLN H 299 20.32 -36.84 -7.40
C GLN H 299 21.23 -37.55 -6.43
N ILE H 300 22.47 -37.79 -6.84
CA ILE H 300 23.44 -38.38 -5.95
C ILE H 300 24.12 -37.30 -5.13
N SER H 301 23.92 -37.34 -3.82
CA SER H 301 24.50 -36.35 -2.93
C SER H 301 23.77 -35.02 -3.04
N GLY H 302 22.48 -35.10 -3.36
CA GLY H 302 21.63 -33.92 -3.38
C GLY H 302 22.27 -32.69 -3.99
#